data_1TD9
#
_entry.id   1TD9
#
_cell.length_a   185.207
_cell.length_b   185.207
_cell.length_c   259.414
_cell.angle_alpha   90.00
_cell.angle_beta   90.00
_cell.angle_gamma   120.00
#
_symmetry.space_group_name_H-M   'P 64 2 2'
#
loop_
_entity.id
_entity.type
_entity.pdbx_description
1 polymer 'Phosphate acetyltransferase'
2 non-polymer 'SULFATE ION'
3 water water
#
_entity_poly.entity_id   1
_entity_poly.type   'polypeptide(L)'
_entity_poly.pdbx_seq_one_letter_code
;GGGGGGMADLFSTVQEKVAGKDVKIVFPEGLDERILEAVSKLAGNKVLNPIVIGNENEIQAKAKELNLTLGGVKIYDPHT
YEGMEDLVQAFVERRKGKATEEQARKALLDENYFGTMLVYKGLADGLVSGAAHSTADTVRPALQIIKTKEGVKKTSGVFI
MARGEEQYVFADCAINIAPDSQDLAEIAIESANTAKMFDIEPRVAMLSFSTKGSAKSDETEKVADAVKIAKEKAPELTLD
GEFQFDAAFVPSVAEKKAPDSEIKGDANVFVFPSLEAGNIGYKIAQRLGNFEAVGPILQGLNMPVNDLSRGCNAEDVYNL
ALITAAQAL
;
_entity_poly.pdbx_strand_id   A,B,C,D,E,F
#
loop_
_chem_comp.id
_chem_comp.type
_chem_comp.name
_chem_comp.formula
SO4 non-polymer 'SULFATE ION' 'O4 S -2'
#
# COMPACT_ATOMS: atom_id res chain seq x y z
N MET A 7 5.89 -21.06 -18.39
CA MET A 7 4.56 -21.71 -18.14
C MET A 7 4.51 -23.14 -18.64
N ALA A 8 5.05 -23.32 -19.83
CA ALA A 8 5.10 -24.62 -20.48
C ALA A 8 5.85 -25.63 -19.62
N ASP A 9 6.88 -25.16 -18.92
CA ASP A 9 7.67 -26.05 -18.07
C ASP A 9 6.92 -26.27 -16.78
N LEU A 10 5.90 -25.45 -16.54
CA LEU A 10 5.09 -25.59 -15.35
C LEU A 10 4.20 -26.82 -15.55
N PHE A 11 3.90 -27.09 -16.81
CA PHE A 11 3.06 -28.23 -17.18
C PHE A 11 3.85 -29.51 -17.15
N SER A 12 5.13 -29.42 -17.52
CA SER A 12 6.00 -30.58 -17.55
C SER A 12 6.17 -31.07 -16.11
N THR A 13 5.95 -30.18 -15.16
CA THR A 13 6.04 -30.50 -13.74
C THR A 13 4.82 -31.32 -13.35
N VAL A 14 3.68 -30.97 -13.93
CA VAL A 14 2.44 -31.68 -13.66
C VAL A 14 2.46 -33.02 -14.39
N GLN A 15 2.85 -33.01 -15.67
CA GLN A 15 2.90 -34.22 -16.48
C GLN A 15 3.84 -35.22 -15.84
N GLU A 16 4.79 -34.69 -15.09
CA GLU A 16 5.76 -35.52 -14.39
C GLU A 16 5.01 -36.38 -13.39
N LYS A 17 4.16 -35.74 -12.60
CA LYS A 17 3.38 -36.41 -11.57
C LYS A 17 2.36 -37.42 -12.13
N VAL A 18 1.70 -37.05 -13.22
CA VAL A 18 0.66 -37.88 -13.87
C VAL A 18 1.09 -39.13 -14.62
N ALA A 19 1.84 -38.90 -15.70
CA ALA A 19 2.33 -39.96 -16.58
C ALA A 19 2.69 -41.30 -15.94
N GLY A 20 2.13 -42.38 -16.49
CA GLY A 20 2.43 -43.71 -16.00
C GLY A 20 1.58 -44.26 -14.87
N LYS A 21 0.65 -43.47 -14.35
CA LYS A 21 -0.21 -43.93 -13.26
C LYS A 21 -1.56 -44.48 -13.71
N ASP A 22 -1.77 -44.56 -15.02
CA ASP A 22 -3.01 -45.09 -15.56
C ASP A 22 -4.23 -44.34 -15.07
N VAL A 23 -4.14 -43.02 -15.04
CA VAL A 23 -5.27 -42.21 -14.59
C VAL A 23 -6.28 -42.12 -15.72
N LYS A 24 -7.56 -42.31 -15.40
CA LYS A 24 -8.63 -42.26 -16.41
C LYS A 24 -9.43 -40.95 -16.32
N ILE A 25 -9.49 -40.23 -17.43
CA ILE A 25 -10.25 -38.98 -17.53
C ILE A 25 -11.29 -39.07 -18.61
N VAL A 26 -12.50 -38.67 -18.28
CA VAL A 26 -13.61 -38.71 -19.25
C VAL A 26 -13.74 -37.42 -20.04
N PHE A 27 -13.99 -37.55 -21.33
CA PHE A 27 -14.18 -36.40 -22.18
C PHE A 27 -15.54 -36.59 -22.82
N PRO A 28 -16.59 -36.02 -22.21
CA PRO A 28 -17.98 -36.11 -22.70
C PRO A 28 -18.24 -35.67 -24.14
N GLU A 29 -17.44 -34.73 -24.63
CA GLU A 29 -17.64 -34.22 -25.98
C GLU A 29 -16.91 -35.03 -27.03
N GLY A 30 -17.29 -36.30 -27.16
CA GLY A 30 -16.64 -37.18 -28.11
C GLY A 30 -16.48 -36.78 -29.56
N LEU A 31 -17.36 -35.94 -30.08
CA LEU A 31 -17.25 -35.54 -31.49
C LEU A 31 -16.51 -34.21 -31.73
N ASP A 32 -15.95 -33.64 -30.67
CA ASP A 32 -15.21 -32.38 -30.78
C ASP A 32 -13.77 -32.67 -31.13
N GLU A 33 -13.30 -32.09 -32.25
CA GLU A 33 -11.94 -32.32 -32.67
C GLU A 33 -10.88 -31.84 -31.72
N ARG A 34 -11.18 -30.83 -30.90
CA ARG A 34 -10.20 -30.39 -29.93
C ARG A 34 -9.95 -31.54 -28.97
N ILE A 35 -11.04 -32.19 -28.57
CA ILE A 35 -10.90 -33.31 -27.65
C ILE A 35 -10.32 -34.54 -28.32
N LEU A 36 -10.76 -34.82 -29.54
CA LEU A 36 -10.23 -35.97 -30.25
C LEU A 36 -8.71 -35.81 -30.48
N GLU A 37 -8.26 -34.63 -30.89
CA GLU A 37 -6.84 -34.42 -31.10
C GLU A 37 -6.05 -34.55 -29.81
N ALA A 38 -6.63 -34.05 -28.72
CA ALA A 38 -5.98 -34.12 -27.42
C ALA A 38 -5.98 -35.53 -26.90
N VAL A 39 -7.14 -36.18 -27.01
CA VAL A 39 -7.32 -37.55 -26.58
C VAL A 39 -6.41 -38.47 -27.38
N SER A 40 -6.35 -38.25 -28.69
CA SER A 40 -5.52 -39.05 -29.56
C SER A 40 -4.05 -38.95 -29.12
N LYS A 41 -3.63 -37.74 -28.81
CA LYS A 41 -2.26 -37.53 -28.39
C LYS A 41 -1.94 -38.02 -26.99
N LEU A 42 -2.86 -37.82 -26.06
CA LEU A 42 -2.65 -38.28 -24.69
C LEU A 42 -2.43 -39.78 -24.70
N ALA A 43 -3.30 -40.50 -25.42
CA ALA A 43 -3.20 -41.95 -25.51
C ALA A 43 -1.91 -42.28 -26.24
N GLY A 44 -1.63 -41.53 -27.30
CA GLY A 44 -0.42 -41.76 -28.06
C GLY A 44 0.84 -41.80 -27.23
N ASN A 45 0.95 -40.91 -26.24
CA ASN A 45 2.14 -40.86 -25.40
C ASN A 45 2.01 -41.66 -24.11
N LYS A 46 0.87 -42.35 -23.98
CA LYS A 46 0.60 -43.17 -22.83
C LYS A 46 0.73 -42.37 -21.54
N VAL A 47 0.27 -41.12 -21.57
CA VAL A 47 0.32 -40.21 -20.40
C VAL A 47 -0.79 -40.57 -19.39
N LEU A 48 -2.01 -40.66 -19.91
CA LEU A 48 -3.18 -41.04 -19.12
C LEU A 48 -4.10 -41.87 -20.02
N ASN A 49 -5.12 -42.50 -19.43
CA ASN A 49 -6.05 -43.32 -20.21
C ASN A 49 -7.35 -42.55 -20.47
N PRO A 50 -7.49 -41.98 -21.66
CA PRO A 50 -8.70 -41.23 -21.98
C PRO A 50 -9.95 -42.04 -22.34
N ILE A 51 -11.09 -41.64 -21.75
CA ILE A 51 -12.39 -42.24 -22.03
C ILE A 51 -13.19 -41.15 -22.73
N VAL A 52 -13.76 -41.47 -23.88
CA VAL A 52 -14.53 -40.53 -24.67
C VAL A 52 -15.99 -40.99 -24.76
N ILE A 53 -16.93 -40.05 -24.66
CA ILE A 53 -18.36 -40.40 -24.71
C ILE A 53 -19.02 -40.02 -26.05
N GLY A 54 -19.83 -40.95 -26.57
CA GLY A 54 -20.54 -40.77 -27.83
C GLY A 54 -20.72 -42.05 -28.64
N ASN A 55 -21.21 -41.95 -29.88
CA ASN A 55 -21.40 -43.12 -30.74
C ASN A 55 -20.08 -43.62 -31.34
N GLU A 56 -19.77 -44.90 -31.14
CA GLU A 56 -18.51 -45.44 -31.64
C GLU A 56 -18.26 -45.27 -33.14
N ASN A 57 -19.21 -45.62 -33.99
CA ASN A 57 -19.00 -45.47 -35.46
C ASN A 57 -18.80 -44.00 -35.83
N GLU A 58 -19.62 -43.17 -35.21
CA GLU A 58 -19.55 -41.74 -35.45
C GLU A 58 -18.23 -41.11 -35.05
N ILE A 59 -17.73 -41.44 -33.86
CA ILE A 59 -16.45 -40.92 -33.39
C ILE A 59 -15.32 -41.51 -34.26
N GLN A 60 -15.33 -42.83 -34.42
CA GLN A 60 -14.31 -43.53 -35.21
C GLN A 60 -14.17 -42.86 -36.58
N ALA A 61 -15.30 -42.48 -37.17
CA ALA A 61 -15.32 -41.84 -38.50
C ALA A 61 -14.80 -40.40 -38.48
N LYS A 62 -15.09 -39.68 -37.40
CA LYS A 62 -14.65 -38.29 -37.23
C LYS A 62 -13.15 -38.24 -37.02
N ALA A 63 -12.63 -39.17 -36.22
CA ALA A 63 -11.19 -39.24 -35.96
C ALA A 63 -10.49 -39.49 -37.29
N LYS A 64 -11.14 -40.27 -38.15
CA LYS A 64 -10.57 -40.59 -39.44
C LYS A 64 -10.42 -39.34 -40.31
N GLU A 65 -11.40 -38.44 -40.26
CA GLU A 65 -11.30 -37.25 -41.08
C GLU A 65 -10.38 -36.21 -40.47
N LEU A 66 -9.79 -36.54 -39.32
CA LEU A 66 -8.85 -35.62 -38.66
C LEU A 66 -7.45 -36.25 -38.66
N ASN A 67 -7.33 -37.38 -39.36
CA ASN A 67 -6.09 -38.12 -39.44
C ASN A 67 -5.61 -38.55 -38.07
N LEU A 68 -6.56 -38.99 -37.26
CA LEU A 68 -6.28 -39.47 -35.93
C LEU A 68 -6.64 -40.93 -35.83
N THR A 69 -6.08 -41.58 -34.81
CA THR A 69 -6.28 -42.99 -34.48
C THR A 69 -6.76 -42.94 -33.03
N LEU A 70 -7.48 -43.95 -32.58
CA LEU A 70 -7.94 -43.88 -31.21
C LEU A 70 -7.30 -44.96 -30.36
N GLY A 71 -5.99 -45.07 -30.55
CA GLY A 71 -5.16 -46.03 -29.84
C GLY A 71 -5.65 -46.50 -28.50
N GLY A 72 -5.11 -45.94 -27.42
CA GLY A 72 -5.54 -46.38 -26.10
C GLY A 72 -6.71 -45.56 -25.62
N VAL A 73 -7.71 -45.39 -26.47
CA VAL A 73 -8.88 -44.58 -26.13
C VAL A 73 -10.18 -45.39 -26.07
N LYS A 74 -10.78 -45.46 -24.89
CA LYS A 74 -12.02 -46.19 -24.69
C LYS A 74 -13.23 -45.31 -25.06
N ILE A 75 -14.23 -45.90 -25.71
CA ILE A 75 -15.43 -45.18 -26.10
C ILE A 75 -16.68 -45.72 -25.48
N TYR A 76 -17.42 -44.86 -24.80
CA TYR A 76 -18.66 -45.24 -24.15
C TYR A 76 -19.83 -44.52 -24.81
N ASP A 77 -20.90 -45.26 -25.07
CA ASP A 77 -22.10 -44.72 -25.67
C ASP A 77 -23.20 -44.87 -24.63
N PRO A 78 -23.82 -43.76 -24.20
CA PRO A 78 -24.90 -43.87 -23.21
C PRO A 78 -26.01 -44.82 -23.64
N HIS A 79 -26.25 -44.91 -24.95
CA HIS A 79 -27.31 -45.78 -25.49
C HIS A 79 -26.88 -47.23 -25.61
N THR A 80 -25.72 -47.57 -25.08
CA THR A 80 -25.17 -48.92 -25.23
C THR A 80 -24.45 -49.45 -23.99
N TYR A 81 -23.91 -48.52 -23.21
CA TYR A 81 -23.22 -48.89 -21.99
C TYR A 81 -23.98 -49.97 -21.22
N GLU A 82 -23.25 -50.99 -20.75
CA GLU A 82 -23.84 -52.09 -19.99
C GLU A 82 -24.21 -51.78 -18.54
N GLY A 83 -23.63 -50.76 -17.94
CA GLY A 83 -23.97 -50.43 -16.56
C GLY A 83 -24.97 -49.30 -16.35
N MET A 84 -25.62 -48.88 -17.43
CA MET A 84 -26.59 -47.79 -17.37
C MET A 84 -27.60 -48.01 -16.26
N GLU A 85 -28.26 -49.16 -16.28
CA GLU A 85 -29.27 -49.49 -15.28
C GLU A 85 -28.74 -49.22 -13.88
N ASP A 86 -27.53 -49.69 -13.60
CA ASP A 86 -26.92 -49.48 -12.30
C ASP A 86 -26.61 -48.01 -12.06
N LEU A 87 -26.21 -47.31 -13.10
CA LEU A 87 -25.91 -45.89 -13.00
C LEU A 87 -27.22 -45.14 -12.76
N VAL A 88 -28.26 -45.51 -13.50
CA VAL A 88 -29.54 -44.84 -13.33
C VAL A 88 -29.96 -44.94 -11.86
N GLN A 89 -29.86 -46.15 -11.30
CA GLN A 89 -30.26 -46.37 -9.93
C GLN A 89 -29.42 -45.60 -8.92
N ALA A 90 -28.13 -45.47 -9.21
CA ALA A 90 -27.22 -44.76 -8.34
C ALA A 90 -27.52 -43.28 -8.37
N PHE A 91 -28.01 -42.81 -9.51
CA PHE A 91 -28.33 -41.40 -9.66
C PHE A 91 -29.57 -41.06 -8.84
N VAL A 92 -30.63 -41.88 -8.96
CA VAL A 92 -31.83 -41.60 -8.20
C VAL A 92 -31.52 -41.59 -6.71
N GLU A 93 -30.67 -42.51 -6.27
CA GLU A 93 -30.31 -42.58 -4.86
C GLU A 93 -29.57 -41.32 -4.41
N ARG A 94 -28.70 -40.83 -5.28
CA ARG A 94 -27.91 -39.66 -4.98
C ARG A 94 -28.77 -38.40 -5.04
N ARG A 95 -29.82 -38.45 -5.85
CA ARG A 95 -30.72 -37.29 -5.97
C ARG A 95 -31.75 -37.29 -4.87
N LYS A 96 -31.60 -38.20 -3.92
CA LYS A 96 -32.51 -38.34 -2.78
C LYS A 96 -33.99 -38.07 -3.07
N GLY A 97 -34.51 -38.70 -4.14
CA GLY A 97 -35.91 -38.51 -4.47
C GLY A 97 -36.27 -37.33 -5.36
N LYS A 98 -35.31 -36.49 -5.71
CA LYS A 98 -35.57 -35.33 -6.57
C LYS A 98 -35.75 -35.80 -8.02
N ALA A 99 -35.29 -37.02 -8.29
CA ALA A 99 -35.39 -37.59 -9.62
C ALA A 99 -36.13 -38.94 -9.65
N THR A 100 -37.09 -39.07 -10.56
CA THR A 100 -37.84 -40.32 -10.69
C THR A 100 -36.91 -41.23 -11.46
N GLU A 101 -37.42 -42.38 -11.85
CA GLU A 101 -36.57 -43.30 -12.57
C GLU A 101 -36.53 -42.89 -14.04
N GLU A 102 -37.67 -42.46 -14.55
CA GLU A 102 -37.70 -42.03 -15.93
C GLU A 102 -36.86 -40.77 -16.07
N GLN A 103 -36.83 -39.96 -15.04
CA GLN A 103 -36.06 -38.74 -15.12
C GLN A 103 -34.58 -39.08 -15.15
N ALA A 104 -34.16 -39.98 -14.26
CA ALA A 104 -32.76 -40.37 -14.17
C ALA A 104 -32.28 -40.97 -15.49
N ARG A 105 -33.11 -41.83 -16.05
CA ARG A 105 -32.76 -42.48 -17.30
C ARG A 105 -32.49 -41.46 -18.40
N LYS A 106 -33.35 -40.44 -18.46
CA LYS A 106 -33.20 -39.39 -19.44
C LYS A 106 -31.98 -38.57 -19.15
N ALA A 107 -31.80 -38.20 -17.88
CA ALA A 107 -30.67 -37.39 -17.45
C ALA A 107 -29.37 -38.02 -17.85
N LEU A 108 -29.27 -39.32 -17.63
CA LEU A 108 -28.03 -40.00 -17.95
C LEU A 108 -27.76 -40.28 -19.43
N LEU A 109 -28.64 -39.86 -20.32
CA LEU A 109 -28.36 -40.06 -21.73
C LEU A 109 -27.48 -38.88 -22.18
N ASP A 110 -27.32 -37.90 -21.29
CA ASP A 110 -26.54 -36.70 -21.56
C ASP A 110 -25.07 -36.92 -21.31
N GLU A 111 -24.25 -36.59 -22.31
CA GLU A 111 -22.81 -36.74 -22.22
C GLU A 111 -22.24 -36.38 -20.84
N ASN A 112 -22.42 -35.12 -20.45
CA ASN A 112 -21.92 -34.63 -19.17
C ASN A 112 -22.41 -35.42 -17.97
N TYR A 113 -23.71 -35.66 -17.91
CA TYR A 113 -24.24 -36.42 -16.79
C TYR A 113 -23.68 -37.84 -16.80
N PHE A 114 -23.70 -38.46 -17.97
CA PHE A 114 -23.20 -39.82 -18.10
C PHE A 114 -21.76 -39.91 -17.64
N GLY A 115 -20.95 -38.96 -18.08
CA GLY A 115 -19.55 -38.96 -17.71
C GLY A 115 -19.35 -38.62 -16.24
N THR A 116 -20.25 -37.82 -15.68
CA THR A 116 -20.11 -37.45 -14.28
C THR A 116 -20.38 -38.68 -13.44
N MET A 117 -21.37 -39.47 -13.85
CA MET A 117 -21.71 -40.69 -13.13
C MET A 117 -20.55 -41.67 -13.12
N LEU A 118 -19.85 -41.77 -14.25
CA LEU A 118 -18.72 -42.69 -14.35
C LEU A 118 -17.68 -42.27 -13.34
N VAL A 119 -17.40 -40.98 -13.27
CA VAL A 119 -16.40 -40.48 -12.32
C VAL A 119 -16.85 -40.76 -10.92
N TYR A 120 -18.15 -40.61 -10.68
CA TYR A 120 -18.75 -40.83 -9.38
C TYR A 120 -18.67 -42.27 -8.88
N LYS A 121 -18.84 -43.22 -9.80
CA LYS A 121 -18.81 -44.61 -9.41
C LYS A 121 -17.44 -45.26 -9.57
N GLY A 122 -16.40 -44.45 -9.76
CA GLY A 122 -15.07 -45.00 -9.90
C GLY A 122 -14.69 -45.59 -11.25
N LEU A 123 -15.59 -45.53 -12.24
CA LEU A 123 -15.28 -46.05 -13.57
C LEU A 123 -14.37 -45.09 -14.34
N ALA A 124 -14.08 -43.95 -13.70
CA ALA A 124 -13.21 -42.90 -14.24
C ALA A 124 -12.71 -42.08 -13.05
N ASP A 125 -11.62 -41.35 -13.25
CA ASP A 125 -11.07 -40.56 -12.14
C ASP A 125 -11.38 -39.05 -12.16
N GLY A 126 -11.68 -38.50 -13.33
CA GLY A 126 -11.97 -37.09 -13.39
C GLY A 126 -12.57 -36.80 -14.74
N LEU A 127 -13.33 -35.72 -14.83
CA LEU A 127 -13.97 -35.37 -16.08
C LEU A 127 -13.44 -34.06 -16.60
N VAL A 128 -13.54 -33.88 -17.90
CA VAL A 128 -13.07 -32.67 -18.57
C VAL A 128 -14.01 -32.37 -19.71
N SER A 129 -14.84 -31.36 -19.51
CA SER A 129 -15.79 -30.95 -20.52
C SER A 129 -15.75 -29.42 -20.64
N GLY A 130 -16.63 -28.86 -21.47
CA GLY A 130 -16.66 -27.41 -21.63
C GLY A 130 -16.38 -26.88 -23.03
N ALA A 131 -15.65 -27.65 -23.84
CA ALA A 131 -15.32 -27.23 -25.21
C ALA A 131 -16.56 -26.98 -26.08
N ALA A 132 -17.71 -27.48 -25.66
CA ALA A 132 -18.95 -27.30 -26.43
C ALA A 132 -20.23 -27.20 -25.58
N HIS A 133 -20.06 -26.75 -24.34
CA HIS A 133 -21.15 -26.55 -23.38
C HIS A 133 -20.85 -25.32 -22.55
N SER A 134 -21.89 -24.71 -21.99
CA SER A 134 -21.73 -23.55 -21.12
C SER A 134 -21.02 -24.02 -19.87
N THR A 135 -20.33 -23.11 -19.17
CA THR A 135 -19.64 -23.52 -17.95
C THR A 135 -20.65 -24.01 -16.89
N ALA A 136 -21.92 -23.64 -17.05
CA ALA A 136 -22.97 -24.06 -16.12
C ALA A 136 -23.27 -25.53 -16.33
N ASP A 137 -23.40 -25.92 -17.60
CA ASP A 137 -23.68 -27.29 -17.99
C ASP A 137 -22.65 -28.31 -17.49
N THR A 138 -21.43 -27.85 -17.18
CA THR A 138 -20.41 -28.75 -16.68
C THR A 138 -20.50 -28.81 -15.16
N VAL A 139 -20.49 -27.65 -14.52
CA VAL A 139 -20.53 -27.55 -13.06
C VAL A 139 -21.85 -28.02 -12.42
N ARG A 140 -22.93 -28.04 -13.19
CA ARG A 140 -24.22 -28.49 -12.66
C ARG A 140 -24.13 -29.95 -12.18
N PRO A 141 -24.08 -30.92 -13.10
CA PRO A 141 -24.00 -32.30 -12.62
C PRO A 141 -22.84 -32.54 -11.65
N ALA A 142 -21.75 -31.82 -11.82
CA ALA A 142 -20.61 -31.99 -10.93
C ALA A 142 -21.08 -31.75 -9.50
N LEU A 143 -21.96 -30.76 -9.31
CA LEU A 143 -22.46 -30.46 -7.99
C LEU A 143 -23.65 -31.30 -7.56
N GLN A 144 -24.40 -31.83 -8.52
CA GLN A 144 -25.56 -32.66 -8.18
C GLN A 144 -25.12 -34.07 -7.83
N ILE A 145 -24.23 -34.63 -8.63
CA ILE A 145 -23.73 -35.99 -8.43
C ILE A 145 -22.53 -36.03 -7.49
N ILE A 146 -21.37 -35.64 -8.00
CA ILE A 146 -20.13 -35.55 -7.21
C ILE A 146 -20.49 -34.34 -6.37
N LYS A 147 -19.79 -34.10 -5.29
CA LYS A 147 -20.11 -32.92 -4.50
C LYS A 147 -18.83 -32.28 -3.99
N THR A 148 -18.94 -31.43 -2.97
CA THR A 148 -17.75 -30.80 -2.42
C THR A 148 -17.17 -31.66 -1.32
N LYS A 149 -15.85 -31.57 -1.14
CA LYS A 149 -15.15 -32.33 -0.11
C LYS A 149 -15.60 -32.04 1.31
N GLU A 150 -14.93 -32.70 2.25
CA GLU A 150 -15.17 -32.59 3.68
C GLU A 150 -15.81 -31.29 4.20
N GLY A 151 -14.99 -30.27 4.41
CA GLY A 151 -15.51 -29.03 4.95
C GLY A 151 -15.61 -27.91 3.93
N VAL A 152 -15.96 -28.24 2.71
CA VAL A 152 -16.08 -27.22 1.66
C VAL A 152 -17.56 -27.12 1.30
N LYS A 153 -18.02 -25.91 1.02
CA LYS A 153 -19.41 -25.70 0.69
C LYS A 153 -19.57 -25.29 -0.77
N LYS A 154 -18.51 -24.71 -1.33
CA LYS A 154 -18.56 -24.26 -2.71
C LYS A 154 -17.26 -24.44 -3.50
N THR A 155 -17.38 -24.40 -4.82
CA THR A 155 -16.22 -24.53 -5.69
C THR A 155 -15.75 -23.12 -5.98
N SER A 156 -14.54 -23.04 -6.51
CA SER A 156 -13.96 -21.77 -6.85
C SER A 156 -13.10 -22.05 -8.07
N GLY A 157 -12.94 -21.05 -8.92
CA GLY A 157 -12.14 -21.23 -10.11
C GLY A 157 -10.86 -20.45 -10.01
N VAL A 158 -9.75 -21.16 -9.92
CA VAL A 158 -8.45 -20.52 -9.83
C VAL A 158 -7.84 -20.47 -11.21
N PHE A 159 -6.80 -19.66 -11.34
CA PHE A 159 -6.04 -19.52 -12.58
C PHE A 159 -4.57 -19.53 -12.21
N ILE A 160 -3.76 -20.16 -13.05
CA ILE A 160 -2.33 -20.17 -12.76
C ILE A 160 -1.78 -19.09 -13.65
N MET A 161 -1.05 -18.16 -13.06
CA MET A 161 -0.49 -17.05 -13.80
C MET A 161 1.00 -17.28 -13.87
N ALA A 162 1.55 -17.21 -15.07
CA ALA A 162 2.97 -17.44 -15.21
C ALA A 162 3.60 -16.54 -16.25
N ARG A 163 4.77 -16.03 -15.91
CA ARG A 163 5.52 -15.17 -16.79
C ARG A 163 6.97 -15.40 -16.43
N GLY A 164 7.70 -16.08 -17.30
CA GLY A 164 9.08 -16.37 -17.02
C GLY A 164 9.22 -17.22 -15.76
N GLU A 165 9.88 -16.66 -14.76
CA GLU A 165 10.11 -17.35 -13.49
C GLU A 165 8.94 -17.21 -12.52
N GLU A 166 8.17 -16.12 -12.68
CA GLU A 166 6.99 -15.80 -11.85
C GLU A 166 5.80 -16.74 -11.98
N GLN A 167 5.27 -17.16 -10.84
CA GLN A 167 4.13 -18.07 -10.81
C GLN A 167 3.17 -17.72 -9.67
N TYR A 168 1.93 -17.40 -10.02
CA TYR A 168 0.92 -17.04 -9.03
C TYR A 168 -0.41 -17.73 -9.26
N VAL A 169 -1.25 -17.71 -8.24
CA VAL A 169 -2.57 -18.31 -8.28
C VAL A 169 -3.54 -17.17 -8.04
N PHE A 170 -4.63 -17.13 -8.81
CA PHE A 170 -5.65 -16.09 -8.65
C PHE A 170 -6.97 -16.68 -8.17
N ALA A 171 -7.45 -16.22 -7.01
CA ALA A 171 -8.67 -16.73 -6.38
C ALA A 171 -10.03 -16.37 -6.93
N ASP A 172 -10.70 -17.41 -7.40
CA ASP A 172 -12.01 -17.37 -8.03
C ASP A 172 -12.27 -16.15 -8.88
N CYS A 173 -11.88 -16.30 -10.14
CA CYS A 173 -12.03 -15.30 -11.16
C CYS A 173 -13.02 -15.88 -12.18
N ALA A 174 -13.84 -16.84 -11.75
CA ALA A 174 -14.77 -17.48 -12.68
C ALA A 174 -16.13 -17.97 -12.17
N ILE A 175 -16.14 -18.64 -11.02
CA ILE A 175 -17.37 -19.23 -10.48
C ILE A 175 -18.28 -18.30 -9.65
N ASN A 176 -17.95 -18.17 -8.36
CA ASN A 176 -18.70 -17.37 -7.36
C ASN A 176 -18.78 -15.86 -7.62
N ILE A 177 -19.98 -15.36 -7.90
CA ILE A 177 -20.13 -13.92 -8.19
C ILE A 177 -19.88 -12.96 -7.02
N ALA A 178 -20.69 -13.06 -5.96
CA ALA A 178 -20.54 -12.15 -4.81
C ALA A 178 -20.21 -12.90 -3.52
N PRO A 179 -18.99 -13.45 -3.41
CA PRO A 179 -18.60 -14.18 -2.19
C PRO A 179 -18.63 -13.36 -0.92
N ASP A 180 -18.94 -14.02 0.19
CA ASP A 180 -18.98 -13.36 1.48
C ASP A 180 -17.82 -13.83 2.32
N SER A 181 -17.71 -13.31 3.53
CA SER A 181 -16.63 -13.67 4.43
C SER A 181 -16.32 -15.16 4.46
N GLN A 182 -17.31 -16.00 4.76
CA GLN A 182 -17.10 -17.44 4.82
C GLN A 182 -16.55 -18.00 3.51
N ASP A 183 -17.12 -17.53 2.40
CA ASP A 183 -16.69 -17.98 1.08
C ASP A 183 -15.23 -17.61 0.81
N LEU A 184 -14.89 -16.33 0.98
CA LEU A 184 -13.53 -15.88 0.74
C LEU A 184 -12.51 -16.69 1.56
N ALA A 185 -12.79 -16.87 2.84
CA ALA A 185 -11.87 -17.63 3.69
C ALA A 185 -11.66 -19.00 3.09
N GLU A 186 -12.73 -19.58 2.56
CA GLU A 186 -12.68 -20.88 1.93
C GLU A 186 -11.86 -20.83 0.63
N ILE A 187 -12.22 -19.88 -0.23
CA ILE A 187 -11.54 -19.71 -1.52
C ILE A 187 -10.04 -19.67 -1.26
N ALA A 188 -9.68 -19.02 -0.15
CA ALA A 188 -8.28 -18.89 0.21
C ALA A 188 -7.66 -20.20 0.65
N ILE A 189 -8.31 -20.95 1.54
CA ILE A 189 -7.72 -22.21 1.98
C ILE A 189 -7.62 -23.18 0.81
N GLU A 190 -8.68 -23.27 0.00
CA GLU A 190 -8.67 -24.17 -1.13
C GLU A 190 -7.63 -23.79 -2.19
N SER A 191 -7.57 -22.50 -2.53
CA SER A 191 -6.63 -22.01 -3.52
C SER A 191 -5.21 -22.34 -3.09
N ALA A 192 -4.94 -22.17 -1.80
CA ALA A 192 -3.63 -22.45 -1.25
C ALA A 192 -3.25 -23.90 -1.44
N ASN A 193 -4.23 -24.78 -1.31
CA ASN A 193 -3.97 -26.20 -1.49
C ASN A 193 -3.72 -26.48 -2.96
N THR A 194 -4.58 -25.92 -3.81
CA THR A 194 -4.45 -26.10 -5.25
C THR A 194 -3.06 -25.65 -5.72
N ALA A 195 -2.49 -24.67 -5.03
CA ALA A 195 -1.16 -24.14 -5.39
C ALA A 195 -0.07 -25.18 -5.11
N LYS A 196 -0.33 -26.05 -4.15
CA LYS A 196 0.62 -27.10 -3.79
C LYS A 196 0.83 -28.04 -4.98
N MET A 197 -0.23 -28.27 -5.74
CA MET A 197 -0.18 -29.15 -6.88
C MET A 197 0.85 -28.70 -7.91
N PHE A 198 1.07 -27.38 -7.99
CA PHE A 198 2.06 -26.84 -8.94
C PHE A 198 3.40 -26.60 -8.24
N ASP A 199 3.54 -27.18 -7.05
CA ASP A 199 4.77 -27.04 -6.28
C ASP A 199 5.04 -25.58 -5.89
N ILE A 200 3.99 -24.87 -5.51
CA ILE A 200 4.12 -23.48 -5.08
C ILE A 200 3.95 -23.47 -3.58
N GLU A 201 4.77 -22.70 -2.88
CA GLU A 201 4.69 -22.60 -1.43
C GLU A 201 3.73 -21.47 -1.10
N PRO A 202 2.51 -21.82 -0.68
CA PRO A 202 1.43 -20.90 -0.32
C PRO A 202 1.77 -19.72 0.56
N ARG A 203 1.33 -18.56 0.08
CA ARG A 203 1.49 -17.28 0.75
C ARG A 203 0.33 -16.43 0.24
N VAL A 204 -0.82 -16.65 0.86
CA VAL A 204 -2.06 -15.98 0.51
C VAL A 204 -2.19 -14.53 0.98
N ALA A 205 -2.88 -13.74 0.18
CA ALA A 205 -3.14 -12.34 0.48
C ALA A 205 -4.57 -12.10 0.05
N MET A 206 -5.42 -11.69 0.98
CA MET A 206 -6.81 -11.41 0.68
C MET A 206 -6.85 -9.96 0.20
N LEU A 207 -7.17 -9.73 -1.07
CA LEU A 207 -7.19 -8.37 -1.62
C LEU A 207 -8.45 -7.56 -1.36
N SER A 208 -8.30 -6.24 -1.46
CA SER A 208 -9.36 -5.24 -1.27
C SER A 208 -8.83 -3.90 -1.72
N PHE A 209 -9.56 -2.83 -1.43
CA PHE A 209 -9.11 -1.51 -1.86
C PHE A 209 -8.49 -0.70 -0.72
N SER A 210 -8.09 -1.38 0.34
CA SER A 210 -7.48 -0.71 1.48
C SER A 210 -6.56 -1.71 2.14
N THR A 211 -5.56 -1.22 2.88
CA THR A 211 -4.64 -2.13 3.56
C THR A 211 -4.80 -2.03 5.06
N LYS A 212 -5.06 -3.18 5.68
CA LYS A 212 -5.28 -3.31 7.12
C LYS A 212 -5.79 -2.07 7.86
N GLY A 213 -6.88 -1.48 7.37
CA GLY A 213 -7.41 -0.33 8.05
C GLY A 213 -7.69 0.90 7.21
N SER A 214 -6.88 1.13 6.18
CA SER A 214 -7.03 2.30 5.30
C SER A 214 -8.45 2.86 5.23
N ALA A 215 -9.37 2.05 4.69
CA ALA A 215 -10.77 2.42 4.59
C ALA A 215 -11.53 1.42 5.41
N LYS A 216 -12.63 1.85 6.00
CA LYS A 216 -13.43 0.93 6.78
C LYS A 216 -14.86 1.03 6.27
N SER A 217 -15.28 0.01 5.54
CA SER A 217 -16.60 -0.09 4.96
C SER A 217 -16.96 -1.56 5.07
N ASP A 218 -18.16 -1.91 4.62
CA ASP A 218 -18.58 -3.29 4.69
C ASP A 218 -17.58 -4.11 3.92
N GLU A 219 -17.32 -3.66 2.70
CA GLU A 219 -16.41 -4.31 1.78
C GLU A 219 -15.03 -4.65 2.34
N THR A 220 -14.49 -3.80 3.19
CA THR A 220 -13.16 -4.06 3.74
C THR A 220 -13.29 -5.03 4.90
N GLU A 221 -14.38 -4.90 5.64
CA GLU A 221 -14.62 -5.76 6.77
C GLU A 221 -14.91 -7.18 6.28
N LYS A 222 -15.69 -7.28 5.21
CA LYS A 222 -16.02 -8.57 4.61
C LYS A 222 -14.75 -9.38 4.49
N VAL A 223 -13.72 -8.77 3.92
CA VAL A 223 -12.44 -9.41 3.73
C VAL A 223 -11.68 -9.57 5.03
N ALA A 224 -11.68 -8.53 5.85
CA ALA A 224 -11.00 -8.58 7.13
C ALA A 224 -11.52 -9.76 7.92
N ASP A 225 -12.84 -9.92 7.90
CA ASP A 225 -13.52 -11.02 8.59
C ASP A 225 -13.08 -12.33 7.96
N ALA A 226 -12.95 -12.31 6.64
CA ALA A 226 -12.54 -13.49 5.91
C ALA A 226 -11.18 -13.97 6.45
N VAL A 227 -10.30 -13.03 6.74
CA VAL A 227 -8.96 -13.36 7.26
C VAL A 227 -9.00 -14.07 8.62
N LYS A 228 -9.91 -13.62 9.48
CA LYS A 228 -10.07 -14.20 10.80
C LYS A 228 -10.48 -15.66 10.62
N ILE A 229 -11.59 -15.86 9.92
CA ILE A 229 -12.11 -17.19 9.66
C ILE A 229 -11.02 -18.11 9.15
N ALA A 230 -10.36 -17.70 8.09
CA ALA A 230 -9.30 -18.48 7.47
C ALA A 230 -8.16 -18.78 8.43
N LYS A 231 -7.67 -17.77 9.10
CA LYS A 231 -6.57 -17.95 10.04
C LYS A 231 -6.92 -18.85 11.23
N GLU A 232 -8.18 -18.82 11.63
CA GLU A 232 -8.65 -19.62 12.74
C GLU A 232 -8.78 -21.05 12.23
N LYS A 233 -9.51 -21.20 11.12
CA LYS A 233 -9.76 -22.50 10.51
C LYS A 233 -8.46 -23.18 10.05
N ALA A 234 -7.47 -22.39 9.62
CA ALA A 234 -6.20 -22.94 9.14
C ALA A 234 -4.96 -22.17 9.60
N PRO A 235 -4.60 -22.30 10.87
CA PRO A 235 -3.46 -21.66 11.56
C PRO A 235 -2.09 -21.60 10.85
N GLU A 236 -1.61 -22.76 10.40
CA GLU A 236 -0.32 -22.89 9.73
C GLU A 236 -0.17 -22.20 8.37
N LEU A 237 -1.28 -21.96 7.68
CA LEU A 237 -1.27 -21.34 6.37
C LEU A 237 -0.86 -19.86 6.45
N THR A 238 0.22 -19.52 5.74
CA THR A 238 0.72 -18.16 5.75
C THR A 238 -0.15 -17.24 4.92
N LEU A 239 -1.03 -16.51 5.59
CA LEU A 239 -1.90 -15.58 4.89
C LEU A 239 -2.34 -14.48 5.83
N ASP A 240 -2.22 -13.24 5.37
CA ASP A 240 -2.65 -12.10 6.17
C ASP A 240 -3.63 -11.40 5.25
N GLY A 241 -4.49 -10.55 5.80
CA GLY A 241 -5.46 -9.96 4.91
C GLY A 241 -5.94 -8.52 4.94
N GLU A 242 -6.53 -8.21 3.81
CA GLU A 242 -7.10 -6.91 3.48
C GLU A 242 -5.94 -6.07 3.05
N PHE A 243 -5.38 -6.46 1.91
CA PHE A 243 -4.26 -5.78 1.30
C PHE A 243 -4.70 -5.18 -0.02
N GLN A 244 -3.93 -4.22 -0.51
CA GLN A 244 -4.18 -3.61 -1.81
C GLN A 244 -3.13 -4.36 -2.61
N PHE A 245 -3.27 -4.39 -3.93
CA PHE A 245 -2.28 -5.14 -4.68
C PHE A 245 -0.85 -4.72 -4.35
N ASP A 246 -0.64 -3.44 -4.07
CA ASP A 246 0.71 -2.90 -3.74
C ASP A 246 1.34 -3.74 -2.64
N ALA A 247 0.73 -3.61 -1.47
CA ALA A 247 1.14 -4.26 -0.24
C ALA A 247 1.36 -5.76 -0.39
N ALA A 248 0.58 -6.39 -1.25
CA ALA A 248 0.69 -7.83 -1.44
C ALA A 248 1.78 -8.22 -2.40
N PHE A 249 2.09 -7.33 -3.34
CA PHE A 249 3.08 -7.63 -4.36
C PHE A 249 4.49 -7.02 -4.19
N VAL A 250 4.57 -5.78 -3.75
CA VAL A 250 5.88 -5.12 -3.60
C VAL A 250 6.24 -4.83 -2.14
N PRO A 251 7.31 -5.47 -1.64
CA PRO A 251 7.87 -5.37 -0.29
C PRO A 251 8.01 -3.96 0.29
N SER A 252 8.47 -3.02 -0.53
CA SER A 252 8.63 -1.63 -0.11
C SER A 252 7.30 -1.19 0.49
N VAL A 253 6.23 -1.43 -0.27
CA VAL A 253 4.89 -1.07 0.15
C VAL A 253 4.38 -1.87 1.35
N ALA A 254 4.93 -3.07 1.55
CA ALA A 254 4.50 -3.92 2.67
C ALA A 254 4.89 -3.33 4.02
N GLU A 255 6.16 -3.01 4.20
CA GLU A 255 6.63 -2.46 5.47
C GLU A 255 6.06 -1.07 5.75
N LYS A 256 5.59 -0.40 4.72
CA LYS A 256 5.02 0.93 4.90
C LYS A 256 3.55 0.80 5.28
N LYS A 257 2.75 0.33 4.33
CA LYS A 257 1.32 0.15 4.56
C LYS A 257 0.98 -0.75 5.74
N ALA A 258 1.75 -1.82 5.96
CA ALA A 258 1.43 -2.72 7.06
C ALA A 258 2.52 -3.74 7.45
N PRO A 259 3.46 -3.34 8.32
CA PRO A 259 4.51 -4.26 8.74
C PRO A 259 3.95 -5.19 9.80
N ASP A 260 4.80 -6.04 10.36
CA ASP A 260 4.37 -6.99 11.37
C ASP A 260 3.48 -8.06 10.78
N SER A 261 3.08 -7.89 9.53
CA SER A 261 2.24 -8.87 8.85
C SER A 261 3.07 -9.99 8.25
N GLU A 262 2.50 -11.21 8.24
CA GLU A 262 3.16 -12.39 7.67
C GLU A 262 3.60 -12.15 6.22
N ILE A 263 2.70 -11.56 5.44
CA ILE A 263 3.00 -11.24 4.06
C ILE A 263 3.91 -10.03 3.98
N LYS A 264 5.06 -10.18 3.34
CA LYS A 264 6.00 -9.08 3.19
C LYS A 264 6.11 -8.73 1.71
N GLY A 265 4.98 -8.42 1.09
CA GLY A 265 4.99 -8.08 -0.32
C GLY A 265 5.50 -9.24 -1.16
N ASP A 266 5.30 -10.45 -0.66
CA ASP A 266 5.74 -11.68 -1.32
C ASP A 266 4.59 -12.70 -1.40
N ALA A 267 3.42 -12.24 -1.83
CA ALA A 267 2.28 -13.14 -1.94
C ALA A 267 2.36 -13.86 -3.28
N ASN A 268 1.91 -15.10 -3.31
CA ASN A 268 1.92 -15.89 -4.54
C ASN A 268 0.59 -16.60 -4.73
N VAL A 269 -0.44 -16.11 -4.03
CA VAL A 269 -1.79 -16.63 -4.09
C VAL A 269 -2.61 -15.41 -3.75
N PHE A 270 -3.33 -14.88 -4.74
CA PHE A 270 -4.13 -13.68 -4.52
C PHE A 270 -5.63 -13.89 -4.57
N VAL A 271 -6.27 -13.83 -3.41
CA VAL A 271 -7.71 -14.02 -3.31
C VAL A 271 -8.48 -12.73 -3.54
N PHE A 272 -9.22 -12.69 -4.64
CA PHE A 272 -10.02 -11.52 -4.96
C PHE A 272 -11.33 -11.43 -4.19
N PRO A 273 -11.75 -10.21 -3.79
CA PRO A 273 -12.98 -9.95 -3.03
C PRO A 273 -14.30 -10.18 -3.76
N SER A 274 -14.27 -10.22 -5.08
CA SER A 274 -15.51 -10.44 -5.82
C SER A 274 -15.20 -10.91 -7.23
N LEU A 275 -16.20 -11.45 -7.93
CA LEU A 275 -16.01 -11.94 -9.30
C LEU A 275 -15.69 -10.82 -10.28
N GLU A 276 -16.17 -9.61 -10.01
CA GLU A 276 -15.88 -8.49 -10.90
C GLU A 276 -14.37 -8.21 -10.80
N ALA A 277 -13.86 -8.20 -9.56
CA ALA A 277 -12.44 -7.94 -9.34
C ALA A 277 -11.56 -9.05 -9.88
N GLY A 278 -11.88 -10.29 -9.52
CA GLY A 278 -11.09 -11.40 -9.98
C GLY A 278 -11.05 -11.66 -11.47
N ASN A 279 -12.18 -11.49 -12.16
CA ASN A 279 -12.22 -11.73 -13.59
C ASN A 279 -11.42 -10.63 -14.30
N ILE A 280 -11.79 -9.38 -14.03
CA ILE A 280 -11.07 -8.26 -14.64
C ILE A 280 -9.61 -8.34 -14.25
N GLY A 281 -9.35 -8.77 -13.03
CA GLY A 281 -7.99 -8.90 -12.54
C GLY A 281 -7.07 -9.80 -13.33
N TYR A 282 -7.40 -11.10 -13.42
CA TYR A 282 -6.54 -12.01 -14.15
C TYR A 282 -6.38 -11.61 -15.62
N LYS A 283 -7.45 -11.07 -16.21
CA LYS A 283 -7.39 -10.63 -17.60
C LYS A 283 -6.45 -9.45 -17.80
N ILE A 284 -6.53 -8.42 -16.96
CA ILE A 284 -5.62 -7.28 -17.10
C ILE A 284 -4.19 -7.82 -16.93
N ALA A 285 -4.00 -8.73 -15.99
CA ALA A 285 -2.69 -9.31 -15.75
C ALA A 285 -2.19 -10.04 -17.00
N GLN A 286 -3.11 -10.70 -17.70
CA GLN A 286 -2.77 -11.43 -18.92
C GLN A 286 -2.53 -10.49 -20.12
N ARG A 287 -3.55 -9.76 -20.55
CA ARG A 287 -3.40 -8.87 -21.70
C ARG A 287 -2.44 -7.69 -21.50
N LEU A 288 -2.41 -7.09 -20.31
CA LEU A 288 -1.48 -5.97 -20.09
C LEU A 288 -0.14 -6.45 -19.55
N GLY A 289 -0.20 -7.29 -18.53
CA GLY A 289 1.03 -7.77 -17.92
C GLY A 289 1.77 -8.82 -18.71
N ASN A 290 1.20 -9.27 -19.82
CA ASN A 290 1.83 -10.29 -20.65
C ASN A 290 2.16 -11.55 -19.85
N PHE A 291 1.19 -11.99 -19.05
CA PHE A 291 1.32 -13.20 -18.24
C PHE A 291 0.52 -14.29 -18.95
N GLU A 292 0.98 -15.52 -18.84
CA GLU A 292 0.27 -16.65 -19.44
C GLU A 292 -0.76 -17.08 -18.40
N ALA A 293 -2.01 -17.19 -18.81
CA ALA A 293 -3.06 -17.58 -17.88
C ALA A 293 -3.73 -18.92 -18.23
N VAL A 294 -3.61 -19.92 -17.35
CA VAL A 294 -4.27 -21.21 -17.61
C VAL A 294 -5.69 -21.05 -17.10
N GLY A 295 -6.66 -21.30 -18.01
CA GLY A 295 -8.13 -21.25 -17.83
C GLY A 295 -8.71 -21.68 -16.48
N PRO A 296 -9.99 -21.42 -16.18
CA PRO A 296 -10.49 -21.84 -14.86
C PRO A 296 -10.24 -23.29 -14.44
N ILE A 297 -9.69 -23.44 -13.24
CA ILE A 297 -9.41 -24.75 -12.68
C ILE A 297 -10.31 -24.84 -11.42
N LEU A 298 -11.32 -25.72 -11.42
CA LEU A 298 -12.20 -25.84 -10.25
C LEU A 298 -11.47 -26.49 -9.08
N GLN A 299 -12.00 -26.32 -7.87
CA GLN A 299 -11.34 -26.91 -6.71
C GLN A 299 -12.33 -27.26 -5.60
N GLY A 300 -11.91 -28.18 -4.73
CA GLY A 300 -12.77 -28.56 -3.61
C GLY A 300 -13.79 -29.68 -3.79
N LEU A 301 -13.92 -30.21 -4.99
CA LEU A 301 -14.87 -31.29 -5.24
C LEU A 301 -14.31 -32.65 -4.83
N ASN A 302 -15.19 -33.63 -4.64
CA ASN A 302 -14.75 -34.96 -4.26
C ASN A 302 -13.91 -35.62 -5.36
N MET A 303 -14.24 -35.31 -6.61
CA MET A 303 -13.50 -35.87 -7.74
C MET A 303 -13.31 -34.77 -8.74
N PRO A 304 -12.13 -34.75 -9.39
CA PRO A 304 -11.76 -33.75 -10.40
C PRO A 304 -12.77 -33.57 -11.54
N VAL A 305 -13.07 -32.31 -11.83
CA VAL A 305 -13.99 -31.94 -12.90
C VAL A 305 -13.52 -30.58 -13.34
N ASN A 306 -13.38 -30.37 -14.64
CA ASN A 306 -12.93 -29.07 -15.10
C ASN A 306 -13.64 -28.60 -16.35
N ASP A 307 -13.69 -27.28 -16.49
CA ASP A 307 -14.38 -26.67 -17.60
C ASP A 307 -13.42 -26.01 -18.61
N LEU A 308 -13.45 -26.50 -19.85
CA LEU A 308 -12.63 -25.92 -20.89
C LEU A 308 -13.44 -24.74 -21.41
N SER A 309 -12.79 -23.82 -22.10
CA SER A 309 -13.50 -22.71 -22.66
C SER A 309 -14.00 -23.14 -24.04
N ARG A 310 -15.18 -22.70 -24.42
CA ARG A 310 -15.72 -23.03 -25.73
C ARG A 310 -14.68 -22.39 -26.62
N GLY A 311 -14.55 -22.83 -27.87
CA GLY A 311 -13.52 -22.24 -28.70
C GLY A 311 -12.15 -22.22 -28.03
N CYS A 312 -11.75 -23.35 -27.45
CA CYS A 312 -10.46 -23.44 -26.80
C CYS A 312 -9.45 -23.98 -27.79
N ASN A 313 -8.36 -24.50 -27.25
CA ASN A 313 -7.27 -25.03 -28.06
C ASN A 313 -7.08 -26.54 -27.83
N ALA A 314 -6.65 -27.25 -28.86
CA ALA A 314 -6.43 -28.68 -28.73
C ALA A 314 -5.44 -28.92 -27.60
N GLU A 315 -4.42 -28.07 -27.52
CA GLU A 315 -3.41 -28.21 -26.47
C GLU A 315 -4.00 -27.76 -25.14
N ASP A 316 -5.02 -26.91 -25.19
CA ASP A 316 -5.66 -26.46 -23.96
C ASP A 316 -6.33 -27.66 -23.31
N VAL A 317 -6.94 -28.49 -24.15
CA VAL A 317 -7.63 -29.69 -23.69
C VAL A 317 -6.60 -30.64 -23.09
N TYR A 318 -5.45 -30.73 -23.75
CA TYR A 318 -4.37 -31.60 -23.32
C TYR A 318 -3.86 -31.23 -21.93
N ASN A 319 -3.67 -29.94 -21.70
CA ASN A 319 -3.15 -29.49 -20.41
C ASN A 319 -4.17 -29.54 -19.30
N LEU A 320 -5.44 -29.29 -19.63
CA LEU A 320 -6.47 -29.34 -18.61
C LEU A 320 -6.60 -30.78 -18.11
N ALA A 321 -6.32 -31.72 -19.00
CA ALA A 321 -6.38 -33.13 -18.65
C ALA A 321 -5.21 -33.45 -17.70
N LEU A 322 -4.06 -32.82 -17.97
CA LEU A 322 -2.90 -33.05 -17.12
C LEU A 322 -3.22 -32.56 -15.72
N ILE A 323 -3.82 -31.37 -15.65
CA ILE A 323 -4.19 -30.78 -14.38
C ILE A 323 -5.26 -31.60 -13.67
N THR A 324 -6.30 -31.96 -14.39
CA THR A 324 -7.39 -32.77 -13.83
C THR A 324 -6.89 -34.12 -13.30
N ALA A 325 -5.95 -34.74 -14.02
CA ALA A 325 -5.41 -36.02 -13.60
C ALA A 325 -4.62 -35.82 -12.30
N ALA A 326 -3.88 -34.73 -12.23
CA ALA A 326 -3.08 -34.40 -11.06
C ALA A 326 -4.00 -34.25 -9.84
N GLN A 327 -5.14 -33.57 -10.03
CA GLN A 327 -6.09 -33.36 -8.94
C GLN A 327 -6.62 -34.69 -8.41
N ALA A 328 -6.66 -35.70 -9.29
CA ALA A 328 -7.13 -37.02 -8.93
C ALA A 328 -6.08 -37.76 -8.11
N LEU A 329 -4.83 -37.68 -8.54
CA LEU A 329 -3.74 -38.34 -7.81
C LEU A 329 -3.74 -37.90 -6.35
N GLY B 6 8.07 8.65 -21.77
CA GLY B 6 6.89 7.75 -21.74
C GLY B 6 5.67 8.46 -21.20
N MET B 7 5.66 8.72 -19.90
CA MET B 7 4.56 9.41 -19.23
C MET B 7 4.97 10.87 -19.22
N ALA B 8 6.28 11.04 -19.17
CA ALA B 8 6.92 12.35 -19.13
C ALA B 8 6.57 13.27 -20.29
N ASP B 9 6.49 12.73 -21.50
CA ASP B 9 6.17 13.56 -22.65
C ASP B 9 4.67 13.80 -22.68
N LEU B 10 3.97 13.06 -21.83
CA LEU B 10 2.52 13.19 -21.73
C LEU B 10 2.22 14.44 -20.94
N PHE B 11 3.14 14.78 -20.03
CA PHE B 11 3.02 15.95 -19.19
C PHE B 11 3.45 17.20 -19.92
N SER B 12 4.40 17.03 -20.82
CA SER B 12 4.91 18.16 -21.59
C SER B 12 3.80 18.65 -22.49
N THR B 13 2.84 17.77 -22.76
CA THR B 13 1.72 18.12 -23.61
C THR B 13 0.72 18.94 -22.80
N VAL B 14 0.67 18.66 -21.50
CA VAL B 14 -0.21 19.37 -20.60
C VAL B 14 0.42 20.71 -20.26
N GLN B 15 1.72 20.70 -19.99
CA GLN B 15 2.44 21.93 -19.64
C GLN B 15 2.35 22.90 -20.79
N GLU B 16 2.23 22.34 -21.99
CA GLU B 16 2.11 23.10 -23.22
C GLU B 16 0.89 24.00 -23.12
N LYS B 17 -0.25 23.38 -22.83
CA LYS B 17 -1.53 24.05 -22.70
C LYS B 17 -1.58 25.08 -21.57
N VAL B 18 -0.95 24.75 -20.44
CA VAL B 18 -0.95 25.62 -19.27
C VAL B 18 -0.04 26.84 -19.29
N ALA B 19 1.26 26.58 -19.32
CA ALA B 19 2.29 27.63 -19.31
C ALA B 19 1.94 28.97 -19.94
N GLY B 20 2.20 30.04 -19.21
CA GLY B 20 1.93 31.39 -19.72
C GLY B 20 0.51 31.92 -19.66
N LYS B 21 -0.42 31.17 -19.05
CA LYS B 21 -1.81 31.63 -18.96
C LYS B 21 -2.16 32.22 -17.61
N ASP B 22 -1.15 32.36 -16.76
CA ASP B 22 -1.29 32.93 -15.43
C ASP B 22 -2.34 32.23 -14.58
N VAL B 23 -2.38 30.91 -14.66
CA VAL B 23 -3.34 30.12 -13.87
C VAL B 23 -2.88 30.05 -12.41
N LYS B 24 -3.82 30.34 -11.49
CA LYS B 24 -3.52 30.34 -10.05
C LYS B 24 -3.97 29.06 -9.37
N ILE B 25 -3.03 28.36 -8.75
CA ILE B 25 -3.36 27.14 -8.03
C ILE B 25 -2.92 27.27 -6.57
N VAL B 26 -3.81 26.92 -5.66
CA VAL B 26 -3.55 27.01 -4.23
C VAL B 26 -2.97 25.70 -3.71
N PHE B 27 -2.02 25.80 -2.78
CA PHE B 27 -1.40 24.64 -2.19
C PHE B 27 -1.52 24.87 -0.68
N PRO B 28 -2.57 24.33 -0.05
CA PRO B 28 -2.82 24.47 1.40
C PRO B 28 -1.73 24.02 2.37
N GLU B 29 -0.89 23.06 1.96
CA GLU B 29 0.17 22.55 2.81
C GLU B 29 1.45 23.38 2.65
N GLY B 30 1.33 24.66 2.92
CA GLY B 30 2.47 25.56 2.78
C GLY B 30 3.80 25.23 3.42
N LEU B 31 3.81 24.46 4.50
CA LEU B 31 5.07 24.11 5.16
C LEU B 31 5.71 22.80 4.67
N ASP B 32 5.03 22.12 3.75
CA ASP B 32 5.51 20.86 3.20
C ASP B 32 6.57 21.10 2.15
N GLU B 33 7.77 20.59 2.35
CA GLU B 33 8.83 20.79 1.38
C GLU B 33 8.55 20.25 -0.03
N ARG B 34 7.68 19.25 -0.13
CA ARG B 34 7.34 18.70 -1.43
C ARG B 34 6.63 19.84 -2.20
N ILE B 35 5.69 20.48 -1.51
CA ILE B 35 4.97 21.59 -2.07
C ILE B 35 5.88 22.81 -2.28
N LEU B 36 6.76 23.08 -1.33
CA LEU B 36 7.63 24.25 -1.48
C LEU B 36 8.55 24.09 -2.65
N GLU B 37 9.13 22.91 -2.82
CA GLU B 37 10.01 22.67 -3.94
C GLU B 37 9.27 22.82 -5.26
N ALA B 38 8.08 22.26 -5.32
CA ALA B 38 7.29 22.31 -6.56
C ALA B 38 6.84 23.73 -6.85
N VAL B 39 6.39 24.38 -5.80
CA VAL B 39 5.92 25.74 -5.90
C VAL B 39 7.08 26.62 -6.34
N SER B 40 8.18 26.52 -5.61
CA SER B 40 9.39 27.28 -5.92
C SER B 40 9.78 27.15 -7.39
N LYS B 41 9.77 25.92 -7.91
CA LYS B 41 10.14 25.66 -9.28
C LYS B 41 9.04 26.07 -10.25
N LEU B 42 7.78 25.85 -9.89
CA LEU B 42 6.70 26.24 -10.78
C LEU B 42 6.76 27.74 -11.07
N ALA B 43 7.02 28.52 -10.02
CA ALA B 43 7.12 29.97 -10.15
C ALA B 43 8.36 30.33 -10.93
N GLY B 44 9.48 29.71 -10.57
CA GLY B 44 10.73 29.99 -11.26
C GLY B 44 10.65 29.91 -12.77
N ASN B 45 10.01 28.87 -13.30
CA ASN B 45 9.90 28.71 -14.74
C ASN B 45 8.68 29.48 -15.27
N LYS B 46 8.00 30.19 -14.38
CA LYS B 46 6.82 30.96 -14.76
C LYS B 46 5.80 30.11 -15.52
N VAL B 47 5.53 28.90 -15.01
CA VAL B 47 4.56 28.01 -15.65
C VAL B 47 3.13 28.37 -15.25
N LEU B 48 2.94 28.64 -13.96
CA LEU B 48 1.64 29.02 -13.40
C LEU B 48 1.93 29.87 -12.16
N ASN B 49 0.92 30.53 -11.60
CA ASN B 49 1.12 31.36 -10.42
C ASN B 49 0.70 30.63 -9.14
N PRO B 50 1.66 30.10 -8.38
CA PRO B 50 1.27 29.40 -7.16
C PRO B 50 0.94 30.23 -5.93
N ILE B 51 -0.11 29.82 -5.23
CA ILE B 51 -0.53 30.48 -3.99
C ILE B 51 -0.33 29.43 -2.92
N VAL B 52 0.31 29.80 -1.83
CA VAL B 52 0.58 28.87 -0.75
C VAL B 52 -0.10 29.37 0.51
N ILE B 53 -0.56 28.47 1.37
CA ILE B 53 -1.21 28.91 2.60
C ILE B 53 -0.43 28.56 3.84
N GLY B 54 -0.36 29.51 4.77
CA GLY B 54 0.39 29.30 5.99
C GLY B 54 0.96 30.60 6.55
N ASN B 55 1.74 30.51 7.62
CA ASN B 55 2.34 31.70 8.21
C ASN B 55 3.52 32.17 7.35
N GLU B 56 3.46 33.42 6.89
CA GLU B 56 4.53 33.94 6.03
C GLU B 56 5.97 33.85 6.54
N ASN B 57 6.21 34.15 7.80
CA ASN B 57 7.57 34.05 8.34
C ASN B 57 8.02 32.61 8.40
N GLU B 58 7.13 31.75 8.87
CA GLU B 58 7.41 30.34 9.01
C GLU B 58 7.75 29.69 7.67
N ILE B 59 6.98 30.02 6.62
CA ILE B 59 7.22 29.47 5.29
C ILE B 59 8.51 30.00 4.70
N GLN B 60 8.70 31.31 4.85
CA GLN B 60 9.87 31.97 4.33
C GLN B 60 11.13 31.33 4.92
N ALA B 61 11.09 31.04 6.21
CA ALA B 61 12.24 30.43 6.87
C ALA B 61 12.41 28.98 6.44
N LYS B 62 11.30 28.28 6.24
CA LYS B 62 11.35 26.88 5.81
C LYS B 62 11.96 26.82 4.40
N ALA B 63 11.46 27.67 3.51
CA ALA B 63 11.97 27.71 2.15
C ALA B 63 13.48 27.93 2.14
N LYS B 64 13.97 28.73 3.08
CA LYS B 64 15.39 29.00 3.16
C LYS B 64 16.21 27.78 3.61
N GLU B 65 15.69 26.99 4.55
CA GLU B 65 16.46 25.83 4.97
C GLU B 65 16.45 24.76 3.88
N LEU B 66 15.65 24.98 2.84
CA LEU B 66 15.55 24.04 1.73
C LEU B 66 16.28 24.64 0.53
N ASN B 67 17.00 25.73 0.79
CA ASN B 67 17.73 26.42 -0.26
C ASN B 67 16.80 26.84 -1.38
N LEU B 68 15.60 27.23 -1.02
CA LEU B 68 14.64 27.67 -2.00
C LEU B 68 14.39 29.16 -1.84
N THR B 69 13.68 29.71 -2.82
CA THR B 69 13.27 31.12 -2.86
C THR B 69 11.80 31.11 -3.25
N LEU B 70 11.02 32.08 -2.80
CA LEU B 70 9.62 32.04 -3.16
C LEU B 70 9.23 33.09 -4.19
N GLY B 71 10.03 33.11 -5.27
CA GLY B 71 9.85 34.04 -6.38
C GLY B 71 8.44 34.53 -6.60
N GLY B 72 7.80 34.09 -7.67
CA GLY B 72 6.46 34.54 -7.95
C GLY B 72 5.43 33.75 -7.16
N VAL B 73 5.67 33.58 -5.86
CA VAL B 73 4.76 32.81 -5.00
C VAL B 73 4.03 33.64 -3.94
N LYS B 74 2.70 33.71 -4.03
CA LYS B 74 1.92 34.48 -3.06
C LYS B 74 1.57 33.64 -1.83
N ILE B 75 1.65 34.26 -0.67
CA ILE B 75 1.40 33.57 0.59
C ILE B 75 0.19 34.19 1.29
N TYR B 76 -0.76 33.34 1.68
CA TYR B 76 -1.97 33.75 2.43
C TYR B 76 -2.00 33.03 3.78
N ASP B 77 -2.21 33.80 4.84
CA ASP B 77 -2.31 33.24 6.18
C ASP B 77 -3.76 33.43 6.59
N PRO B 78 -4.48 32.33 6.91
CA PRO B 78 -5.88 32.47 7.30
C PRO B 78 -6.09 33.39 8.51
N HIS B 79 -5.05 33.60 9.31
CA HIS B 79 -5.13 34.46 10.50
C HIS B 79 -4.76 35.90 10.18
N THR B 80 -4.71 36.21 8.89
CA THR B 80 -4.29 37.53 8.48
C THR B 80 -5.05 38.03 7.27
N TYR B 81 -5.46 37.08 6.44
CA TYR B 81 -6.18 37.43 5.22
C TYR B 81 -7.26 38.48 5.50
N GLU B 82 -7.30 39.48 4.62
CA GLU B 82 -8.25 40.57 4.71
C GLU B 82 -9.66 40.07 4.46
N GLY B 83 -9.84 39.46 3.30
CA GLY B 83 -11.16 38.99 2.93
C GLY B 83 -11.78 37.87 3.74
N MET B 84 -11.21 37.55 4.90
CA MET B 84 -11.76 36.47 5.71
C MET B 84 -13.25 36.66 5.98
N GLU B 85 -13.60 37.79 6.60
CA GLU B 85 -14.98 38.10 6.94
C GLU B 85 -15.91 37.92 5.74
N ASP B 86 -15.44 38.31 4.56
CA ASP B 86 -16.25 38.15 3.34
C ASP B 86 -16.33 36.68 2.97
N LEU B 87 -15.24 35.96 3.20
CA LEU B 87 -15.19 34.53 2.92
C LEU B 87 -16.11 33.83 3.91
N VAL B 88 -15.93 34.16 5.19
CA VAL B 88 -16.76 33.58 6.24
C VAL B 88 -18.23 33.71 5.82
N GLN B 89 -18.61 34.92 5.40
CA GLN B 89 -20.00 35.17 5.00
C GLN B 89 -20.42 34.40 3.77
N ALA B 90 -19.48 34.21 2.84
CA ALA B 90 -19.76 33.45 1.62
C ALA B 90 -19.98 31.97 1.95
N PHE B 91 -19.19 31.47 2.90
CA PHE B 91 -19.28 30.08 3.33
C PHE B 91 -20.64 29.81 3.93
N VAL B 92 -21.04 30.59 4.93
CA VAL B 92 -22.34 30.37 5.55
C VAL B 92 -23.45 30.39 4.51
N GLU B 93 -23.34 31.26 3.51
CA GLU B 93 -24.37 31.33 2.48
C GLU B 93 -24.41 30.07 1.63
N ARG B 94 -23.24 29.49 1.42
CA ARG B 94 -23.09 28.29 0.63
C ARG B 94 -23.57 27.05 1.42
N ARG B 95 -23.37 27.07 2.74
CA ARG B 95 -23.76 25.96 3.59
C ARG B 95 -25.25 26.00 3.91
N LYS B 96 -25.96 26.92 3.29
CA LYS B 96 -27.40 27.08 3.48
C LYS B 96 -27.94 26.93 4.90
N GLY B 97 -27.28 27.57 5.86
CA GLY B 97 -27.73 27.52 7.23
C GLY B 97 -27.17 26.37 8.05
N LYS B 98 -26.42 25.50 7.42
CA LYS B 98 -25.84 24.38 8.12
C LYS B 98 -24.69 24.86 8.98
N ALA B 99 -24.23 26.09 8.76
CA ALA B 99 -23.13 26.65 9.52
C ALA B 99 -23.43 28.01 10.13
N THR B 100 -23.15 28.14 11.43
CA THR B 100 -23.38 29.42 12.10
C THR B 100 -22.21 30.28 11.65
N GLU B 101 -22.13 31.48 12.19
CA GLU B 101 -21.04 32.36 11.84
C GLU B 101 -19.78 31.89 12.56
N GLU B 102 -19.92 31.50 13.82
CA GLU B 102 -18.76 31.03 14.57
C GLU B 102 -18.21 29.76 13.98
N GLN B 103 -19.11 28.94 13.43
CA GLN B 103 -18.68 27.70 12.82
C GLN B 103 -17.87 28.03 11.58
N ALA B 104 -18.45 28.86 10.71
CA ALA B 104 -17.81 29.26 9.48
C ALA B 104 -16.43 29.81 9.76
N ARG B 105 -16.35 30.78 10.66
CA ARG B 105 -15.07 31.38 11.00
C ARG B 105 -14.05 30.30 11.34
N LYS B 106 -14.44 29.37 12.21
CA LYS B 106 -13.56 28.26 12.62
C LYS B 106 -13.18 27.35 11.45
N ALA B 107 -14.18 27.00 10.64
CA ALA B 107 -13.96 26.14 9.50
C ALA B 107 -12.90 26.73 8.60
N LEU B 108 -13.06 28.01 8.26
CA LEU B 108 -12.11 28.67 7.38
C LEU B 108 -10.71 28.92 7.93
N LEU B 109 -10.45 28.53 9.18
CA LEU B 109 -9.10 28.71 9.68
C LEU B 109 -8.27 27.52 9.23
N ASP B 110 -8.94 26.57 8.58
CA ASP B 110 -8.32 25.36 8.08
C ASP B 110 -7.77 25.55 6.68
N GLU B 111 -6.50 25.16 6.51
CA GLU B 111 -5.81 25.26 5.25
C GLU B 111 -6.63 24.86 4.05
N ASN B 112 -7.15 23.64 4.09
CA ASN B 112 -7.94 23.13 2.99
C ASN B 112 -9.21 23.90 2.76
N TYR B 113 -9.90 24.26 3.84
CA TYR B 113 -11.13 25.02 3.70
C TYR B 113 -10.83 26.43 3.20
N PHE B 114 -9.83 27.05 3.80
CA PHE B 114 -9.43 28.39 3.40
C PHE B 114 -9.12 28.40 1.91
N GLY B 115 -8.31 27.44 1.47
CA GLY B 115 -7.93 27.37 0.07
C GLY B 115 -9.07 27.03 -0.86
N THR B 116 -10.08 26.31 -0.36
CA THR B 116 -11.21 25.92 -1.20
C THR B 116 -12.10 27.11 -1.42
N MET B 117 -12.21 27.95 -0.40
CA MET B 117 -13.01 29.15 -0.48
C MET B 117 -12.38 30.09 -1.49
N LEU B 118 -11.04 30.17 -1.47
CA LEU B 118 -10.31 31.03 -2.39
C LEU B 118 -10.60 30.64 -3.84
N VAL B 119 -10.57 29.34 -4.11
CA VAL B 119 -10.85 28.87 -5.45
C VAL B 119 -12.31 29.16 -5.81
N TYR B 120 -13.19 29.02 -4.82
CA TYR B 120 -14.63 29.25 -5.00
C TYR B 120 -14.94 30.69 -5.35
N LYS B 121 -14.27 31.63 -4.70
CA LYS B 121 -14.53 33.03 -4.97
C LYS B 121 -13.61 33.63 -6.03
N GLY B 122 -13.03 32.79 -6.90
CA GLY B 122 -12.19 33.31 -7.97
C GLY B 122 -10.80 33.80 -7.64
N LEU B 123 -10.44 33.82 -6.36
CA LEU B 123 -9.13 34.29 -5.99
C LEU B 123 -8.06 33.25 -6.34
N ALA B 124 -8.50 32.11 -6.86
CA ALA B 124 -7.61 31.04 -7.27
C ALA B 124 -8.41 30.22 -8.25
N ASP B 125 -7.74 29.49 -9.13
CA ASP B 125 -8.43 28.71 -10.15
C ASP B 125 -8.56 27.20 -9.85
N GLY B 126 -7.70 26.69 -8.99
CA GLY B 126 -7.76 25.28 -8.67
C GLY B 126 -6.94 25.01 -7.43
N LEU B 127 -7.29 23.95 -6.72
CA LEU B 127 -6.57 23.60 -5.50
C LEU B 127 -5.87 22.25 -5.64
N VAL B 128 -4.76 22.10 -4.91
CA VAL B 128 -3.96 20.88 -4.89
C VAL B 128 -3.40 20.61 -3.49
N SER B 129 -4.00 19.64 -2.82
CA SER B 129 -3.58 19.28 -1.48
C SER B 129 -3.46 17.77 -1.43
N GLY B 130 -3.14 17.20 -0.27
CA GLY B 130 -3.03 15.76 -0.17
C GLY B 130 -1.72 15.22 0.39
N ALA B 131 -0.63 15.96 0.18
CA ALA B 131 0.68 15.55 0.66
C ALA B 131 0.78 15.35 2.18
N ALA B 132 -0.22 15.82 2.92
CA ALA B 132 -0.19 15.69 4.39
C ALA B 132 -1.59 15.71 5.01
N HIS B 133 -2.56 15.14 4.28
CA HIS B 133 -3.97 15.03 4.69
C HIS B 133 -4.58 13.75 4.09
N SER B 134 -5.66 13.28 4.70
CA SER B 134 -6.37 12.12 4.20
C SER B 134 -7.05 12.57 2.91
N THR B 135 -7.37 11.62 2.03
CA THR B 135 -8.01 11.98 0.78
C THR B 135 -9.40 12.56 1.04
N ALA B 136 -9.96 12.26 2.21
CA ALA B 136 -11.29 12.77 2.55
C ALA B 136 -11.15 14.24 2.93
N ASP B 137 -10.12 14.56 3.70
CA ASP B 137 -9.89 15.93 4.12
C ASP B 137 -9.74 16.93 2.99
N THR B 138 -9.54 16.45 1.77
CA THR B 138 -9.41 17.33 0.62
C THR B 138 -10.75 17.38 -0.11
N VAL B 139 -11.28 16.21 -0.46
CA VAL B 139 -12.55 16.10 -1.17
C VAL B 139 -13.75 16.59 -0.35
N ARG B 140 -13.64 16.60 0.97
CA ARG B 140 -14.76 17.05 1.79
C ARG B 140 -15.15 18.48 1.40
N PRO B 141 -14.32 19.47 1.76
CA PRO B 141 -14.67 20.84 1.41
C PRO B 141 -14.95 21.01 -0.09
N ALA B 142 -14.20 20.30 -0.92
CA ALA B 142 -14.43 20.38 -2.36
C ALA B 142 -15.90 20.15 -2.70
N LEU B 143 -16.57 19.31 -1.93
CA LEU B 143 -17.96 19.01 -2.20
C LEU B 143 -18.94 19.87 -1.43
N GLN B 144 -18.48 20.44 -0.32
CA GLN B 144 -19.33 21.30 0.49
C GLN B 144 -19.37 22.72 -0.09
N ILE B 145 -18.20 23.20 -0.51
CA ILE B 145 -18.06 24.55 -1.07
C ILE B 145 -18.28 24.53 -2.59
N ILE B 146 -17.22 24.13 -3.28
CA ILE B 146 -17.23 23.98 -4.74
C ILE B 146 -18.16 22.77 -4.88
N LYS B 147 -18.83 22.61 -6.01
CA LYS B 147 -19.68 21.44 -6.12
C LYS B 147 -19.48 20.73 -7.46
N THR B 148 -20.38 19.82 -7.82
CA THR B 148 -20.25 19.13 -9.09
C THR B 148 -20.92 19.93 -10.19
N LYS B 149 -20.37 19.81 -11.40
CA LYS B 149 -20.89 20.53 -12.56
C LYS B 149 -22.35 20.26 -12.92
N GLU B 150 -22.79 20.97 -13.95
CA GLU B 150 -24.14 20.89 -14.48
C GLU B 150 -24.91 19.61 -14.15
N GLY B 151 -24.68 18.57 -14.95
CA GLY B 151 -25.37 17.32 -14.74
C GLY B 151 -24.58 16.21 -14.10
N VAL B 152 -23.69 16.58 -13.17
CA VAL B 152 -22.88 15.60 -12.46
C VAL B 152 -23.34 15.51 -11.01
N LYS B 153 -23.41 14.31 -10.47
CA LYS B 153 -23.86 14.13 -9.10
C LYS B 153 -22.70 13.73 -8.18
N LYS B 154 -21.67 13.11 -8.77
CA LYS B 154 -20.51 12.67 -8.00
C LYS B 154 -19.15 12.82 -8.71
N THR B 155 -18.09 12.83 -7.92
CA THR B 155 -16.75 12.93 -8.45
C THR B 155 -16.27 11.50 -8.65
N SER B 156 -15.22 11.35 -9.43
CA SER B 156 -14.66 10.04 -9.68
C SER B 156 -13.16 10.27 -9.77
N GLY B 157 -12.39 9.21 -9.54
CA GLY B 157 -10.96 9.35 -9.61
C GLY B 157 -10.39 8.56 -10.75
N VAL B 158 -9.86 9.24 -11.76
CA VAL B 158 -9.30 8.54 -12.88
C VAL B 158 -7.80 8.46 -12.69
N PHE B 159 -7.18 7.61 -13.49
CA PHE B 159 -5.73 7.43 -13.47
C PHE B 159 -5.25 7.39 -14.89
N ILE B 160 -4.16 8.08 -15.18
CA ILE B 160 -3.67 8.02 -16.54
C ILE B 160 -2.64 6.89 -16.51
N MET B 161 -2.82 5.92 -17.40
CA MET B 161 -1.90 4.80 -17.47
C MET B 161 -1.05 4.99 -18.73
N ALA B 162 0.25 4.82 -18.58
CA ALA B 162 1.11 5.01 -19.72
C ALA B 162 2.32 4.08 -19.72
N ARG B 163 2.59 3.52 -20.89
CA ARG B 163 3.74 2.66 -21.06
C ARG B 163 4.22 2.88 -22.49
N GLY B 164 5.27 3.69 -22.64
CA GLY B 164 5.78 3.99 -23.96
C GLY B 164 4.72 4.76 -24.72
N GLU B 165 4.31 4.23 -25.87
CA GLU B 165 3.31 4.89 -26.72
C GLU B 165 1.87 4.72 -26.18
N GLU B 166 1.66 3.62 -25.45
CA GLU B 166 0.35 3.27 -24.86
C GLU B 166 -0.16 4.26 -23.80
N GLN B 167 -1.38 4.75 -23.99
CA GLN B 167 -2.00 5.68 -23.04
C GLN B 167 -3.47 5.35 -22.80
N TYR B 168 -3.82 5.06 -21.56
CA TYR B 168 -5.20 4.72 -21.22
C TYR B 168 -5.68 5.46 -19.99
N VAL B 169 -7.00 5.48 -19.82
CA VAL B 169 -7.63 6.12 -18.66
C VAL B 169 -8.39 5.01 -17.92
N PHE B 170 -8.28 4.98 -16.60
CA PHE B 170 -9.01 3.99 -15.77
C PHE B 170 -10.08 4.66 -14.87
N ALA B 171 -11.34 4.28 -15.07
CA ALA B 171 -12.51 4.85 -14.36
C ALA B 171 -12.74 4.53 -12.91
N ASP B 172 -12.67 5.59 -12.11
CA ASP B 172 -12.79 5.59 -10.66
C ASP B 172 -12.23 4.40 -9.92
N CYS B 173 -10.93 4.50 -9.67
CA CYS B 173 -10.16 3.49 -8.97
C CYS B 173 -9.79 4.11 -7.61
N ALA B 174 -10.56 5.11 -7.18
CA ALA B 174 -10.24 5.77 -5.93
C ALA B 174 -11.36 6.33 -5.05
N ILE B 175 -12.34 7.01 -5.64
CA ILE B 175 -13.40 7.60 -4.84
C ILE B 175 -14.59 6.71 -4.49
N ASN B 176 -15.56 6.68 -5.40
CA ASN B 176 -16.79 5.92 -5.24
C ASN B 176 -16.61 4.41 -5.01
N ILE B 177 -17.05 3.91 -3.85
CA ILE B 177 -16.90 2.48 -3.54
C ILE B 177 -17.76 1.53 -4.36
N ALA B 178 -19.07 1.59 -4.21
CA ALA B 178 -19.99 0.70 -4.93
C ALA B 178 -20.92 1.47 -5.89
N PRO B 179 -20.37 1.98 -6.99
CA PRO B 179 -21.19 2.73 -7.96
C PRO B 179 -22.30 1.88 -8.58
N ASP B 180 -23.44 2.53 -8.86
CA ASP B 180 -24.57 1.85 -9.46
C ASP B 180 -24.70 2.27 -10.92
N SER B 181 -25.69 1.75 -11.61
CA SER B 181 -25.91 2.07 -13.03
C SER B 181 -25.77 3.56 -13.36
N GLN B 182 -26.49 4.42 -12.65
CA GLN B 182 -26.42 5.87 -12.88
C GLN B 182 -25.02 6.40 -12.67
N ASP B 183 -24.37 5.93 -11.61
CA ASP B 183 -23.02 6.36 -11.32
C ASP B 183 -22.04 5.97 -12.42
N LEU B 184 -22.00 4.69 -12.77
CA LEU B 184 -21.09 4.21 -13.79
C LEU B 184 -21.23 5.00 -15.10
N ALA B 185 -22.45 5.12 -15.60
CA ALA B 185 -22.70 5.85 -16.84
C ALA B 185 -22.05 7.24 -16.78
N GLU B 186 -22.13 7.85 -15.60
CA GLU B 186 -21.55 9.17 -15.36
C GLU B 186 -20.03 9.07 -15.34
N ILE B 187 -19.50 8.09 -14.62
CA ILE B 187 -18.05 7.90 -14.55
C ILE B 187 -17.49 7.77 -15.93
N ALA B 188 -18.23 7.07 -16.79
CA ALA B 188 -17.82 6.87 -18.17
C ALA B 188 -17.84 8.19 -18.96
N ILE B 189 -18.93 8.95 -18.85
CA ILE B 189 -19.02 10.22 -19.60
C ILE B 189 -17.94 11.21 -19.15
N GLU B 190 -17.77 11.35 -17.84
CA GLU B 190 -16.79 12.27 -17.29
C GLU B 190 -15.35 11.85 -17.59
N SER B 191 -15.07 10.55 -17.50
CA SER B 191 -13.73 10.03 -17.77
C SER B 191 -13.38 10.30 -19.23
N ALA B 192 -14.36 10.13 -20.10
CA ALA B 192 -14.17 10.35 -21.53
C ALA B 192 -13.77 11.80 -21.81
N ASN B 193 -14.37 12.72 -21.08
CA ASN B 193 -14.04 14.12 -21.27
C ASN B 193 -12.67 14.43 -20.69
N THR B 194 -12.37 13.81 -19.55
CA THR B 194 -11.09 14.02 -18.90
C THR B 194 -9.94 13.52 -19.78
N ALA B 195 -10.23 12.51 -20.61
CA ALA B 195 -9.23 11.96 -21.51
C ALA B 195 -8.94 12.94 -22.64
N LYS B 196 -9.89 13.83 -22.93
CA LYS B 196 -9.73 14.84 -23.97
C LYS B 196 -8.57 15.77 -23.60
N MET B 197 -8.42 15.99 -22.30
CA MET B 197 -7.38 16.88 -21.79
C MET B 197 -5.97 16.36 -22.07
N PHE B 198 -5.84 15.06 -22.25
CA PHE B 198 -4.53 14.47 -22.56
C PHE B 198 -4.47 14.15 -24.05
N ASP B 199 -5.35 14.79 -24.81
CA ASP B 199 -5.39 14.59 -26.25
C ASP B 199 -5.58 13.14 -26.68
N ILE B 200 -6.45 12.44 -25.95
CA ILE B 200 -6.79 11.05 -26.25
C ILE B 200 -8.18 11.03 -26.87
N GLU B 201 -8.36 10.20 -27.89
CA GLU B 201 -9.66 10.13 -28.54
C GLU B 201 -10.50 9.05 -27.85
N PRO B 202 -11.46 9.48 -27.01
CA PRO B 202 -12.37 8.62 -26.25
C PRO B 202 -12.97 7.42 -26.93
N ARG B 203 -12.70 6.29 -26.32
CA ARG B 203 -13.23 4.99 -26.74
C ARG B 203 -13.43 4.21 -25.43
N VAL B 204 -14.60 4.43 -24.85
CA VAL B 204 -14.95 3.84 -23.56
C VAL B 204 -15.44 2.42 -23.63
N ALA B 205 -15.05 1.62 -22.64
CA ALA B 205 -15.47 0.23 -22.53
C ALA B 205 -15.88 0.03 -21.07
N MET B 206 -17.14 -0.36 -20.84
CA MET B 206 -17.64 -0.60 -19.48
C MET B 206 -17.30 -2.04 -19.08
N LEU B 207 -16.37 -2.21 -18.16
CA LEU B 207 -15.97 -3.56 -17.77
C LEU B 207 -16.87 -4.33 -16.80
N SER B 208 -16.75 -5.66 -16.88
CA SER B 208 -17.49 -6.59 -16.04
C SER B 208 -16.82 -7.96 -16.18
N PHE B 209 -17.47 -9.01 -15.69
CA PHE B 209 -16.89 -10.35 -15.79
C PHE B 209 -17.53 -11.24 -16.88
N SER B 210 -18.23 -10.59 -17.80
CA SER B 210 -18.89 -11.27 -18.90
C SER B 210 -19.00 -10.28 -20.03
N THR B 211 -19.13 -10.79 -21.25
CA THR B 211 -19.23 -9.91 -22.39
C THR B 211 -20.62 -10.03 -23.02
N LYS B 212 -21.26 -8.87 -23.13
CA LYS B 212 -22.59 -8.72 -23.69
C LYS B 212 -23.50 -9.94 -23.61
N GLY B 213 -23.63 -10.53 -22.44
CA GLY B 213 -24.51 -11.68 -22.31
C GLY B 213 -23.93 -12.93 -21.68
N SER B 214 -22.62 -13.11 -21.77
CA SER B 214 -21.96 -14.30 -21.20
C SER B 214 -22.63 -14.83 -19.93
N ALA B 215 -22.68 -13.98 -18.90
CA ALA B 215 -23.31 -14.36 -17.65
C ALA B 215 -24.37 -13.29 -17.42
N LYS B 216 -25.47 -13.64 -16.78
CA LYS B 216 -26.51 -12.66 -16.51
C LYS B 216 -26.86 -12.67 -15.02
N SER B 217 -26.38 -11.67 -14.31
CA SER B 217 -26.64 -11.55 -12.88
C SER B 217 -26.96 -10.07 -12.66
N ASP B 218 -27.05 -9.65 -11.42
CA ASP B 218 -27.35 -8.26 -11.16
C ASP B 218 -26.14 -7.45 -11.59
N GLU B 219 -24.97 -7.91 -11.19
CA GLU B 219 -23.71 -7.23 -11.49
C GLU B 219 -23.50 -6.95 -12.98
N THR B 220 -23.91 -7.88 -13.85
CA THR B 220 -23.73 -7.65 -15.28
C THR B 220 -24.78 -6.68 -15.79
N GLU B 221 -25.99 -6.80 -15.27
CA GLU B 221 -27.08 -5.91 -15.67
C GLU B 221 -26.80 -4.48 -15.22
N LYS B 222 -26.16 -4.34 -14.06
CA LYS B 222 -25.81 -3.02 -13.51
C LYS B 222 -25.05 -2.25 -14.57
N VAL B 223 -24.01 -2.90 -15.09
CA VAL B 223 -23.18 -2.31 -16.12
C VAL B 223 -23.92 -2.19 -17.45
N ALA B 224 -24.66 -3.24 -17.82
CA ALA B 224 -25.41 -3.22 -19.06
C ALA B 224 -26.33 -2.02 -19.07
N ASP B 225 -27.03 -1.81 -17.96
CA ASP B 225 -27.95 -0.69 -17.78
C ASP B 225 -27.13 0.58 -17.85
N ALA B 226 -25.96 0.55 -17.23
CA ALA B 226 -25.07 1.69 -17.22
C ALA B 226 -24.77 2.15 -18.65
N VAL B 227 -24.62 1.19 -19.55
CA VAL B 227 -24.32 1.49 -20.95
C VAL B 227 -25.50 2.17 -21.64
N LYS B 228 -26.71 1.72 -21.32
CA LYS B 228 -27.93 2.28 -21.89
C LYS B 228 -27.95 3.75 -21.54
N ILE B 229 -27.96 4.00 -20.24
CA ILE B 229 -27.99 5.36 -19.67
C ILE B 229 -26.96 6.27 -20.38
N ALA B 230 -25.70 5.82 -20.41
CA ALA B 230 -24.61 6.59 -21.02
C ALA B 230 -24.86 6.87 -22.49
N LYS B 231 -25.19 5.83 -23.24
CA LYS B 231 -25.45 5.97 -24.66
C LYS B 231 -26.61 6.88 -24.95
N GLU B 232 -27.63 6.83 -24.11
CA GLU B 232 -28.81 7.66 -24.28
C GLU B 232 -28.43 9.10 -23.95
N LYS B 233 -27.79 9.29 -22.80
CA LYS B 233 -27.39 10.61 -22.34
C LYS B 233 -26.32 11.25 -23.21
N ALA B 234 -25.44 10.43 -23.80
CA ALA B 234 -24.37 10.97 -24.63
C ALA B 234 -24.13 10.17 -25.91
N PRO B 235 -25.06 10.22 -26.87
CA PRO B 235 -25.06 9.54 -28.18
C PRO B 235 -23.74 9.44 -28.97
N GLU B 236 -23.12 10.60 -29.22
CA GLU B 236 -21.87 10.68 -30.00
C GLU B 236 -20.65 9.97 -29.41
N LEU B 237 -20.59 9.85 -28.10
CA LEU B 237 -19.47 9.22 -27.42
C LEU B 237 -19.38 7.73 -27.78
N THR B 238 -18.22 7.30 -28.28
CA THR B 238 -18.01 5.91 -28.65
C THR B 238 -17.78 5.03 -27.44
N LEU B 239 -18.79 4.28 -27.06
CA LEU B 239 -18.70 3.39 -25.92
C LEU B 239 -19.76 2.30 -26.02
N ASP B 240 -19.35 1.05 -25.85
CA ASP B 240 -20.28 -0.07 -25.85
C ASP B 240 -20.05 -0.74 -24.51
N GLY B 241 -20.98 -1.55 -24.04
CA GLY B 241 -20.77 -2.11 -22.72
C GLY B 241 -21.03 -3.51 -22.28
N GLU B 242 -20.36 -3.80 -21.17
CA GLU B 242 -20.37 -5.06 -20.50
C GLU B 242 -19.39 -5.96 -21.23
N PHE B 243 -18.11 -5.57 -21.13
CA PHE B 243 -17.01 -6.28 -21.74
C PHE B 243 -16.13 -6.87 -20.66
N GLN B 244 -15.32 -7.85 -21.04
CA GLN B 244 -14.37 -8.44 -20.12
C GLN B 244 -13.13 -7.71 -20.61
N PHE B 245 -12.06 -7.67 -19.83
CA PHE B 245 -10.90 -6.96 -20.31
C PHE B 245 -10.48 -7.46 -21.71
N ASP B 246 -10.61 -8.75 -21.97
CA ASP B 246 -10.25 -9.34 -23.26
C ASP B 246 -10.82 -8.52 -24.40
N ALA B 247 -12.13 -8.67 -24.54
CA ALA B 247 -12.92 -8.03 -25.58
C ALA B 247 -12.65 -6.55 -25.72
N ALA B 248 -12.36 -5.87 -24.62
CA ALA B 248 -12.12 -4.43 -24.67
C ALA B 248 -10.71 -4.07 -25.13
N PHE B 249 -9.74 -4.93 -24.81
CA PHE B 249 -8.34 -4.69 -25.13
C PHE B 249 -7.74 -5.36 -26.38
N VAL B 250 -8.15 -6.59 -26.69
CA VAL B 250 -7.61 -7.29 -27.86
C VAL B 250 -8.67 -7.61 -28.92
N PRO B 251 -8.53 -7.01 -30.12
CA PRO B 251 -9.41 -7.15 -31.30
C PRO B 251 -9.85 -8.57 -31.70
N SER B 252 -8.94 -9.53 -31.61
CA SER B 252 -9.25 -10.92 -31.95
C SER B 252 -10.47 -11.30 -31.15
N VAL B 253 -10.38 -11.08 -29.84
CA VAL B 253 -11.44 -11.41 -28.90
C VAL B 253 -12.70 -10.56 -29.09
N ALA B 254 -12.54 -9.36 -29.63
CA ALA B 254 -13.67 -8.46 -29.85
C ALA B 254 -14.64 -9.05 -30.86
N GLU B 255 -14.16 -9.38 -32.06
CA GLU B 255 -15.02 -9.94 -33.11
C GLU B 255 -15.60 -11.31 -32.72
N LYS B 256 -14.93 -12.02 -31.82
CA LYS B 256 -15.42 -13.33 -31.38
C LYS B 256 -16.50 -13.14 -30.31
N LYS B 257 -16.08 -12.69 -29.13
CA LYS B 257 -17.00 -12.45 -28.02
C LYS B 257 -18.18 -11.51 -28.35
N ALA B 258 -17.95 -10.51 -29.21
CA ALA B 258 -19.05 -9.58 -29.53
C ALA B 258 -18.81 -8.60 -30.70
N PRO B 259 -19.10 -9.03 -31.93
CA PRO B 259 -18.91 -8.15 -33.08
C PRO B 259 -20.09 -7.18 -33.15
N ASP B 260 -20.15 -6.37 -34.21
CA ASP B 260 -21.23 -5.40 -34.38
C ASP B 260 -21.14 -4.27 -33.36
N SER B 261 -20.25 -4.43 -32.38
CA SER B 261 -20.08 -3.42 -31.34
C SER B 261 -19.10 -2.33 -31.77
N GLU B 262 -19.35 -1.10 -31.30
CA GLU B 262 -18.49 0.04 -31.63
C GLU B 262 -17.06 -0.28 -31.29
N ILE B 263 -16.83 -0.71 -30.05
CA ILE B 263 -15.48 -1.08 -29.63
C ILE B 263 -14.98 -2.32 -30.32
N LYS B 264 -13.82 -2.20 -30.97
CA LYS B 264 -13.24 -3.34 -31.65
C LYS B 264 -11.90 -3.67 -31.01
N GLY B 265 -11.93 -3.96 -29.71
CA GLY B 265 -10.72 -4.29 -28.98
C GLY B 265 -9.70 -3.15 -28.93
N ASP B 266 -10.18 -1.92 -29.12
CA ASP B 266 -9.38 -0.69 -29.12
C ASP B 266 -9.92 0.33 -28.10
N ALA B 267 -10.19 -0.13 -26.89
CA ALA B 267 -10.69 0.75 -25.86
C ALA B 267 -9.50 1.47 -25.26
N ASN B 268 -9.67 2.76 -24.96
CA ASN B 268 -8.59 3.53 -24.37
C ASN B 268 -9.07 4.27 -23.12
N VAL B 269 -10.24 3.85 -22.64
CA VAL B 269 -10.88 4.40 -21.45
C VAL B 269 -11.63 3.21 -20.86
N PHE B 270 -11.15 2.70 -19.74
CA PHE B 270 -11.78 1.53 -19.12
C PHE B 270 -12.52 1.85 -17.83
N VAL B 271 -13.85 1.80 -17.89
CA VAL B 271 -14.68 2.07 -16.71
C VAL B 271 -14.90 0.79 -15.91
N PHE B 272 -14.36 0.77 -14.69
CA PHE B 272 -14.49 -0.41 -13.84
C PHE B 272 -15.85 -0.41 -13.13
N PRO B 273 -16.41 -1.60 -12.84
CA PRO B 273 -17.71 -1.78 -12.18
C PRO B 273 -17.77 -1.48 -10.69
N SER B 274 -16.63 -1.56 -10.01
CA SER B 274 -16.61 -1.27 -8.57
C SER B 274 -15.23 -0.80 -8.15
N LEU B 275 -15.14 -0.14 -7.00
CA LEU B 275 -13.87 0.34 -6.50
C LEU B 275 -12.90 -0.82 -6.26
N GLU B 276 -13.44 -2.00 -5.95
CA GLU B 276 -12.58 -3.15 -5.72
C GLU B 276 -11.87 -3.52 -7.02
N ALA B 277 -12.61 -3.53 -8.13
CA ALA B 277 -12.01 -3.86 -9.42
C ALA B 277 -11.07 -2.72 -9.87
N GLY B 278 -11.58 -1.50 -9.81
CA GLY B 278 -10.79 -0.35 -10.20
C GLY B 278 -9.46 -0.18 -9.50
N ASN B 279 -9.47 -0.29 -8.17
CA ASN B 279 -8.25 -0.11 -7.40
C ASN B 279 -7.26 -1.23 -7.67
N ILE B 280 -7.69 -2.47 -7.53
CA ILE B 280 -6.80 -3.59 -7.80
C ILE B 280 -6.36 -3.55 -9.24
N GLY B 281 -7.25 -3.06 -10.10
CA GLY B 281 -6.95 -2.98 -11.52
C GLY B 281 -5.74 -2.17 -11.90
N TYR B 282 -5.82 -0.86 -11.67
CA TYR B 282 -4.70 0.01 -12.05
C TYR B 282 -3.40 -0.45 -11.38
N LYS B 283 -3.51 -0.95 -10.15
CA LYS B 283 -2.32 -1.42 -9.42
C LYS B 283 -1.70 -2.66 -10.05
N ILE B 284 -2.52 -3.60 -10.52
CA ILE B 284 -1.98 -4.77 -11.20
C ILE B 284 -1.34 -4.33 -12.52
N ALA B 285 -2.01 -3.39 -13.19
CA ALA B 285 -1.49 -2.86 -14.46
C ALA B 285 -0.15 -2.17 -14.23
N GLN B 286 -0.04 -1.46 -13.12
CA GLN B 286 1.19 -0.74 -12.76
C GLN B 286 2.31 -1.69 -12.35
N ARG B 287 2.15 -2.39 -11.23
CA ARG B 287 3.18 -3.31 -10.76
C ARG B 287 3.46 -4.51 -11.66
N LEU B 288 2.44 -5.10 -12.28
CA LEU B 288 2.69 -6.24 -13.16
C LEU B 288 2.92 -5.86 -14.61
N GLY B 289 2.10 -4.97 -15.15
CA GLY B 289 2.23 -4.56 -16.53
C GLY B 289 3.33 -3.55 -16.76
N ASN B 290 3.91 -3.05 -15.67
CA ASN B 290 4.98 -2.06 -15.76
C ASN B 290 4.51 -0.81 -16.47
N PHE B 291 3.32 -0.36 -16.10
CA PHE B 291 2.75 0.86 -16.65
C PHE B 291 3.01 1.98 -15.66
N GLU B 292 3.23 3.19 -16.17
CA GLU B 292 3.44 4.34 -15.29
C GLU B 292 2.01 4.75 -14.91
N ALA B 293 1.78 4.91 -13.61
CA ALA B 293 0.44 5.29 -13.15
C ALA B 293 0.41 6.63 -12.45
N VAL B 294 -0.33 7.56 -13.05
CA VAL B 294 -0.47 8.91 -12.49
C VAL B 294 -1.64 8.83 -11.53
N GLY B 295 -1.33 9.21 -10.26
CA GLY B 295 -2.21 9.22 -9.09
C GLY B 295 -3.66 9.67 -9.28
N PRO B 296 -4.59 9.52 -8.31
CA PRO B 296 -5.96 9.97 -8.58
C PRO B 296 -6.16 11.39 -9.10
N ILE B 297 -7.02 11.52 -10.12
CA ILE B 297 -7.32 12.82 -10.70
C ILE B 297 -8.82 12.94 -10.59
N LEU B 298 -9.30 13.89 -9.81
CA LEU B 298 -10.73 14.05 -9.62
C LEU B 298 -11.34 14.64 -10.89
N GLN B 299 -12.66 14.53 -11.03
CA GLN B 299 -13.33 15.05 -12.20
C GLN B 299 -14.79 15.39 -11.92
N GLY B 300 -15.34 16.30 -12.72
CA GLY B 300 -16.74 16.66 -12.58
C GLY B 300 -17.10 17.79 -11.64
N LEU B 301 -16.11 18.41 -11.01
CA LEU B 301 -16.35 19.51 -10.09
C LEU B 301 -16.44 20.85 -10.85
N ASN B 302 -16.93 21.89 -10.18
CA ASN B 302 -17.02 23.19 -10.82
C ASN B 302 -15.62 23.80 -10.98
N MET B 303 -14.79 23.64 -9.97
CA MET B 303 -13.41 24.13 -10.04
C MET B 303 -12.44 23.01 -9.67
N PRO B 304 -11.31 22.93 -10.39
CA PRO B 304 -10.26 21.92 -10.20
C PRO B 304 -9.77 21.74 -8.78
N VAL B 305 -9.78 20.49 -8.33
CA VAL B 305 -9.31 20.15 -6.99
C VAL B 305 -8.69 18.78 -7.14
N ASN B 306 -7.51 18.58 -6.58
CA ASN B 306 -6.88 17.26 -6.68
C ASN B 306 -6.13 16.81 -5.46
N ASP B 307 -6.15 15.51 -5.24
CA ASP B 307 -5.52 14.94 -4.07
C ASP B 307 -4.19 14.24 -4.34
N LEU B 308 -3.13 14.77 -3.75
CA LEU B 308 -1.80 14.18 -3.87
C LEU B 308 -1.76 13.02 -2.89
N SER B 309 -0.84 12.11 -3.09
CA SER B 309 -0.68 10.98 -2.18
C SER B 309 0.23 11.44 -1.06
N ARG B 310 -0.14 11.08 0.17
CA ARG B 310 0.69 11.42 1.31
C ARG B 310 1.98 10.75 0.87
N GLY B 311 3.09 11.07 1.49
CA GLY B 311 4.34 10.45 1.05
C GLY B 311 4.49 10.43 -0.46
N CYS B 312 4.19 11.54 -1.12
CA CYS B 312 4.32 11.65 -2.57
C CYS B 312 5.67 12.20 -2.94
N ASN B 313 5.80 12.57 -4.20
CA ASN B 313 7.07 13.06 -4.76
C ASN B 313 7.00 14.56 -5.06
N ALA B 314 8.13 15.25 -4.96
CA ALA B 314 8.16 16.69 -5.23
C ALA B 314 7.75 16.95 -6.68
N GLU B 315 8.15 16.05 -7.58
CA GLU B 315 7.78 16.19 -8.98
C GLU B 315 6.32 15.78 -9.15
N ASP B 316 5.81 14.96 -8.23
CA ASP B 316 4.41 14.53 -8.28
C ASP B 316 3.53 15.73 -8.02
N VAL B 317 4.00 16.60 -7.14
CA VAL B 317 3.29 17.82 -6.76
C VAL B 317 3.25 18.76 -7.97
N TYR B 318 4.38 18.85 -8.67
CA TYR B 318 4.55 19.68 -9.84
C TYR B 318 3.58 19.28 -10.97
N ASN B 319 3.50 17.97 -11.23
CA ASN B 319 2.64 17.46 -12.30
C ASN B 319 1.15 17.53 -11.96
N LEU B 320 0.79 17.28 -10.71
CA LEU B 320 -0.62 17.37 -10.36
C LEU B 320 -1.04 18.80 -10.64
N ALA B 321 -0.15 19.74 -10.30
CA ALA B 321 -0.42 21.16 -10.53
C ALA B 321 -0.64 21.42 -12.01
N LEU B 322 0.17 20.80 -12.85
CA LEU B 322 0.02 20.96 -14.28
C LEU B 322 -1.34 20.43 -14.73
N ILE B 323 -1.72 19.27 -14.20
CA ILE B 323 -3.01 18.67 -14.54
C ILE B 323 -4.17 19.51 -14.00
N THR B 324 -4.05 19.96 -12.75
CA THR B 324 -5.06 20.79 -12.11
C THR B 324 -5.25 22.12 -12.86
N ALA B 325 -4.15 22.71 -13.32
CA ALA B 325 -4.22 23.97 -14.04
C ALA B 325 -4.93 23.73 -15.36
N ALA B 326 -4.61 22.60 -16.01
CA ALA B 326 -5.24 22.25 -17.27
C ALA B 326 -6.76 22.13 -17.12
N GLN B 327 -7.22 21.48 -16.05
CA GLN B 327 -8.64 21.32 -15.80
C GLN B 327 -9.32 22.67 -15.71
N ALA B 328 -8.61 23.67 -15.18
CA ALA B 328 -9.15 25.03 -15.04
C ALA B 328 -9.30 25.75 -16.38
N LEU B 329 -8.28 25.64 -17.22
CA LEU B 329 -8.30 26.28 -18.53
C LEU B 329 -9.54 25.86 -19.32
N MET C 7 13.82 1.05 -8.28
CA MET C 7 15.05 1.82 -8.65
C MET C 7 15.29 2.98 -7.69
N ALA C 8 14.23 3.70 -7.39
CA ALA C 8 14.29 4.84 -6.49
C ALA C 8 14.81 4.44 -5.12
N ASP C 9 14.42 3.26 -4.68
CA ASP C 9 14.86 2.77 -3.38
C ASP C 9 16.28 2.23 -3.50
N LEU C 10 16.75 2.12 -4.74
CA LEU C 10 18.09 1.65 -5.01
C LEU C 10 19.06 2.80 -4.74
N PHE C 11 18.54 4.02 -4.89
CA PHE C 11 19.31 5.24 -4.66
C PHE C 11 19.35 5.57 -3.19
N SER C 12 18.27 5.27 -2.48
CA SER C 12 18.18 5.53 -1.05
C SER C 12 19.23 4.69 -0.35
N THR C 13 19.58 3.58 -0.99
CA THR C 13 20.59 2.67 -0.45
C THR C 13 21.96 3.30 -0.61
N VAL C 14 22.15 4.02 -1.71
CA VAL C 14 23.41 4.70 -1.99
C VAL C 14 23.50 5.95 -1.12
N GLN C 15 22.40 6.72 -1.08
CA GLN C 15 22.35 7.95 -0.29
C GLN C 15 22.62 7.62 1.17
N GLU C 16 22.25 6.41 1.55
CA GLU C 16 22.46 5.93 2.89
C GLU C 16 23.95 6.01 3.19
N LYS C 17 24.72 5.33 2.34
CA LYS C 17 26.17 5.27 2.46
C LYS C 17 26.87 6.62 2.45
N VAL C 18 26.43 7.50 1.57
CA VAL C 18 27.02 8.83 1.40
C VAL C 18 26.76 9.88 2.49
N ALA C 19 25.49 10.23 2.63
CA ALA C 19 25.05 11.25 3.58
C ALA C 19 25.83 11.40 4.90
N GLY C 20 26.19 12.64 5.22
CA GLY C 20 26.89 12.93 6.45
C GLY C 20 28.39 12.75 6.46
N LYS C 21 28.96 12.29 5.35
CA LYS C 21 30.40 12.06 5.28
C LYS C 21 31.22 13.23 4.72
N ASP C 22 30.56 14.35 4.46
CA ASP C 22 31.24 15.54 3.94
C ASP C 22 32.03 15.28 2.67
N VAL C 23 31.45 14.51 1.76
CA VAL C 23 32.12 14.19 0.50
C VAL C 23 31.98 15.40 -0.42
N LYS C 24 33.08 15.79 -1.08
CA LYS C 24 33.06 16.94 -1.98
C LYS C 24 33.05 16.58 -3.45
N ILE C 25 31.98 16.95 -4.14
CA ILE C 25 31.89 16.69 -5.57
C ILE C 25 31.87 17.99 -6.35
N VAL C 26 32.67 18.06 -7.41
CA VAL C 26 32.77 19.25 -8.25
C VAL C 26 31.76 19.19 -9.40
N PHE C 27 31.18 20.33 -9.75
CA PHE C 27 30.24 20.37 -10.85
C PHE C 27 30.72 21.52 -11.72
N PRO C 28 31.56 21.23 -12.73
CA PRO C 28 32.12 22.21 -13.66
C PRO C 28 31.14 23.16 -14.34
N GLU C 29 29.93 22.67 -14.61
CA GLU C 29 28.91 23.46 -15.29
C GLU C 29 28.09 24.33 -14.34
N GLY C 30 28.77 25.26 -13.68
CA GLY C 30 28.12 26.14 -12.73
C GLY C 30 26.91 26.97 -13.17
N LEU C 31 26.76 27.27 -14.46
CA LEU C 31 25.62 28.06 -14.93
C LEU C 31 24.44 27.25 -15.47
N ASP C 32 24.54 25.92 -15.37
CA ASP C 32 23.47 25.04 -15.83
C ASP C 32 22.45 24.89 -14.70
N GLU C 33 21.18 25.14 -14.99
CA GLU C 33 20.15 25.03 -13.96
C GLU C 33 19.92 23.63 -13.41
N ARG C 34 20.16 22.60 -14.23
CA ARG C 34 20.02 21.23 -13.75
C ARG C 34 21.02 21.04 -12.61
N ILE C 35 22.22 21.54 -12.80
CA ILE C 35 23.23 21.43 -11.76
C ILE C 35 22.94 22.32 -10.57
N LEU C 36 22.53 23.57 -10.83
CA LEU C 36 22.20 24.49 -9.76
C LEU C 36 21.03 24.00 -8.87
N GLU C 37 20.02 23.39 -9.48
CA GLU C 37 18.91 22.89 -8.68
C GLU C 37 19.35 21.70 -7.86
N ALA C 38 20.20 20.86 -8.47
CA ALA C 38 20.70 19.64 -7.83
C ALA C 38 21.66 20.00 -6.72
N VAL C 39 22.55 20.94 -7.02
CA VAL C 39 23.53 21.41 -6.06
C VAL C 39 22.81 22.10 -4.89
N SER C 40 21.85 22.94 -5.21
CA SER C 40 21.06 23.65 -4.21
C SER C 40 20.40 22.67 -3.24
N LYS C 41 19.73 21.67 -3.79
CA LYS C 41 19.06 20.65 -2.99
C LYS C 41 20.03 19.76 -2.21
N LEU C 42 21.12 19.32 -2.84
CA LEU C 42 22.11 18.47 -2.16
C LEU C 42 22.63 19.16 -0.90
N ALA C 43 22.99 20.42 -1.02
CA ALA C 43 23.49 21.19 0.11
C ALA C 43 22.35 21.39 1.08
N GLY C 44 21.18 21.68 0.54
CA GLY C 44 20.01 21.89 1.39
C GLY C 44 19.83 20.77 2.39
N ASN C 45 19.90 19.52 1.92
CA ASN C 45 19.72 18.36 2.79
C ASN C 45 21.04 17.91 3.43
N LYS C 46 22.08 18.70 3.23
CA LYS C 46 23.39 18.38 3.81
C LYS C 46 23.83 16.96 3.49
N VAL C 47 23.54 16.48 2.27
CA VAL C 47 23.91 15.12 1.84
C VAL C 47 25.42 15.05 1.57
N LEU C 48 25.89 15.98 0.73
CA LEU C 48 27.30 16.08 0.39
C LEU C 48 27.67 17.55 0.29
N ASN C 49 28.96 17.87 0.12
CA ASN C 49 29.39 19.26 0.00
C ASN C 49 29.68 19.61 -1.47
N PRO C 50 28.71 20.24 -2.17
CA PRO C 50 28.91 20.60 -3.58
C PRO C 50 29.82 21.81 -3.90
N ILE C 51 30.71 21.62 -4.87
CA ILE C 51 31.60 22.70 -5.31
C ILE C 51 31.19 22.96 -6.77
N VAL C 52 30.89 24.22 -7.09
CA VAL C 52 30.46 24.60 -8.43
C VAL C 52 31.54 25.48 -9.05
N ILE C 53 31.82 25.31 -10.34
CA ILE C 53 32.84 26.12 -11.03
C ILE C 53 32.22 27.20 -11.94
N GLY C 54 32.74 28.42 -11.84
CA GLY C 54 32.25 29.52 -12.65
C GLY C 54 32.37 30.86 -11.96
N ASN C 55 31.85 31.90 -12.60
CA ASN C 55 31.88 33.26 -12.04
C ASN C 55 30.87 33.41 -10.90
N GLU C 56 31.35 33.80 -9.71
CA GLU C 56 30.47 33.96 -8.55
C GLU C 56 29.25 34.88 -8.74
N ASN C 57 29.46 36.09 -9.24
CA ASN C 57 28.33 37.00 -9.46
C ASN C 57 27.34 36.41 -10.45
N GLU C 58 27.88 35.85 -11.53
CA GLU C 58 27.04 35.25 -12.55
C GLU C 58 26.21 34.08 -12.02
N ILE C 59 26.85 33.14 -11.34
CA ILE C 59 26.13 32.01 -10.78
C ILE C 59 25.15 32.50 -9.70
N GLN C 60 25.61 33.37 -8.80
CA GLN C 60 24.73 33.87 -7.73
C GLN C 60 23.47 34.47 -8.35
N ALA C 61 23.62 35.17 -9.47
CA ALA C 61 22.50 35.81 -10.17
C ALA C 61 21.56 34.79 -10.81
N LYS C 62 22.14 33.77 -11.42
CA LYS C 62 21.40 32.69 -12.07
C LYS C 62 20.56 31.90 -11.06
N ALA C 63 21.16 31.57 -9.91
CA ALA C 63 20.45 30.84 -8.86
C ALA C 63 19.25 31.67 -8.44
N LYS C 64 19.42 33.00 -8.43
CA LYS C 64 18.34 33.90 -8.05
C LYS C 64 17.17 33.81 -9.01
N GLU C 65 17.45 33.68 -10.30
CA GLU C 65 16.34 33.60 -11.23
C GLU C 65 15.71 32.23 -11.29
N LEU C 66 16.25 31.30 -10.49
CA LEU C 66 15.71 29.95 -10.43
C LEU C 66 15.11 29.72 -9.03
N ASN C 67 15.03 30.79 -8.25
CA ASN C 67 14.50 30.73 -6.89
C ASN C 67 15.32 29.75 -6.06
N LEU C 68 16.62 29.82 -6.21
CA LEU C 68 17.49 28.94 -5.47
C LEU C 68 18.42 29.75 -4.60
N THR C 69 19.01 29.09 -3.63
CA THR C 69 19.96 29.70 -2.70
C THR C 69 21.18 28.79 -2.82
N LEU C 70 22.37 29.29 -2.52
CA LEU C 70 23.54 28.42 -2.62
C LEU C 70 24.10 28.11 -1.25
N GLY C 71 23.20 27.71 -0.36
CA GLY C 71 23.53 27.37 1.01
C GLY C 71 24.93 26.87 1.27
N GLY C 72 25.10 25.56 1.29
CA GLY C 72 26.41 25.01 1.54
C GLY C 72 27.12 24.73 0.22
N VAL C 73 27.09 25.72 -0.68
CA VAL C 73 27.71 25.55 -1.99
C VAL C 73 28.91 26.48 -2.18
N LYS C 74 30.08 25.89 -2.39
CA LYS C 74 31.30 26.66 -2.60
C LYS C 74 31.40 26.91 -4.10
N ILE C 75 31.87 28.11 -4.47
CA ILE C 75 32.01 28.50 -5.87
C ILE C 75 33.47 28.80 -6.18
N TYR C 76 34.03 28.19 -7.22
CA TYR C 76 35.42 28.45 -7.61
C TYR C 76 35.46 29.01 -9.05
N ASP C 77 36.17 30.12 -9.23
CA ASP C 77 36.32 30.75 -10.52
C ASP C 77 37.77 30.55 -10.94
N PRO C 78 38.01 29.82 -12.05
CA PRO C 78 39.38 29.58 -12.52
C PRO C 78 40.18 30.86 -12.67
N HIS C 79 39.48 31.97 -12.90
CA HIS C 79 40.14 33.27 -13.09
C HIS C 79 40.40 34.00 -11.80
N THR C 80 40.15 33.33 -10.67
CA THR C 80 40.29 33.94 -9.36
C THR C 80 40.91 33.02 -8.33
N TYR C 81 40.70 31.73 -8.50
CA TYR C 81 41.23 30.72 -7.59
C TYR C 81 42.69 30.99 -7.22
N GLU C 82 42.97 31.07 -5.91
CA GLU C 82 44.33 31.35 -5.45
C GLU C 82 45.37 30.22 -5.56
N GLY C 83 44.95 29.01 -5.92
CA GLY C 83 45.92 27.92 -6.06
C GLY C 83 46.23 27.56 -7.52
N MET C 84 45.70 28.36 -8.46
CA MET C 84 45.89 28.13 -9.88
C MET C 84 47.33 27.85 -10.28
N GLU C 85 48.22 28.74 -9.85
CA GLU C 85 49.65 28.61 -10.13
C GLU C 85 50.15 27.24 -9.70
N ASP C 86 49.67 26.76 -8.55
CA ASP C 86 50.08 25.45 -8.08
C ASP C 86 49.46 24.38 -8.96
N LEU C 87 48.20 24.58 -9.33
CA LEU C 87 47.52 23.60 -10.19
C LEU C 87 48.18 23.57 -11.55
N VAL C 88 48.49 24.75 -12.09
CA VAL C 88 49.14 24.81 -13.39
C VAL C 88 50.43 24.01 -13.39
N GLN C 89 51.21 24.12 -12.32
CA GLN C 89 52.49 23.41 -12.25
C GLN C 89 52.28 21.90 -12.09
N ALA C 90 51.24 21.53 -11.33
CA ALA C 90 50.93 20.12 -11.10
C ALA C 90 50.51 19.47 -12.40
N PHE C 91 49.84 20.26 -13.23
CA PHE C 91 49.38 19.78 -14.53
C PHE C 91 50.54 19.52 -15.48
N VAL C 92 51.49 20.45 -15.58
CA VAL C 92 52.62 20.25 -16.47
C VAL C 92 53.45 19.04 -16.02
N GLU C 93 53.52 18.80 -14.71
CA GLU C 93 54.27 17.66 -14.20
C GLU C 93 53.57 16.35 -14.55
N ARG C 94 52.25 16.37 -14.49
CA ARG C 94 51.46 15.19 -14.80
C ARG C 94 51.44 14.94 -16.30
N ARG C 95 51.59 15.98 -17.10
CA ARG C 95 51.55 15.85 -18.56
C ARG C 95 52.91 15.48 -19.10
N LYS C 96 53.82 15.17 -18.19
CA LYS C 96 55.19 14.78 -18.51
C LYS C 96 55.81 15.47 -19.72
N GLY C 97 55.74 16.80 -19.76
CA GLY C 97 56.33 17.52 -20.87
C GLY C 97 55.47 17.70 -22.11
N LYS C 98 54.29 17.10 -22.13
CA LYS C 98 53.40 17.25 -23.28
C LYS C 98 52.72 18.62 -23.25
N ALA C 99 52.85 19.32 -22.13
CA ALA C 99 52.25 20.64 -21.96
C ALA C 99 53.28 21.68 -21.50
N THR C 100 53.25 22.85 -22.13
CA THR C 100 54.17 23.92 -21.74
C THR C 100 53.43 24.62 -20.62
N GLU C 101 54.04 25.66 -20.08
CA GLU C 101 53.39 26.36 -18.99
C GLU C 101 52.22 27.19 -19.53
N GLU C 102 52.42 27.79 -20.69
CA GLU C 102 51.35 28.58 -21.29
C GLU C 102 50.20 27.67 -21.65
N GLN C 103 50.51 26.47 -22.12
CA GLN C 103 49.47 25.55 -22.50
C GLN C 103 48.67 25.17 -21.26
N ALA C 104 49.39 24.76 -20.22
CA ALA C 104 48.74 24.37 -18.98
C ALA C 104 47.85 25.47 -18.44
N ARG C 105 48.36 26.68 -18.40
CA ARG C 105 47.60 27.81 -17.89
C ARG C 105 46.27 27.94 -18.62
N LYS C 106 46.32 27.81 -19.94
CA LYS C 106 45.12 27.90 -20.78
C LYS C 106 44.20 26.71 -20.53
N ALA C 107 44.79 25.52 -20.51
CA ALA C 107 44.01 24.31 -20.31
C ALA C 107 43.22 24.38 -19.03
N LEU C 108 43.84 24.89 -17.98
CA LEU C 108 43.14 24.94 -16.71
C LEU C 108 42.11 26.04 -16.55
N LEU C 109 41.93 26.89 -17.56
CA LEU C 109 40.89 27.91 -17.45
C LEU C 109 39.55 27.25 -17.82
N ASP C 110 39.61 26.01 -18.30
CA ASP C 110 38.44 25.25 -18.68
C ASP C 110 37.75 24.60 -17.48
N GLU C 111 36.43 24.79 -17.40
CA GLU C 111 35.65 24.24 -16.30
C GLU C 111 36.02 22.79 -15.98
N ASN C 112 35.99 21.93 -16.99
CA ASN C 112 36.28 20.51 -16.80
C ASN C 112 37.70 20.25 -16.33
N TYR C 113 38.67 20.86 -17.00
CA TYR C 113 40.05 20.67 -16.59
C TYR C 113 40.31 21.20 -15.17
N PHE C 114 39.78 22.39 -14.88
CA PHE C 114 39.98 23.00 -13.59
C PHE C 114 39.41 22.13 -12.50
N GLY C 115 38.23 21.58 -12.76
CA GLY C 115 37.58 20.72 -11.79
C GLY C 115 38.27 19.39 -11.66
N THR C 116 38.86 18.91 -12.74
CA THR C 116 39.54 17.62 -12.67
C THR C 116 40.79 17.77 -11.80
N MET C 117 41.48 18.90 -11.96
CA MET C 117 42.68 19.17 -11.18
C MET C 117 42.36 19.26 -9.69
N LEU C 118 41.20 19.80 -9.36
CA LEU C 118 40.84 19.90 -7.97
C LEU C 118 40.72 18.51 -7.38
N VAL C 119 40.03 17.63 -8.09
CA VAL C 119 39.82 16.25 -7.64
C VAL C 119 41.17 15.55 -7.53
N TYR C 120 42.01 15.78 -8.52
CA TYR C 120 43.33 15.20 -8.54
C TYR C 120 44.23 15.64 -7.37
N LYS C 121 44.11 16.89 -6.93
CA LYS C 121 44.95 17.36 -5.85
C LYS C 121 44.30 17.27 -4.47
N GLY C 122 43.15 16.61 -4.40
CA GLY C 122 42.47 16.43 -3.13
C GLY C 122 41.55 17.54 -2.68
N LEU C 123 41.45 18.61 -3.45
CA LEU C 123 40.56 19.71 -3.08
C LEU C 123 39.10 19.35 -3.28
N ALA C 124 38.87 18.19 -3.91
CA ALA C 124 37.53 17.63 -4.17
C ALA C 124 37.67 16.12 -4.26
N ASP C 125 36.56 15.40 -4.12
CA ASP C 125 36.60 13.94 -4.13
C ASP C 125 36.17 13.27 -5.43
N GLY C 126 35.35 13.97 -6.21
CA GLY C 126 34.89 13.42 -7.46
C GLY C 126 34.22 14.50 -8.27
N LEU C 127 34.25 14.34 -9.58
CA LEU C 127 33.65 15.32 -10.45
C LEU C 127 32.41 14.75 -11.13
N VAL C 128 31.50 15.63 -11.50
CA VAL C 128 30.25 15.28 -12.17
C VAL C 128 29.95 16.33 -13.22
N SER C 129 30.24 16.00 -14.47
CA SER C 129 29.96 16.93 -15.56
C SER C 129 29.14 16.22 -16.62
N GLY C 130 28.94 16.85 -17.77
CA GLY C 130 28.19 16.22 -18.84
C GLY C 130 26.92 16.90 -19.32
N ALA C 131 26.23 17.60 -18.43
CA ALA C 131 24.99 18.25 -18.80
C ALA C 131 25.08 19.26 -19.93
N ALA C 132 26.29 19.65 -20.32
CA ALA C 132 26.48 20.65 -21.38
C ALA C 132 27.82 20.53 -22.10
N HIS C 133 28.32 19.30 -22.19
CA HIS C 133 29.58 18.99 -22.88
C HIS C 133 29.42 17.60 -23.47
N SER C 134 30.27 17.24 -24.41
CA SER C 134 30.22 15.92 -25.04
C SER C 134 30.80 14.94 -24.04
N THR C 135 30.47 13.66 -24.17
CA THR C 135 31.00 12.71 -23.22
C THR C 135 32.52 12.60 -23.35
N ALA C 136 33.05 13.05 -24.47
CA ALA C 136 34.49 13.02 -24.70
C ALA C 136 35.14 14.07 -23.86
N ASP C 137 34.52 15.25 -23.86
CA ASP C 137 35.01 16.41 -23.11
C ASP C 137 35.09 16.17 -21.61
N THR C 138 34.38 15.17 -21.13
CA THR C 138 34.41 14.85 -19.71
C THR C 138 35.50 13.83 -19.43
N VAL C 139 35.47 12.75 -20.19
CA VAL C 139 36.41 11.66 -20.02
C VAL C 139 37.87 11.98 -20.42
N ARG C 140 38.05 12.95 -21.30
CA ARG C 140 39.40 13.33 -21.70
C ARG C 140 40.26 13.75 -20.51
N PRO C 141 40.00 14.92 -19.90
CA PRO C 141 40.83 15.30 -18.77
C PRO C 141 40.91 14.23 -17.67
N ALA C 142 39.83 13.48 -17.50
CA ALA C 142 39.81 12.43 -16.48
C ALA C 142 40.93 11.43 -16.75
N LEU C 143 41.23 11.19 -18.02
CA LEU C 143 42.28 10.24 -18.35
C LEU C 143 43.66 10.88 -18.44
N GLN C 144 43.71 12.17 -18.75
CA GLN C 144 44.99 12.87 -18.84
C GLN C 144 45.53 13.21 -17.47
N ILE C 145 44.64 13.63 -16.57
CA ILE C 145 45.03 14.02 -15.20
C ILE C 145 44.92 12.87 -14.23
N ILE C 146 43.70 12.56 -13.84
CA ILE C 146 43.42 11.43 -12.96
C ILE C 146 43.69 10.33 -13.95
N LYS C 147 43.85 9.10 -13.48
CA LYS C 147 44.07 8.04 -14.43
C LYS C 147 43.36 6.77 -14.01
N THR C 148 43.75 5.63 -14.57
CA THR C 148 43.10 4.39 -14.19
C THR C 148 43.84 3.76 -13.00
N LYS C 149 43.10 3.07 -12.14
CA LYS C 149 43.67 2.42 -10.96
C LYS C 149 44.74 1.37 -11.27
N GLU C 150 45.21 0.75 -10.19
CA GLU C 150 46.25 -0.26 -10.21
C GLU C 150 46.45 -1.06 -11.49
N GLY C 151 45.62 -2.07 -11.68
CA GLY C 151 45.77 -2.89 -12.86
C GLY C 151 44.68 -2.68 -13.88
N VAL C 152 44.29 -1.44 -14.07
CA VAL C 152 43.25 -1.11 -15.05
C VAL C 152 43.88 -0.32 -16.19
N LYS C 153 43.45 -0.59 -17.42
CA LYS C 153 44.00 0.09 -18.57
C LYS C 153 42.96 0.99 -19.21
N LYS C 154 41.69 0.67 -19.00
CA LYS C 154 40.62 1.46 -19.60
C LYS C 154 39.40 1.62 -18.70
N THR C 155 38.59 2.64 -19.00
CA THR C 155 37.37 2.89 -18.26
C THR C 155 36.27 2.19 -19.03
N SER C 156 35.13 2.04 -18.39
CA SER C 156 34.00 1.39 -19.02
C SER C 156 32.77 2.04 -18.43
N GLY C 157 31.70 2.07 -19.21
CA GLY C 157 30.47 2.67 -18.72
C GLY C 157 29.41 1.64 -18.43
N VAL C 158 29.09 1.49 -17.16
CA VAL C 158 28.07 0.54 -16.74
C VAL C 158 26.72 1.24 -16.62
N PHE C 159 25.65 0.45 -16.55
CA PHE C 159 24.30 0.96 -16.38
C PHE C 159 23.59 0.09 -15.37
N ILE C 160 22.88 0.71 -14.45
CA ILE C 160 22.14 -0.09 -13.48
C ILE C 160 20.76 -0.21 -14.05
N MET C 161 20.32 -1.44 -14.21
CA MET C 161 19.01 -1.73 -14.76
C MET C 161 18.11 -2.17 -13.61
N ALA C 162 16.95 -1.53 -13.50
CA ALA C 162 16.05 -1.86 -12.40
C ALA C 162 14.61 -1.85 -12.81
N ARG C 163 13.90 -2.86 -12.35
CA ARG C 163 12.48 -2.97 -12.62
C ARG C 163 11.91 -3.78 -11.45
N GLY C 164 11.16 -3.10 -10.60
CA GLY C 164 10.59 -3.75 -9.43
C GLY C 164 11.70 -4.26 -8.54
N GLU C 165 11.76 -5.56 -8.32
CA GLU C 165 12.81 -6.16 -7.48
C GLU C 165 14.09 -6.38 -8.26
N GLU C 166 13.95 -6.63 -9.56
CA GLU C 166 15.08 -6.90 -10.46
C GLU C 166 16.16 -5.83 -10.58
N GLN C 167 17.40 -6.24 -10.42
CA GLN C 167 18.53 -5.30 -10.51
C GLN C 167 19.73 -5.96 -11.21
N TYR C 168 20.14 -5.38 -12.33
CA TYR C 168 21.27 -5.91 -13.09
C TYR C 168 22.26 -4.82 -13.48
N VAL C 169 23.45 -5.24 -13.89
CA VAL C 169 24.48 -4.31 -14.32
C VAL C 169 24.82 -4.67 -15.75
N PHE C 170 24.90 -3.67 -16.63
CA PHE C 170 25.24 -3.92 -18.03
C PHE C 170 26.64 -3.38 -18.35
N ALA C 171 27.50 -4.25 -18.88
CA ALA C 171 28.90 -3.94 -19.18
C ALA C 171 29.24 -3.17 -20.43
N ASP C 172 29.78 -1.99 -20.17
CA ASP C 172 30.17 -0.97 -21.14
C ASP C 172 29.27 -0.86 -22.35
N CYS C 173 28.26 -0.02 -22.16
CA CYS C 173 27.26 0.27 -23.17
C CYS C 173 27.45 1.74 -23.54
N ALA C 174 28.65 2.28 -23.27
CA ALA C 174 28.88 3.69 -23.53
C ALA C 174 30.26 4.17 -23.99
N ILE C 175 31.32 3.65 -23.39
CA ILE C 175 32.70 4.07 -23.72
C ILE C 175 33.42 3.32 -24.87
N ASN C 176 34.04 2.19 -24.51
CA ASN C 176 34.81 1.35 -25.45
C ASN C 176 34.03 0.79 -26.67
N ILE C 177 34.42 1.17 -27.87
CA ILE C 177 33.72 0.70 -29.07
C ILE C 177 33.93 -0.76 -29.41
N ALA C 178 35.16 -1.17 -29.66
CA ALA C 178 35.42 -2.55 -30.02
C ALA C 178 36.40 -3.21 -29.05
N PRO C 179 35.93 -3.56 -27.84
CA PRO C 179 36.80 -4.19 -26.84
C PRO C 179 37.31 -5.55 -27.27
N ASP C 180 38.51 -5.89 -26.84
CA ASP C 180 39.09 -7.19 -27.19
C ASP C 180 39.11 -8.05 -25.95
N SER C 181 39.65 -9.26 -26.09
CA SER C 181 39.72 -10.20 -24.98
C SER C 181 40.19 -9.59 -23.65
N GLN C 182 41.35 -8.93 -23.67
CA GLN C 182 41.88 -8.31 -22.46
C GLN C 182 40.90 -7.27 -21.91
N ASP C 183 40.33 -6.47 -22.80
CA ASP C 183 39.38 -5.43 -22.39
C ASP C 183 38.13 -6.02 -21.74
N LEU C 184 37.46 -6.94 -22.43
CA LEU C 184 36.26 -7.56 -21.89
C LEU C 184 36.47 -8.15 -20.51
N ALA C 185 37.58 -8.87 -20.33
CA ALA C 185 37.89 -9.49 -19.05
C ALA C 185 37.88 -8.45 -17.97
N GLU C 186 38.46 -7.30 -18.30
CA GLU C 186 38.57 -6.17 -17.41
C GLU C 186 37.21 -5.54 -17.16
N ILE C 187 36.45 -5.34 -18.24
CA ILE C 187 35.12 -4.76 -18.13
C ILE C 187 34.35 -5.62 -17.12
N ALA C 188 34.53 -6.92 -17.23
CA ALA C 188 33.85 -7.86 -16.34
C ALA C 188 34.27 -7.73 -14.89
N ILE C 189 35.57 -7.71 -14.63
CA ILE C 189 36.06 -7.58 -13.26
C ILE C 189 35.64 -6.26 -12.64
N GLU C 190 35.84 -5.17 -13.37
CA GLU C 190 35.45 -3.86 -12.89
C GLU C 190 33.95 -3.75 -12.67
N SER C 191 33.14 -4.20 -13.64
CA SER C 191 31.67 -4.14 -13.52
C SER C 191 31.24 -4.86 -12.25
N ALA C 192 31.85 -6.02 -12.02
CA ALA C 192 31.52 -6.84 -10.86
C ALA C 192 31.71 -6.06 -9.59
N ASN C 193 32.84 -5.34 -9.50
CA ASN C 193 33.13 -4.54 -8.31
C ASN C 193 32.16 -3.37 -8.18
N THR C 194 31.87 -2.70 -9.30
CA THR C 194 30.95 -1.57 -9.28
C THR C 194 29.61 -2.04 -8.72
N ALA C 195 29.20 -3.27 -9.09
CA ALA C 195 27.94 -3.85 -8.63
C ALA C 195 27.89 -3.99 -7.11
N LYS C 196 29.05 -4.09 -6.47
CA LYS C 196 29.12 -4.21 -5.02
C LYS C 196 28.58 -2.94 -4.35
N MET C 197 28.85 -1.81 -4.99
CA MET C 197 28.41 -0.52 -4.49
C MET C 197 26.90 -0.43 -4.36
N PHE C 198 26.18 -1.20 -5.15
CA PHE C 198 24.72 -1.21 -5.08
C PHE C 198 24.25 -2.43 -4.30
N ASP C 199 25.17 -3.01 -3.52
CA ASP C 199 24.85 -4.19 -2.72
C ASP C 199 24.32 -5.36 -3.56
N ILE C 200 24.94 -5.58 -4.71
CA ILE C 200 24.55 -6.65 -5.61
C ILE C 200 25.62 -7.74 -5.45
N GLU C 201 25.21 -9.00 -5.46
CA GLU C 201 26.20 -10.08 -5.34
C GLU C 201 26.59 -10.54 -6.75
N PRO C 202 27.76 -10.14 -7.22
CA PRO C 202 28.32 -10.46 -8.54
C PRO C 202 28.17 -11.87 -9.08
N ARG C 203 27.61 -11.95 -10.27
CA ARG C 203 27.40 -13.21 -10.97
C ARG C 203 27.47 -12.82 -12.45
N VAL C 204 28.70 -12.70 -12.95
CA VAL C 204 28.97 -12.28 -14.32
C VAL C 204 28.75 -13.30 -15.42
N ALA C 205 28.27 -12.81 -16.56
CA ALA C 205 28.02 -13.63 -17.73
C ALA C 205 28.53 -12.88 -18.95
N MET C 206 29.55 -13.42 -19.62
CA MET C 206 30.11 -12.76 -20.80
C MET C 206 29.24 -13.13 -22.01
N LEU C 207 28.47 -12.17 -22.51
CA LEU C 207 27.58 -12.43 -23.65
C LEU C 207 28.21 -12.51 -25.04
N SER C 208 27.53 -13.27 -25.90
CA SER C 208 27.91 -13.47 -27.30
C SER C 208 26.68 -13.99 -28.04
N PHE C 209 26.87 -14.53 -29.24
CA PHE C 209 25.74 -15.06 -30.00
C PHE C 209 25.74 -16.59 -30.05
N SER C 210 26.47 -17.21 -29.11
CA SER C 210 26.55 -18.65 -29.03
C SER C 210 26.88 -19.01 -27.58
N THR C 211 26.56 -20.22 -27.16
CA THR C 211 26.86 -20.60 -25.79
C THR C 211 27.88 -21.73 -25.75
N LYS C 212 28.94 -21.47 -24.99
CA LYS C 212 30.07 -22.38 -24.78
C LYS C 212 30.35 -23.36 -25.92
N GLY C 213 30.38 -22.84 -27.14
CA GLY C 213 30.68 -23.70 -28.28
C GLY C 213 29.73 -23.70 -29.46
N SER C 214 28.47 -23.32 -29.26
CA SER C 214 27.48 -23.31 -30.34
C SER C 214 28.09 -22.96 -31.68
N ALA C 215 28.66 -21.75 -31.77
CA ALA C 215 29.31 -21.27 -32.98
C ALA C 215 30.74 -20.99 -32.62
N LYS C 216 31.66 -21.25 -33.54
CA LYS C 216 33.07 -20.96 -33.29
C LYS C 216 33.57 -20.05 -34.40
N SER C 217 33.78 -18.78 -34.04
CA SER C 217 34.27 -17.76 -34.95
C SER C 217 35.19 -16.91 -34.09
N ASP C 218 35.76 -15.87 -34.68
CA ASP C 218 36.68 -15.03 -33.91
C ASP C 218 35.94 -14.36 -32.78
N GLU C 219 34.75 -13.88 -33.11
CA GLU C 219 33.90 -13.19 -32.14
C GLU C 219 33.56 -14.01 -30.91
N THR C 220 33.38 -15.30 -31.08
CA THR C 220 33.07 -16.16 -29.95
C THR C 220 34.33 -16.45 -29.12
N GLU C 221 35.43 -16.65 -29.81
CA GLU C 221 36.69 -16.94 -29.15
C GLU C 221 37.18 -15.71 -28.39
N LYS C 222 36.90 -14.53 -28.96
CA LYS C 222 37.28 -13.26 -28.32
C LYS C 222 36.73 -13.25 -26.90
N VAL C 223 35.45 -13.58 -26.79
CA VAL C 223 34.77 -13.64 -25.50
C VAL C 223 35.28 -14.82 -24.69
N ALA C 224 35.34 -15.99 -25.32
CA ALA C 224 35.83 -17.19 -24.67
C ALA C 224 37.16 -16.94 -24.00
N ASP C 225 38.08 -16.31 -24.76
CA ASP C 225 39.41 -15.98 -24.24
C ASP C 225 39.28 -15.00 -23.11
N ALA C 226 38.31 -14.10 -23.24
CA ALA C 226 38.06 -13.10 -22.22
C ALA C 226 37.74 -13.77 -20.89
N VAL C 227 37.01 -14.87 -20.95
CA VAL C 227 36.62 -15.60 -19.75
C VAL C 227 37.84 -16.22 -19.07
N LYS C 228 38.75 -16.74 -19.88
CA LYS C 228 39.98 -17.36 -19.37
C LYS C 228 40.72 -16.30 -18.58
N ILE C 229 41.03 -15.21 -19.25
CA ILE C 229 41.75 -14.11 -18.63
C ILE C 229 41.11 -13.69 -17.31
N ALA C 230 39.81 -13.41 -17.35
CA ALA C 230 39.09 -12.99 -16.17
C ALA C 230 39.17 -14.01 -15.04
N LYS C 231 38.86 -15.26 -15.36
CA LYS C 231 38.89 -16.33 -14.37
C LYS C 231 40.28 -16.57 -13.77
N GLU C 232 41.31 -16.32 -14.56
CA GLU C 232 42.68 -16.51 -14.10
C GLU C 232 43.04 -15.32 -13.22
N LYS C 233 42.78 -14.12 -13.73
CA LYS C 233 43.09 -12.87 -13.02
C LYS C 233 42.25 -12.71 -11.75
N ALA C 234 41.02 -13.22 -11.75
CA ALA C 234 40.14 -13.10 -10.58
C ALA C 234 39.34 -14.36 -10.28
N PRO C 235 40.00 -15.40 -9.74
CA PRO C 235 39.47 -16.72 -9.36
C PRO C 235 38.14 -16.77 -8.61
N GLU C 236 38.05 -16.07 -7.49
CA GLU C 236 36.84 -16.05 -6.65
C GLU C 236 35.57 -15.48 -7.30
N LEU C 237 35.74 -14.67 -8.34
CA LEU C 237 34.61 -14.04 -9.01
C LEU C 237 33.80 -15.06 -9.81
N THR C 238 32.52 -15.19 -9.46
CA THR C 238 31.60 -16.11 -10.11
C THR C 238 31.22 -15.64 -11.50
N LEU C 239 31.88 -16.16 -12.52
CA LEU C 239 31.58 -15.77 -13.87
C LEU C 239 31.99 -16.85 -14.85
N ASP C 240 31.08 -17.24 -15.73
CA ASP C 240 31.40 -18.22 -16.74
C ASP C 240 31.09 -17.48 -18.01
N GLY C 241 31.60 -17.95 -19.15
CA GLY C 241 31.34 -17.19 -20.32
C GLY C 241 31.21 -17.76 -21.71
N GLU C 242 30.64 -16.86 -22.52
CA GLU C 242 30.32 -17.04 -23.91
C GLU C 242 28.93 -17.62 -23.91
N PHE C 243 28.01 -16.85 -23.34
CA PHE C 243 26.61 -17.22 -23.23
C PHE C 243 25.77 -16.39 -24.19
N GLN C 244 24.55 -16.82 -24.43
CA GLN C 244 23.60 -16.08 -25.26
C GLN C 244 22.72 -15.52 -24.16
N PHE C 245 21.92 -14.50 -24.43
CA PHE C 245 21.12 -13.96 -23.34
C PHE C 245 20.27 -15.03 -22.64
N ASP C 246 19.80 -16.03 -23.40
CA ASP C 246 18.98 -17.11 -22.82
C ASP C 246 19.67 -17.74 -21.63
N ALA C 247 20.77 -18.43 -21.94
CA ALA C 247 21.60 -19.16 -20.99
C ALA C 247 21.97 -18.39 -19.75
N ALA C 248 22.14 -17.08 -19.91
CA ALA C 248 22.54 -16.20 -18.81
C ALA C 248 21.37 -15.69 -17.98
N PHE C 249 20.20 -15.65 -18.61
CA PHE C 249 19.04 -15.13 -17.91
C PHE C 249 18.03 -16.16 -17.40
N VAL C 250 17.71 -17.16 -18.21
CA VAL C 250 16.74 -18.19 -17.82
C VAL C 250 17.39 -19.56 -17.56
N PRO C 251 17.29 -20.07 -16.30
CA PRO C 251 17.83 -21.34 -15.80
C PRO C 251 17.48 -22.56 -16.66
N SER C 252 16.25 -22.61 -17.17
CA SER C 252 15.81 -23.70 -18.03
C SER C 252 16.84 -23.88 -19.13
N VAL C 253 17.17 -22.76 -19.77
CA VAL C 253 18.12 -22.74 -20.86
C VAL C 253 19.55 -23.02 -20.42
N ALA C 254 19.89 -22.67 -19.17
CA ALA C 254 21.24 -22.88 -18.64
C ALA C 254 21.62 -24.37 -18.60
N GLU C 255 20.81 -25.18 -17.92
CA GLU C 255 21.09 -26.62 -17.83
C GLU C 255 21.07 -27.31 -19.20
N LYS C 256 20.35 -26.73 -20.17
CA LYS C 256 20.28 -27.33 -21.51
C LYS C 256 21.51 -26.94 -22.32
N LYS C 257 21.59 -25.67 -22.68
CA LYS C 257 22.71 -25.14 -23.45
C LYS C 257 24.08 -25.36 -22.79
N ALA C 258 24.16 -25.40 -21.45
CA ALA C 258 25.46 -25.57 -20.80
C ALA C 258 25.48 -25.76 -19.29
N PRO C 259 25.28 -26.99 -18.82
CA PRO C 259 25.30 -27.26 -17.38
C PRO C 259 26.75 -27.31 -16.90
N ASP C 260 26.95 -27.64 -15.63
CA ASP C 260 28.29 -27.72 -15.05
C ASP C 260 28.89 -26.33 -14.92
N SER C 261 28.25 -25.34 -15.53
CA SER C 261 28.72 -23.96 -15.48
C SER C 261 28.29 -23.26 -14.20
N GLU C 262 29.15 -22.38 -13.69
CA GLU C 262 28.88 -21.61 -12.46
C GLU C 262 27.54 -20.88 -12.59
N ILE C 263 27.34 -20.22 -13.72
CA ILE C 263 26.11 -19.48 -13.99
C ILE C 263 24.97 -20.42 -14.28
N LYS C 264 23.90 -20.34 -13.50
CA LYS C 264 22.76 -21.20 -13.73
C LYS C 264 21.56 -20.35 -14.16
N GLY C 265 21.74 -19.58 -15.23
CA GLY C 265 20.68 -18.72 -15.70
C GLY C 265 20.30 -17.69 -14.65
N ASP C 266 21.27 -17.34 -13.80
CA ASP C 266 21.10 -16.43 -12.68
C ASP C 266 22.17 -15.32 -12.73
N ALA C 267 22.37 -14.73 -13.91
CA ALA C 267 23.36 -13.67 -14.03
C ALA C 267 22.75 -12.34 -13.60
N ASN C 268 23.57 -11.49 -12.98
CA ASN C 268 23.11 -10.18 -12.56
C ASN C 268 24.12 -9.10 -12.94
N VAL C 269 25.02 -9.47 -13.85
CA VAL C 269 26.05 -8.60 -14.40
C VAL C 269 26.30 -9.16 -15.80
N PHE C 270 25.87 -8.42 -16.81
CA PHE C 270 26.02 -8.87 -18.19
C PHE C 270 27.01 -8.07 -19.01
N VAL C 271 28.16 -8.69 -19.29
CA VAL C 271 29.21 -8.07 -20.08
C VAL C 271 29.00 -8.25 -21.58
N PHE C 272 28.71 -7.15 -22.25
CA PHE C 272 28.47 -7.18 -23.69
C PHE C 272 29.78 -7.27 -24.50
N PRO C 273 29.73 -7.98 -25.62
CA PRO C 273 30.93 -8.13 -26.46
C PRO C 273 31.39 -6.90 -27.22
N SER C 274 30.47 -6.00 -27.53
CA SER C 274 30.87 -4.81 -28.27
C SER C 274 29.96 -3.65 -27.89
N LEU C 275 30.38 -2.44 -28.25
CA LEU C 275 29.59 -1.25 -27.95
C LEU C 275 28.27 -1.24 -28.73
N GLU C 276 28.26 -1.89 -29.89
CA GLU C 276 27.03 -1.94 -30.68
C GLU C 276 26.04 -2.77 -29.89
N ALA C 277 26.49 -3.90 -29.37
CA ALA C 277 25.62 -4.76 -28.61
C ALA C 277 25.22 -4.10 -27.30
N GLY C 278 26.22 -3.61 -26.58
CA GLY C 278 25.96 -2.99 -25.30
C GLY C 278 24.98 -1.83 -25.29
N ASN C 279 25.17 -0.92 -26.24
CA ASN C 279 24.32 0.27 -26.34
C ASN C 279 22.91 -0.09 -26.76
N ILE C 280 22.79 -0.81 -27.88
CA ILE C 280 21.46 -1.23 -28.34
C ILE C 280 20.80 -2.08 -27.24
N GLY C 281 21.61 -2.91 -26.57
CA GLY C 281 21.13 -3.77 -25.50
C GLY C 281 20.38 -3.06 -24.38
N TYR C 282 21.08 -2.22 -23.61
CA TYR C 282 20.45 -1.54 -22.49
C TYR C 282 19.24 -0.69 -22.90
N LYS C 283 19.27 -0.17 -24.13
CA LYS C 283 18.16 0.61 -24.64
C LYS C 283 16.95 -0.27 -24.97
N ILE C 284 17.15 -1.42 -25.62
CA ILE C 284 16.02 -2.31 -25.89
C ILE C 284 15.43 -2.72 -24.53
N ALA C 285 16.29 -3.02 -23.56
CA ALA C 285 15.86 -3.41 -22.22
C ALA C 285 15.00 -2.32 -21.60
N GLN C 286 15.45 -1.09 -21.72
CA GLN C 286 14.74 0.07 -21.16
C GLN C 286 13.40 0.38 -21.86
N ARG C 287 13.44 0.71 -23.15
CA ARG C 287 12.21 1.03 -23.88
C ARG C 287 11.26 -0.14 -24.07
N LEU C 288 11.76 -1.32 -24.43
CA LEU C 288 10.86 -2.45 -24.60
C LEU C 288 10.58 -3.11 -23.26
N GLY C 289 11.65 -3.42 -22.53
CA GLY C 289 11.51 -4.09 -21.26
C GLY C 289 10.96 -3.27 -20.10
N ASN C 290 10.78 -1.97 -20.32
CA ASN C 290 10.25 -1.11 -19.29
C ASN C 290 11.09 -1.17 -18.01
N PHE C 291 12.41 -1.19 -18.19
CA PHE C 291 13.36 -1.20 -17.09
C PHE C 291 13.87 0.22 -16.90
N GLU C 292 14.19 0.57 -15.65
CA GLU C 292 14.71 1.91 -15.36
C GLU C 292 16.20 1.83 -15.56
N ALA C 293 16.74 2.71 -16.40
CA ALA C 293 18.17 2.68 -16.70
C ALA C 293 18.93 3.89 -16.16
N VAL C 294 19.91 3.67 -15.29
CA VAL C 294 20.70 4.75 -14.72
C VAL C 294 21.90 4.97 -15.63
N GLY C 295 22.02 6.23 -16.10
CA GLY C 295 23.07 6.75 -16.99
C GLY C 295 24.49 6.22 -16.88
N PRO C 296 25.31 6.30 -17.95
CA PRO C 296 26.67 5.78 -17.88
C PRO C 296 27.44 6.12 -16.62
N ILE C 297 27.86 5.07 -15.94
CA ILE C 297 28.65 5.19 -14.72
C ILE C 297 30.07 4.68 -15.00
N LEU C 298 31.03 5.60 -15.08
CA LEU C 298 32.42 5.20 -15.36
C LEU C 298 32.97 4.36 -14.21
N GLN C 299 34.07 3.66 -14.48
CA GLN C 299 34.66 2.82 -13.44
C GLN C 299 36.15 2.56 -13.69
N GLY C 300 36.88 2.22 -12.63
CA GLY C 300 38.29 1.93 -12.78
C GLY C 300 39.27 3.08 -12.66
N LEU C 301 38.77 4.30 -12.47
CA LEU C 301 39.63 5.47 -12.35
C LEU C 301 40.12 5.65 -10.91
N ASN C 302 41.21 6.40 -10.72
CA ASN C 302 41.73 6.64 -9.38
C ASN C 302 40.75 7.46 -8.51
N MET C 303 40.04 8.38 -9.15
CA MET C 303 39.06 9.20 -8.44
C MET C 303 37.84 9.29 -9.30
N PRO C 304 36.65 9.23 -8.68
CA PRO C 304 35.34 9.31 -9.31
C PRO C 304 35.16 10.45 -10.30
N VAL C 305 34.62 10.11 -11.47
CA VAL C 305 34.32 11.08 -12.53
C VAL C 305 33.10 10.52 -13.25
N ASN C 306 32.10 11.32 -13.50
CA ASN C 306 30.94 10.81 -14.22
C ASN C 306 30.35 11.75 -15.21
N ASP C 307 29.73 11.16 -16.23
CA ASP C 307 29.16 11.93 -17.34
C ASP C 307 27.64 11.91 -17.37
N LEU C 308 27.05 13.09 -17.18
CA LEU C 308 25.62 13.24 -17.25
C LEU C 308 25.32 13.31 -18.72
N SER C 309 24.05 13.10 -19.09
CA SER C 309 23.68 13.21 -20.48
C SER C 309 23.31 14.66 -20.70
N ARG C 310 23.56 15.16 -21.90
CA ARG C 310 23.19 16.53 -22.21
C ARG C 310 21.68 16.36 -22.11
N GLY C 311 20.92 17.44 -22.01
CA GLY C 311 19.48 17.25 -21.89
C GLY C 311 19.08 16.22 -20.83
N CYS C 312 19.71 16.28 -19.68
CA CYS C 312 19.40 15.36 -18.60
C CYS C 312 18.36 15.98 -17.70
N ASN C 313 18.22 15.41 -16.50
CA ASN C 313 17.23 15.83 -15.53
C ASN C 313 17.89 16.41 -14.28
N ALA C 314 17.17 17.27 -13.57
CA ALA C 314 17.72 17.86 -12.37
C ALA C 314 17.97 16.76 -11.35
N GLU C 315 17.06 15.79 -11.32
CA GLU C 315 17.19 14.66 -10.40
C GLU C 315 18.30 13.72 -10.88
N ASP C 316 18.49 13.67 -12.20
CA ASP C 316 19.53 12.83 -12.74
C ASP C 316 20.87 13.30 -12.16
N VAL C 317 21.06 14.61 -12.14
CA VAL C 317 22.29 15.22 -11.63
C VAL C 317 22.46 14.88 -10.16
N TYR C 318 21.36 14.91 -9.42
CA TYR C 318 21.34 14.62 -7.98
C TYR C 318 21.81 13.21 -7.71
N ASN C 319 21.23 12.25 -8.44
CA ASN C 319 21.58 10.87 -8.26
C ASN C 319 22.98 10.52 -8.71
N LEU C 320 23.42 11.08 -9.83
CA LEU C 320 24.77 10.79 -10.32
C LEU C 320 25.76 11.23 -9.23
N ALA C 321 25.42 12.30 -8.54
CA ALA C 321 26.25 12.82 -7.47
C ALA C 321 26.29 11.84 -6.31
N LEU C 322 25.15 11.19 -6.06
CA LEU C 322 25.07 10.21 -4.98
C LEU C 322 25.98 9.03 -5.32
N ILE C 323 25.87 8.57 -6.57
CA ILE C 323 26.68 7.47 -7.06
C ILE C 323 28.15 7.86 -7.04
N THR C 324 28.49 9.03 -7.56
CA THR C 324 29.87 9.49 -7.60
C THR C 324 30.49 9.61 -6.21
N ALA C 325 29.72 10.11 -5.26
CA ALA C 325 30.21 10.27 -3.88
C ALA C 325 30.48 8.90 -3.29
N ALA C 326 29.63 7.93 -3.63
CA ALA C 326 29.78 6.56 -3.17
C ALA C 326 31.08 5.97 -3.71
N GLN C 327 31.33 6.13 -5.01
CA GLN C 327 32.54 5.61 -5.62
C GLN C 327 33.77 6.16 -4.91
N ALA C 328 33.64 7.34 -4.33
CA ALA C 328 34.73 8.00 -3.61
C ALA C 328 34.93 7.41 -2.22
N LEU C 329 33.82 7.16 -1.53
CA LEU C 329 33.85 6.57 -0.20
C LEU C 329 34.60 5.24 -0.25
N GLY D 5 -5.64 -13.73 -29.09
CA GLY D 5 -4.15 -13.92 -29.01
C GLY D 5 -3.35 -12.72 -29.49
N GLY D 6 -2.01 -12.84 -29.47
CA GLY D 6 -1.16 -11.74 -29.88
C GLY D 6 -0.31 -12.04 -31.10
N MET D 7 0.58 -13.03 -31.00
CA MET D 7 1.39 -13.40 -32.14
C MET D 7 0.47 -14.34 -32.90
N ALA D 8 -0.46 -14.90 -32.13
CA ALA D 8 -1.43 -15.87 -32.65
C ALA D 8 -2.36 -15.35 -33.74
N ASP D 9 -2.91 -14.15 -33.59
CA ASP D 9 -3.82 -13.62 -34.60
C ASP D 9 -2.99 -13.08 -35.76
N LEU D 10 -1.69 -12.98 -35.53
CA LEU D 10 -0.77 -12.50 -36.54
C LEU D 10 -0.57 -13.65 -37.53
N PHE D 11 -0.67 -14.87 -37.01
CA PHE D 11 -0.53 -16.09 -37.81
C PHE D 11 -1.78 -16.40 -38.60
N SER D 12 -2.93 -16.02 -38.05
CA SER D 12 -4.21 -16.26 -38.71
C SER D 12 -4.29 -15.38 -39.95
N THR D 13 -3.49 -14.31 -39.96
CA THR D 13 -3.45 -13.39 -41.08
C THR D 13 -2.66 -14.06 -42.21
N VAL D 14 -1.64 -14.83 -41.81
CA VAL D 14 -0.80 -15.54 -42.75
C VAL D 14 -1.56 -16.76 -43.27
N GLN D 15 -2.13 -17.53 -42.34
CA GLN D 15 -2.88 -18.73 -42.72
C GLN D 15 -4.00 -18.34 -43.66
N GLU D 16 -4.42 -17.09 -43.55
CA GLU D 16 -5.47 -16.53 -44.40
C GLU D 16 -4.97 -16.62 -45.84
N LYS D 17 -3.84 -15.98 -46.09
CA LYS D 17 -3.23 -15.93 -47.40
C LYS D 17 -2.91 -17.30 -48.01
N VAL D 18 -2.39 -18.20 -47.18
CA VAL D 18 -1.98 -19.53 -47.60
C VAL D 18 -3.06 -20.56 -47.94
N ALA D 19 -3.85 -20.92 -46.92
CA ALA D 19 -4.91 -21.92 -47.01
C ALA D 19 -5.69 -22.01 -48.32
N GLY D 20 -5.75 -23.23 -48.88
CA GLY D 20 -6.49 -23.44 -50.12
C GLY D 20 -5.77 -23.22 -51.44
N LYS D 21 -4.49 -22.85 -51.40
CA LYS D 21 -3.74 -22.61 -52.64
C LYS D 21 -2.87 -23.82 -53.06
N ASP D 22 -3.03 -24.93 -52.36
CA ASP D 22 -2.29 -26.16 -52.65
C ASP D 22 -0.78 -25.97 -52.65
N VAL D 23 -0.28 -25.19 -51.70
CA VAL D 23 1.15 -24.94 -51.62
C VAL D 23 1.84 -26.17 -51.04
N LYS D 24 2.94 -26.58 -51.66
CA LYS D 24 3.67 -27.78 -51.21
C LYS D 24 4.92 -27.41 -50.43
N ILE D 25 5.02 -27.89 -49.20
CA ILE D 25 6.19 -27.64 -48.39
C ILE D 25 6.78 -28.98 -47.97
N VAL D 26 8.11 -29.08 -48.12
CA VAL D 26 8.86 -30.31 -47.78
C VAL D 26 9.37 -30.28 -46.36
N PHE D 27 9.28 -31.43 -45.69
CA PHE D 27 9.78 -31.52 -44.32
C PHE D 27 10.77 -32.69 -44.30
N PRO D 28 12.07 -32.41 -44.47
CA PRO D 28 13.15 -33.40 -44.48
C PRO D 28 13.22 -34.35 -43.30
N GLU D 29 12.79 -33.88 -42.14
CA GLU D 29 12.83 -34.67 -40.90
C GLU D 29 11.56 -35.53 -40.69
N GLY D 30 11.28 -36.37 -41.67
CA GLY D 30 10.10 -37.23 -41.63
C GLY D 30 9.84 -38.08 -40.41
N LEU D 31 10.86 -38.50 -39.68
CA LEU D 31 10.66 -39.33 -38.49
C LEU D 31 10.46 -38.54 -37.19
N ASP D 32 10.56 -37.22 -37.28
CA ASP D 32 10.41 -36.35 -36.12
C ASP D 32 8.95 -36.12 -35.77
N GLU D 33 8.53 -36.46 -34.55
CA GLU D 33 7.14 -36.29 -34.17
C GLU D 33 6.62 -34.86 -34.16
N ARG D 34 7.52 -33.90 -34.01
CA ARG D 34 7.10 -32.50 -34.04
C ARG D 34 6.60 -32.24 -35.46
N ILE D 35 7.36 -32.73 -36.44
CA ILE D 35 7.02 -32.59 -37.85
C ILE D 35 5.80 -33.45 -38.22
N LEU D 36 5.75 -34.67 -37.71
CA LEU D 36 4.64 -35.54 -38.04
C LEU D 36 3.32 -34.98 -37.54
N GLU D 37 3.30 -34.47 -36.32
CA GLU D 37 2.10 -33.89 -35.78
C GLU D 37 1.67 -32.66 -36.58
N ALA D 38 2.64 -31.83 -36.92
CA ALA D 38 2.37 -30.60 -37.66
C ALA D 38 1.89 -30.94 -39.05
N VAL D 39 2.54 -31.92 -39.64
CA VAL D 39 2.22 -32.34 -40.99
C VAL D 39 0.84 -33.00 -40.97
N SER D 40 0.65 -33.92 -40.04
CA SER D 40 -0.62 -34.62 -39.90
C SER D 40 -1.76 -33.62 -39.83
N LYS D 41 -1.61 -32.61 -38.97
CA LYS D 41 -2.65 -31.60 -38.80
C LYS D 41 -2.74 -30.67 -40.00
N LEU D 42 -1.61 -30.25 -40.56
CA LEU D 42 -1.64 -29.36 -41.71
C LEU D 42 -2.47 -29.93 -42.86
N ALA D 43 -2.32 -31.23 -43.08
CA ALA D 43 -3.04 -31.95 -44.14
C ALA D 43 -4.48 -32.09 -43.69
N GLY D 44 -4.67 -32.44 -42.43
CA GLY D 44 -6.01 -32.62 -41.90
C GLY D 44 -6.93 -31.44 -42.14
N ASN D 45 -6.43 -30.22 -41.94
CA ASN D 45 -7.25 -29.03 -42.15
C ASN D 45 -7.15 -28.52 -43.59
N LYS D 46 -6.42 -29.25 -44.44
CA LYS D 46 -6.24 -28.88 -45.83
C LYS D 46 -5.73 -27.45 -46.00
N VAL D 47 -4.74 -27.08 -45.19
CA VAL D 47 -4.14 -25.75 -45.25
C VAL D 47 -3.14 -25.69 -46.41
N LEU D 48 -2.26 -26.67 -46.45
CA LEU D 48 -1.23 -26.77 -47.48
C LEU D 48 -0.95 -28.27 -47.68
N ASN D 49 -0.23 -28.62 -48.75
CA ASN D 49 0.08 -30.03 -49.04
C ASN D 49 1.47 -30.42 -48.60
N PRO D 50 1.59 -31.03 -47.43
CA PRO D 50 2.92 -31.41 -46.95
C PRO D 50 3.59 -32.61 -47.63
N ILE D 51 4.90 -32.49 -47.83
CA ILE D 51 5.69 -33.57 -48.41
C ILE D 51 6.66 -33.91 -47.26
N VAL D 52 6.82 -35.19 -46.97
CA VAL D 52 7.70 -35.63 -45.90
C VAL D 52 8.76 -36.58 -46.47
N ILE D 53 10.01 -36.45 -46.02
CA ILE D 53 11.09 -37.30 -46.55
C ILE D 53 11.51 -38.42 -45.57
N GLY D 54 11.78 -39.61 -46.12
CA GLY D 54 12.20 -40.74 -45.30
C GLY D 54 11.61 -42.04 -45.78
N ASN D 55 11.83 -43.13 -45.04
CA ASN D 55 11.29 -44.44 -45.40
C ASN D 55 9.79 -44.55 -45.12
N GLU D 56 9.00 -44.82 -46.16
CA GLU D 56 7.56 -44.93 -46.03
C GLU D 56 7.01 -45.83 -44.91
N ASN D 57 7.51 -47.06 -44.79
CA ASN D 57 7.02 -47.95 -43.73
C ASN D 57 7.37 -47.44 -42.35
N GLU D 58 8.59 -46.93 -42.22
CA GLU D 58 9.07 -46.41 -40.94
C GLU D 58 8.24 -45.22 -40.48
N ILE D 59 7.98 -44.27 -41.39
CA ILE D 59 7.20 -43.08 -41.06
C ILE D 59 5.77 -43.49 -40.74
N GLN D 60 5.21 -44.36 -41.57
CA GLN D 60 3.86 -44.85 -41.38
C GLN D 60 3.73 -45.45 -39.97
N ALA D 61 4.67 -46.30 -39.58
CA ALA D 61 4.63 -46.93 -38.25
C ALA D 61 4.77 -45.88 -37.12
N LYS D 62 5.67 -44.92 -37.31
CA LYS D 62 5.91 -43.87 -36.32
C LYS D 62 4.62 -43.09 -36.12
N ALA D 63 4.01 -42.65 -37.22
CA ALA D 63 2.78 -41.88 -37.15
C ALA D 63 1.71 -42.65 -36.36
N LYS D 64 1.69 -43.97 -36.51
CA LYS D 64 0.72 -44.78 -35.81
C LYS D 64 0.99 -44.78 -34.30
N GLU D 65 2.26 -44.83 -33.89
CA GLU D 65 2.53 -44.82 -32.46
C GLU D 65 2.27 -43.45 -31.84
N LEU D 66 2.00 -42.46 -32.70
CA LEU D 66 1.71 -41.09 -32.29
C LEU D 66 0.23 -40.83 -32.48
N ASN D 67 -0.50 -41.91 -32.76
CA ASN D 67 -1.93 -41.81 -32.99
C ASN D 67 -2.28 -40.80 -34.07
N LEU D 68 -1.46 -40.78 -35.11
CA LEU D 68 -1.66 -39.86 -36.23
C LEU D 68 -1.94 -40.66 -37.49
N THR D 69 -2.44 -39.96 -38.49
CA THR D 69 -2.74 -40.54 -39.82
C THR D 69 -2.07 -39.60 -40.81
N LEU D 70 -1.59 -40.12 -41.94
CA LEU D 70 -0.91 -39.25 -42.87
C LEU D 70 -1.77 -38.90 -44.07
N GLY D 71 -2.98 -38.46 -43.76
CA GLY D 71 -3.96 -38.08 -44.76
C GLY D 71 -3.44 -37.56 -46.09
N GLY D 72 -3.49 -36.26 -46.28
CA GLY D 72 -3.00 -35.70 -47.54
C GLY D 72 -1.50 -35.49 -47.52
N VAL D 73 -0.75 -36.44 -46.95
CA VAL D 73 0.70 -36.31 -46.86
C VAL D 73 1.50 -37.24 -47.77
N LYS D 74 2.29 -36.66 -48.69
CA LYS D 74 3.10 -37.46 -49.60
C LYS D 74 4.45 -37.77 -48.97
N ILE D 75 4.95 -38.98 -49.20
CA ILE D 75 6.20 -39.43 -48.61
C ILE D 75 7.22 -39.77 -49.70
N TYR D 76 8.37 -39.10 -49.68
CA TYR D 76 9.45 -39.38 -50.62
C TYR D 76 10.63 -39.99 -49.87
N ASP D 77 11.17 -41.09 -50.39
CA ASP D 77 12.33 -41.76 -49.81
C ASP D 77 13.47 -41.60 -50.83
N PRO D 78 14.58 -40.97 -50.43
CA PRO D 78 15.70 -40.78 -51.35
C PRO D 78 16.21 -42.06 -52.00
N HIS D 79 15.98 -43.20 -51.35
CA HIS D 79 16.44 -44.49 -51.87
C HIS D 79 15.39 -45.17 -52.72
N THR D 80 14.39 -44.43 -53.16
CA THR D 80 13.30 -45.01 -53.91
C THR D 80 12.78 -44.05 -54.96
N TYR D 81 12.97 -42.76 -54.71
CA TYR D 81 12.50 -41.73 -55.61
C TYR D 81 12.92 -42.09 -57.02
N GLU D 82 11.94 -42.07 -57.94
CA GLU D 82 12.21 -42.39 -59.32
C GLU D 82 13.09 -41.32 -59.98
N GLY D 83 12.72 -40.06 -59.85
CA GLY D 83 13.48 -38.98 -60.45
C GLY D 83 14.84 -38.65 -59.87
N MET D 84 15.42 -39.56 -59.07
CA MET D 84 16.72 -39.34 -58.44
C MET D 84 17.82 -39.03 -59.47
N GLU D 85 17.95 -39.90 -60.46
CA GLU D 85 18.95 -39.74 -61.50
C GLU D 85 18.86 -38.34 -62.14
N ASP D 86 17.64 -37.90 -62.45
CA ASP D 86 17.43 -36.57 -63.04
C ASP D 86 17.82 -35.47 -62.07
N LEU D 87 17.60 -35.72 -60.78
CA LEU D 87 17.95 -34.76 -59.73
C LEU D 87 19.46 -34.74 -59.59
N VAL D 88 20.04 -35.94 -59.49
CA VAL D 88 21.49 -36.06 -59.39
C VAL D 88 22.13 -35.22 -60.49
N GLN D 89 21.61 -35.34 -61.71
CA GLN D 89 22.19 -34.62 -62.84
C GLN D 89 21.98 -33.13 -62.75
N ALA D 90 20.82 -32.71 -62.27
CA ALA D 90 20.52 -31.30 -62.14
C ALA D 90 21.44 -30.69 -61.10
N PHE D 91 21.80 -31.50 -60.11
CA PHE D 91 22.67 -31.04 -59.04
C PHE D 91 24.07 -30.76 -59.59
N VAL D 92 24.67 -31.76 -60.25
CA VAL D 92 26.01 -31.55 -60.77
C VAL D 92 26.02 -30.33 -61.68
N GLU D 93 24.94 -30.12 -62.44
CA GLU D 93 24.88 -28.98 -63.35
C GLU D 93 24.84 -27.68 -62.59
N ARG D 94 24.14 -27.70 -61.47
CA ARG D 94 24.00 -26.53 -60.63
C ARG D 94 25.28 -26.22 -59.87
N ARG D 95 26.02 -27.27 -59.49
CA ARG D 95 27.27 -27.15 -58.75
C ARG D 95 28.45 -26.78 -59.66
N LYS D 96 28.16 -26.55 -60.93
CA LYS D 96 29.18 -26.18 -61.90
C LYS D 96 30.52 -26.91 -61.84
N GLY D 97 30.48 -28.23 -61.90
CA GLY D 97 31.70 -29.02 -61.88
C GLY D 97 32.34 -29.23 -60.52
N LYS D 98 31.74 -28.66 -59.49
CA LYS D 98 32.29 -28.83 -58.16
C LYS D 98 31.91 -30.21 -57.60
N ALA D 99 30.95 -30.86 -58.25
CA ALA D 99 30.51 -32.17 -57.79
C ALA D 99 30.54 -33.21 -58.90
N THR D 100 31.19 -34.33 -58.63
CA THR D 100 31.26 -35.42 -59.58
C THR D 100 29.88 -36.06 -59.57
N GLU D 101 29.72 -37.15 -60.29
CA GLU D 101 28.43 -37.82 -60.31
C GLU D 101 28.29 -38.60 -59.01
N GLU D 102 29.35 -39.28 -58.61
CA GLU D 102 29.29 -40.06 -57.37
C GLU D 102 29.06 -39.14 -56.19
N GLN D 103 29.60 -37.93 -56.26
CA GLN D 103 29.41 -37.01 -55.16
C GLN D 103 27.96 -36.58 -55.08
N ALA D 104 27.44 -36.13 -56.22
CA ALA D 104 26.05 -35.69 -56.29
C ALA D 104 25.09 -36.74 -55.79
N ARG D 105 25.27 -37.99 -56.23
CA ARG D 105 24.39 -39.09 -55.83
C ARG D 105 24.37 -39.25 -54.32
N LYS D 106 25.56 -39.17 -53.72
CA LYS D 106 25.71 -39.30 -52.27
C LYS D 106 25.12 -38.10 -51.53
N ALA D 107 25.35 -36.90 -52.08
CA ALA D 107 24.85 -35.68 -51.48
C ALA D 107 23.34 -35.73 -51.38
N LEU D 108 22.67 -36.11 -52.47
CA LEU D 108 21.22 -36.16 -52.47
C LEU D 108 20.58 -37.32 -51.67
N LEU D 109 21.40 -38.15 -51.04
CA LEU D 109 20.83 -39.21 -50.23
C LEU D 109 20.51 -38.60 -48.86
N ASP D 110 20.88 -37.34 -48.71
CA ASP D 110 20.65 -36.58 -47.48
C ASP D 110 19.32 -35.88 -47.48
N GLU D 111 18.53 -36.12 -46.43
CA GLU D 111 17.21 -35.53 -46.29
C GLU D 111 17.12 -34.08 -46.76
N ASN D 112 17.99 -33.24 -46.19
CA ASN D 112 18.01 -31.81 -46.50
C ASN D 112 18.37 -31.49 -47.93
N TYR D 113 19.34 -32.21 -48.48
CA TYR D 113 19.71 -31.97 -49.87
C TYR D 113 18.59 -32.48 -50.77
N PHE D 114 18.14 -33.69 -50.52
CA PHE D 114 17.07 -34.26 -51.32
C PHE D 114 15.90 -33.30 -51.38
N GLY D 115 15.48 -32.79 -50.22
CA GLY D 115 14.35 -31.87 -50.17
C GLY D 115 14.61 -30.54 -50.84
N THR D 116 15.84 -30.07 -50.75
CA THR D 116 16.18 -28.80 -51.36
C THR D 116 16.14 -28.93 -52.87
N MET D 117 16.51 -30.09 -53.38
CA MET D 117 16.49 -30.32 -54.82
C MET D 117 15.06 -30.31 -55.31
N LEU D 118 14.17 -30.95 -54.56
CA LEU D 118 12.78 -31.00 -54.93
C LEU D 118 12.22 -29.60 -55.07
N VAL D 119 12.50 -28.76 -54.07
CA VAL D 119 12.02 -27.38 -54.10
C VAL D 119 12.57 -26.69 -55.33
N TYR D 120 13.84 -26.98 -55.63
CA TYR D 120 14.56 -26.39 -56.76
C TYR D 120 14.00 -26.78 -58.11
N LYS D 121 13.54 -28.02 -58.24
CA LYS D 121 12.97 -28.48 -59.50
C LYS D 121 11.47 -28.36 -59.58
N GLY D 122 10.86 -27.56 -58.69
CA GLY D 122 9.43 -27.37 -58.74
C GLY D 122 8.54 -28.44 -58.17
N LEU D 123 9.13 -29.51 -57.66
CA LEU D 123 8.35 -30.61 -57.07
C LEU D 123 7.87 -30.26 -55.67
N ALA D 124 8.23 -29.07 -55.22
CA ALA D 124 7.85 -28.54 -53.92
C ALA D 124 8.10 -27.04 -53.99
N ASP D 125 7.36 -26.26 -53.20
CA ASP D 125 7.49 -24.80 -53.24
C ASP D 125 8.39 -24.18 -52.17
N GLY D 126 8.58 -24.90 -51.07
CA GLY D 126 9.41 -24.38 -50.01
C GLY D 126 9.80 -25.52 -49.11
N LEU D 127 10.87 -25.34 -48.36
CA LEU D 127 11.33 -26.38 -47.45
C LEU D 127 11.34 -25.86 -46.01
N VAL D 128 11.17 -26.77 -45.06
CA VAL D 128 11.17 -26.43 -43.64
C VAL D 128 11.84 -27.52 -42.83
N SER D 129 13.07 -27.27 -42.40
CA SER D 129 13.82 -28.26 -41.60
C SER D 129 14.40 -27.53 -40.40
N GLY D 130 15.18 -28.23 -39.58
CA GLY D 130 15.77 -27.58 -38.43
C GLY D 130 15.50 -28.28 -37.10
N ALA D 131 14.34 -28.92 -37.00
CA ALA D 131 13.97 -29.63 -35.78
C ALA D 131 14.99 -30.66 -35.28
N ALA D 132 15.88 -31.13 -36.15
CA ALA D 132 16.90 -32.12 -35.77
C ALA D 132 18.22 -31.99 -36.53
N HIS D 133 18.58 -30.75 -36.89
CA HIS D 133 19.81 -30.43 -37.61
C HIS D 133 20.28 -29.04 -37.18
N SER D 134 21.56 -28.76 -37.41
CA SER D 134 22.14 -27.46 -37.09
C SER D 134 21.61 -26.48 -38.12
N THR D 135 21.51 -25.21 -37.74
CA THR D 135 21.02 -24.21 -38.69
C THR D 135 21.92 -24.16 -39.95
N ALA D 136 23.16 -24.64 -39.82
CA ALA D 136 24.08 -24.65 -40.96
C ALA D 136 23.65 -25.72 -41.94
N ASP D 137 23.27 -26.88 -41.40
CA ASP D 137 22.84 -27.99 -42.22
C ASP D 137 21.62 -27.71 -43.07
N THR D 138 20.87 -26.67 -42.72
CA THR D 138 19.69 -26.30 -43.51
C THR D 138 20.08 -25.25 -44.54
N VAL D 139 20.66 -24.14 -44.08
CA VAL D 139 21.08 -23.05 -44.95
C VAL D 139 22.17 -23.41 -45.97
N ARG D 140 22.98 -24.43 -45.71
CA ARG D 140 24.03 -24.81 -46.64
C ARG D 140 23.47 -25.20 -48.02
N PRO D 141 22.76 -26.33 -48.13
CA PRO D 141 22.23 -26.67 -49.45
C PRO D 141 21.33 -25.57 -50.00
N ALA D 142 20.64 -24.86 -49.12
CA ALA D 142 19.77 -23.79 -49.57
C ALA D 142 20.58 -22.79 -50.40
N LEU D 143 21.84 -22.58 -50.05
CA LEU D 143 22.67 -21.64 -50.80
C LEU D 143 23.46 -22.27 -51.93
N GLN D 144 23.62 -23.59 -51.91
CA GLN D 144 24.35 -24.23 -52.99
C GLN D 144 23.39 -24.48 -54.14
N ILE D 145 22.22 -25.05 -53.83
CA ILE D 145 21.19 -25.39 -54.81
C ILE D 145 20.38 -24.16 -55.20
N ILE D 146 19.36 -23.88 -54.39
CA ILE D 146 18.51 -22.71 -54.57
C ILE D 146 19.51 -21.60 -54.30
N LYS D 147 19.26 -20.37 -54.73
CA LYS D 147 20.23 -19.32 -54.40
C LYS D 147 19.52 -18.05 -53.97
N THR D 148 20.20 -16.91 -54.02
CA THR D 148 19.58 -15.65 -53.63
C THR D 148 18.96 -14.99 -54.84
N LYS D 149 17.89 -14.23 -54.61
CA LYS D 149 17.18 -13.54 -55.68
C LYS D 149 18.01 -12.52 -56.44
N GLU D 150 17.36 -11.92 -57.44
CA GLU D 150 17.93 -10.93 -58.31
C GLU D 150 19.16 -10.17 -57.82
N GLY D 151 18.94 -9.14 -57.01
CA GLY D 151 20.04 -8.35 -56.52
C GLY D 151 20.41 -8.62 -55.07
N VAL D 152 20.26 -9.87 -54.63
CA VAL D 152 20.60 -10.22 -53.25
C VAL D 152 21.87 -11.06 -53.23
N LYS D 153 22.75 -10.79 -52.29
CA LYS D 153 24.00 -11.52 -52.20
C LYS D 153 23.97 -12.44 -50.99
N LYS D 154 23.18 -12.07 -49.99
CA LYS D 154 23.12 -12.87 -48.78
C LYS D 154 21.74 -13.01 -48.14
N THR D 155 21.58 -14.05 -47.34
CA THR D 155 20.33 -14.28 -46.64
C THR D 155 20.49 -13.59 -45.31
N SER D 156 19.37 -13.40 -44.62
CA SER D 156 19.37 -12.78 -43.33
C SER D 156 18.24 -13.44 -42.54
N GLY D 157 18.37 -13.47 -41.21
CA GLY D 157 17.35 -14.06 -40.40
C GLY D 157 16.60 -13.01 -39.61
N VAL D 158 15.32 -12.81 -39.92
CA VAL D 158 14.53 -11.82 -39.23
C VAL D 158 13.76 -12.52 -38.13
N PHE D 159 13.13 -11.74 -37.27
CA PHE D 159 12.29 -12.23 -36.17
C PHE D 159 11.07 -11.34 -36.07
N ILE D 160 9.88 -11.93 -35.93
CA ILE D 160 8.71 -11.10 -35.78
C ILE D 160 8.53 -10.97 -34.27
N MET D 161 8.47 -9.74 -33.80
CA MET D 161 8.31 -9.48 -32.38
C MET D 161 6.89 -8.97 -32.17
N ALA D 162 6.16 -9.65 -31.29
CA ALA D 162 4.79 -9.25 -31.04
C ALA D 162 4.42 -9.23 -29.57
N ARG D 163 3.70 -8.19 -29.18
CA ARG D 163 3.25 -8.07 -27.81
C ARG D 163 1.94 -7.30 -27.91
N GLY D 164 0.83 -8.02 -27.81
CA GLY D 164 -0.46 -7.37 -27.94
C GLY D 164 -0.61 -6.81 -29.35
N GLU D 165 -0.85 -5.51 -29.44
CA GLU D 165 -1.03 -4.80 -30.71
C GLU D 165 0.30 -4.47 -31.42
N GLU D 166 1.38 -4.45 -30.63
CA GLU D 166 2.73 -4.15 -31.11
C GLU D 166 3.36 -5.25 -31.97
N GLN D 167 3.82 -4.86 -33.16
CA GLN D 167 4.45 -5.80 -34.08
C GLN D 167 5.68 -5.18 -34.74
N TYR D 168 6.83 -5.83 -34.58
CA TYR D 168 8.06 -5.33 -35.16
C TYR D 168 8.86 -6.43 -35.83
N VAL D 169 9.80 -6.03 -36.67
CA VAL D 169 10.68 -6.94 -37.39
C VAL D 169 12.10 -6.62 -36.93
N PHE D 170 12.89 -7.64 -36.59
CA PHE D 170 14.28 -7.42 -36.17
C PHE D 170 15.27 -7.97 -37.22
N ALA D 171 16.15 -7.10 -37.73
CA ALA D 171 17.10 -7.42 -38.80
C ALA D 171 18.36 -8.22 -38.53
N ASP D 172 18.34 -9.43 -39.08
CA ASP D 172 19.36 -10.47 -38.97
C ASP D 172 20.00 -10.64 -37.62
N CYS D 173 19.30 -11.43 -36.82
CA CYS D 173 19.70 -11.72 -35.45
C CYS D 173 20.08 -13.20 -35.44
N ALA D 174 20.41 -13.75 -36.61
CA ALA D 174 20.73 -15.18 -36.66
C ALA D 174 21.79 -15.65 -37.65
N ILE D 175 21.77 -15.14 -38.87
CA ILE D 175 22.72 -15.60 -39.89
C ILE D 175 24.08 -14.88 -39.95
N ASN D 176 24.12 -13.75 -40.65
CA ASN D 176 25.33 -12.95 -40.86
C ASN D 176 26.02 -12.40 -39.60
N ILE D 177 27.25 -12.88 -39.35
CA ILE D 177 27.97 -12.43 -38.15
C ILE D 177 28.40 -10.95 -38.14
N ALA D 178 29.27 -10.55 -39.05
CA ALA D 178 29.76 -9.17 -39.11
C ALA D 178 29.39 -8.49 -40.42
N PRO D 179 28.12 -8.08 -40.56
CA PRO D 179 27.67 -7.41 -41.78
C PRO D 179 28.32 -6.05 -42.00
N ASP D 180 28.61 -5.72 -43.26
CA ASP D 180 29.22 -4.44 -43.59
C ASP D 180 28.16 -3.56 -44.24
N SER D 181 28.53 -2.34 -44.59
CA SER D 181 27.61 -1.38 -45.22
C SER D 181 26.70 -1.96 -46.29
N GLN D 182 27.29 -2.70 -47.23
CA GLN D 182 26.52 -3.32 -48.31
C GLN D 182 25.54 -4.37 -47.79
N ASP D 183 25.96 -5.13 -46.79
CA ASP D 183 25.12 -6.14 -46.21
C ASP D 183 23.94 -5.52 -45.48
N LEU D 184 24.23 -4.60 -44.56
CA LEU D 184 23.20 -3.89 -43.79
C LEU D 184 22.12 -3.26 -44.67
N ALA D 185 22.53 -2.52 -45.69
CA ALA D 185 21.60 -1.87 -46.60
C ALA D 185 20.63 -2.87 -47.25
N GLU D 186 21.16 -4.06 -47.50
CA GLU D 186 20.40 -5.15 -48.09
C GLU D 186 19.49 -5.77 -47.02
N ILE D 187 20.03 -5.98 -45.82
CA ILE D 187 19.28 -6.57 -44.71
C ILE D 187 18.04 -5.70 -44.49
N ALA D 188 18.23 -4.39 -44.62
CA ALA D 188 17.14 -3.44 -44.43
C ALA D 188 16.11 -3.52 -45.54
N ILE D 189 16.58 -3.56 -46.79
CA ILE D 189 15.65 -3.64 -47.93
C ILE D 189 14.87 -4.94 -47.88
N GLU D 190 15.56 -6.05 -47.65
CA GLU D 190 14.92 -7.35 -47.61
C GLU D 190 13.99 -7.52 -46.40
N SER D 191 14.40 -7.02 -45.24
CA SER D 191 13.59 -7.13 -44.04
C SER D 191 12.31 -6.35 -44.25
N ALA D 192 12.43 -5.20 -44.90
CA ALA D 192 11.28 -4.33 -45.18
C ALA D 192 10.24 -5.03 -46.06
N ASN D 193 10.69 -5.84 -47.00
CA ASN D 193 9.75 -6.53 -47.86
C ASN D 193 9.15 -7.70 -47.10
N THR D 194 9.96 -8.34 -46.25
CA THR D 194 9.50 -9.47 -45.45
C THR D 194 8.37 -9.01 -44.52
N ALA D 195 8.44 -7.76 -44.06
CA ALA D 195 7.42 -7.19 -43.19
C ALA D 195 6.08 -7.04 -43.93
N LYS D 196 6.15 -6.83 -45.23
CA LYS D 196 4.95 -6.68 -46.04
C LYS D 196 4.10 -7.94 -45.95
N MET D 197 4.75 -9.08 -45.76
CA MET D 197 4.06 -10.36 -45.68
C MET D 197 3.18 -10.45 -44.45
N PHE D 198 3.53 -9.69 -43.42
CA PHE D 198 2.73 -9.69 -42.19
C PHE D 198 1.83 -8.47 -42.17
N ASP D 199 1.67 -7.84 -43.33
CA ASP D 199 0.82 -6.67 -43.46
C ASP D 199 1.27 -5.49 -42.61
N ILE D 200 2.59 -5.34 -42.48
CA ILE D 200 3.18 -4.23 -41.72
C ILE D 200 3.61 -3.18 -42.72
N GLU D 201 3.49 -1.91 -42.36
CA GLU D 201 3.90 -0.86 -43.29
C GLU D 201 5.33 -0.44 -42.93
N PRO D 202 6.30 -0.92 -43.72
CA PRO D 202 7.73 -0.64 -43.53
C PRO D 202 8.13 0.76 -43.11
N ARG D 203 8.92 0.80 -42.05
CA ARG D 203 9.46 2.04 -41.51
C ARG D 203 10.76 1.60 -40.84
N VAL D 204 11.81 1.51 -41.65
CA VAL D 204 13.11 1.05 -41.20
C VAL D 204 13.99 2.04 -40.46
N ALA D 205 14.74 1.52 -39.49
CA ALA D 205 15.67 2.32 -38.70
C ALA D 205 16.94 1.48 -38.56
N MET D 206 18.07 2.01 -39.05
CA MET D 206 19.37 1.34 -38.98
C MET D 206 20.01 1.68 -37.63
N LEU D 207 20.05 0.72 -36.72
CA LEU D 207 20.57 0.98 -35.38
C LEU D 207 22.08 1.01 -35.25
N SER D 208 22.53 1.67 -34.18
CA SER D 208 23.94 1.82 -33.81
C SER D 208 24.00 2.40 -32.40
N PHE D 209 25.16 2.89 -32.00
CA PHE D 209 25.27 3.46 -30.65
C PHE D 209 25.34 4.99 -30.60
N SER D 210 24.88 5.63 -31.66
CA SER D 210 24.89 7.08 -31.75
C SER D 210 23.81 7.47 -32.74
N THR D 211 23.30 8.68 -32.63
CA THR D 211 22.27 9.11 -33.53
C THR D 211 22.78 10.21 -34.44
N LYS D 212 22.65 9.96 -35.74
CA LYS D 212 23.08 10.86 -36.80
C LYS D 212 24.21 11.81 -36.45
N GLY D 213 25.31 11.27 -35.93
CA GLY D 213 26.45 12.12 -35.63
C GLY D 213 26.99 12.09 -34.22
N SER D 214 26.15 11.75 -33.23
CA SER D 214 26.58 11.71 -31.83
C SER D 214 28.06 11.34 -31.70
N ALA D 215 28.40 10.12 -32.11
CA ALA D 215 29.77 9.64 -32.07
C ALA D 215 30.14 9.34 -33.51
N LYS D 216 31.40 9.52 -33.87
CA LYS D 216 31.83 9.22 -35.23
C LYS D 216 33.02 8.27 -35.24
N SER D 217 32.75 7.00 -35.51
CA SER D 217 33.79 5.98 -35.55
C SER D 217 33.55 5.18 -36.81
N ASP D 218 34.31 4.10 -37.00
CA ASP D 218 34.11 3.28 -38.17
C ASP D 218 32.72 2.64 -38.09
N GLU D 219 32.41 2.13 -36.91
CA GLU D 219 31.13 1.49 -36.65
C GLU D 219 29.91 2.35 -36.96
N THR D 220 29.97 3.64 -36.66
CA THR D 220 28.83 4.49 -36.95
C THR D 220 28.78 4.78 -38.44
N GLU D 221 29.95 4.96 -39.04
CA GLU D 221 30.02 5.23 -40.47
C GLU D 221 29.56 4.02 -41.28
N LYS D 222 29.87 2.82 -40.81
CA LYS D 222 29.45 1.58 -41.47
C LYS D 222 27.95 1.64 -41.71
N VAL D 223 27.23 1.98 -40.66
CA VAL D 223 25.77 2.10 -40.70
C VAL D 223 25.33 3.33 -41.48
N ALA D 224 26.02 4.44 -41.25
CA ALA D 224 25.69 5.68 -41.95
C ALA D 224 25.79 5.44 -43.44
N ASP D 225 26.86 4.77 -43.84
CA ASP D 225 27.07 4.44 -45.24
C ASP D 225 25.97 3.49 -45.67
N ALA D 226 25.62 2.58 -44.76
CA ALA D 226 24.59 1.59 -45.03
C ALA D 226 23.28 2.28 -45.43
N VAL D 227 22.99 3.41 -44.78
CA VAL D 227 21.77 4.15 -45.05
C VAL D 227 21.79 4.76 -46.45
N LYS D 228 22.94 5.32 -46.81
CA LYS D 228 23.12 5.93 -48.12
C LYS D 228 22.77 4.90 -49.18
N ILE D 229 23.50 3.79 -49.14
CA ILE D 229 23.32 2.70 -50.09
C ILE D 229 21.86 2.29 -50.22
N ALA D 230 21.20 2.06 -49.09
CA ALA D 230 19.80 1.64 -49.07
C ALA D 230 18.89 2.70 -49.69
N LYS D 231 19.02 3.93 -49.21
CA LYS D 231 18.21 5.03 -49.72
C LYS D 231 18.39 5.22 -51.22
N GLU D 232 19.62 5.07 -51.69
CA GLU D 232 19.91 5.23 -53.11
C GLU D 232 19.25 4.06 -53.85
N LYS D 233 19.58 2.85 -53.42
CA LYS D 233 19.06 1.64 -54.04
C LYS D 233 17.53 1.53 -53.98
N ALA D 234 16.93 1.99 -52.89
CA ALA D 234 15.48 1.91 -52.75
C ALA D 234 14.86 3.19 -52.18
N PRO D 235 14.78 4.25 -53.00
CA PRO D 235 14.23 5.58 -52.67
C PRO D 235 12.89 5.68 -51.92
N GLU D 236 11.86 4.99 -52.41
CA GLU D 236 10.51 5.01 -51.81
C GLU D 236 10.38 4.45 -50.39
N LEU D 237 11.27 3.53 -50.02
CA LEU D 237 11.24 2.88 -48.72
C LEU D 237 11.59 3.86 -47.59
N THR D 238 10.67 4.04 -46.65
CA THR D 238 10.86 4.96 -45.53
C THR D 238 11.88 4.44 -44.52
N LEU D 239 13.09 4.98 -44.58
CA LEU D 239 14.14 4.58 -43.67
C LEU D 239 15.20 5.65 -43.58
N ASP D 240 15.57 5.99 -42.36
CA ASP D 240 16.62 6.95 -42.12
C ASP D 240 17.61 6.19 -41.25
N GLY D 241 18.84 6.65 -41.12
CA GLY D 241 19.75 5.85 -40.36
C GLY D 241 20.83 6.34 -39.45
N GLU D 242 21.21 5.41 -38.58
CA GLU D 242 22.21 5.57 -37.55
C GLU D 242 21.53 6.20 -36.35
N PHE D 243 20.58 5.46 -35.80
CA PHE D 243 19.81 5.85 -34.64
C PHE D 243 20.20 4.96 -33.46
N GLN D 244 19.85 5.40 -32.26
CA GLN D 244 20.07 4.61 -31.08
C GLN D 244 18.66 4.11 -30.90
N PHE D 245 18.45 3.03 -30.15
CA PHE D 245 17.09 2.53 -29.98
C PHE D 245 16.11 3.65 -29.57
N ASP D 246 16.55 4.57 -28.73
CA ASP D 246 15.73 5.71 -28.27
C ASP D 246 15.04 6.34 -29.47
N ALA D 247 15.84 7.09 -30.22
CA ALA D 247 15.41 7.83 -31.39
C ALA D 247 14.53 7.04 -32.34
N ALA D 248 14.78 5.73 -32.43
CA ALA D 248 14.01 4.87 -33.32
C ALA D 248 12.67 4.45 -32.75
N PHE D 249 12.63 4.29 -31.43
CA PHE D 249 11.43 3.83 -30.75
C PHE D 249 10.50 4.88 -30.11
N VAL D 250 11.06 5.90 -29.47
CA VAL D 250 10.25 6.93 -28.82
C VAL D 250 10.37 8.31 -29.50
N PRO D 251 9.25 8.85 -29.99
CA PRO D 251 9.12 10.16 -30.68
C PRO D 251 9.74 11.34 -29.97
N SER D 252 9.53 11.43 -28.66
CA SER D 252 10.10 12.53 -27.89
C SER D 252 11.54 12.65 -28.30
N VAL D 253 12.26 11.55 -28.15
CA VAL D 253 13.68 11.49 -28.47
C VAL D 253 14.00 11.72 -29.95
N ALA D 254 13.07 11.42 -30.84
CA ALA D 254 13.28 11.61 -32.26
C ALA D 254 13.48 13.09 -32.59
N GLU D 255 12.48 13.92 -32.31
CA GLU D 255 12.59 15.36 -32.59
C GLU D 255 13.78 16.00 -31.88
N LYS D 256 14.22 15.43 -30.77
CA LYS D 256 15.36 15.98 -30.05
C LYS D 256 16.66 15.54 -30.72
N LYS D 257 16.99 14.27 -30.55
CA LYS D 257 18.21 13.69 -31.14
C LYS D 257 18.36 13.92 -32.66
N ALA D 258 17.25 13.95 -33.40
CA ALA D 258 17.35 14.14 -34.85
C ALA D 258 16.05 14.40 -35.61
N PRO D 259 15.59 15.66 -35.63
CA PRO D 259 14.35 15.98 -36.34
C PRO D 259 14.64 16.02 -37.85
N ASP D 260 13.64 16.37 -38.64
CA ASP D 260 13.79 16.44 -40.09
C ASP D 260 13.92 15.07 -40.74
N SER D 261 14.14 14.05 -39.91
CA SER D 261 14.29 12.69 -40.41
C SER D 261 12.94 12.03 -40.67
N GLU D 262 12.90 11.14 -41.66
CA GLU D 262 11.68 10.43 -42.02
C GLU D 262 11.10 9.73 -40.78
N ILE D 263 11.95 8.97 -40.10
CA ILE D 263 11.57 8.25 -38.90
C ILE D 263 11.32 9.21 -37.75
N LYS D 264 10.11 9.16 -37.20
CA LYS D 264 9.75 10.02 -36.09
C LYS D 264 9.52 9.16 -34.85
N GLY D 265 10.55 8.42 -34.43
CA GLY D 265 10.41 7.55 -33.29
C GLY D 265 9.29 6.53 -33.43
N ASP D 266 9.00 6.15 -34.67
CA ASP D 266 7.94 5.21 -35.02
C ASP D 266 8.46 4.11 -35.97
N ALA D 267 9.63 3.57 -35.65
CA ALA D 267 10.19 2.53 -36.49
C ALA D 267 9.50 1.21 -36.16
N ASN D 268 9.27 0.38 -37.19
CA ASN D 268 8.64 -0.92 -36.97
C ASN D 268 9.46 -2.03 -37.64
N VAL D 269 10.68 -1.65 -38.04
CA VAL D 269 11.63 -2.55 -38.66
C VAL D 269 12.99 -2.06 -38.16
N PHE D 270 13.62 -2.84 -37.30
CA PHE D 270 14.91 -2.44 -36.74
C PHE D 270 16.11 -3.26 -37.22
N VAL D 271 16.94 -2.64 -38.05
CA VAL D 271 18.13 -3.31 -38.56
C VAL D 271 19.32 -3.13 -37.64
N PHE D 272 19.78 -4.23 -37.05
CA PHE D 272 20.91 -4.20 -36.13
C PHE D 272 22.23 -4.17 -36.88
N PRO D 273 23.27 -3.51 -36.32
CA PRO D 273 24.60 -3.39 -36.93
C PRO D 273 25.45 -4.64 -36.95
N SER D 274 25.15 -5.59 -36.08
CA SER D 274 25.93 -6.82 -36.08
C SER D 274 25.15 -7.96 -35.43
N LEU D 275 25.63 -9.18 -35.61
CA LEU D 275 24.97 -10.36 -35.04
C LEU D 275 25.00 -10.35 -33.50
N GLU D 276 26.03 -9.73 -32.92
CA GLU D 276 26.11 -9.65 -31.47
C GLU D 276 24.98 -8.75 -30.97
N ALA D 277 24.74 -7.64 -31.66
CA ALA D 277 23.65 -6.75 -31.28
C ALA D 277 22.29 -7.36 -31.57
N GLY D 278 22.14 -7.88 -32.79
CA GLY D 278 20.88 -8.50 -33.21
C GLY D 278 20.42 -9.70 -32.39
N ASN D 279 21.33 -10.62 -32.07
CA ASN D 279 20.98 -11.80 -31.29
C ASN D 279 20.61 -11.43 -29.85
N ILE D 280 21.52 -10.72 -29.17
CA ILE D 280 21.29 -10.28 -27.79
C ILE D 280 20.04 -9.39 -27.77
N GLY D 281 19.82 -8.66 -28.88
CA GLY D 281 18.70 -7.75 -29.02
C GLY D 281 17.35 -8.39 -28.88
N TYR D 282 16.95 -9.20 -29.85
CA TYR D 282 15.65 -9.86 -29.80
C TYR D 282 15.45 -10.66 -28.50
N LYS D 283 16.53 -11.26 -27.98
CA LYS D 283 16.45 -12.02 -26.74
C LYS D 283 16.16 -11.17 -25.50
N ILE D 284 16.76 -9.99 -25.42
CA ILE D 284 16.46 -9.09 -24.31
C ILE D 284 15.01 -8.64 -24.47
N ALA D 285 14.63 -8.32 -25.71
CA ALA D 285 13.26 -7.87 -26.01
C ALA D 285 12.24 -8.94 -25.59
N GLN D 286 12.57 -10.20 -25.87
CA GLN D 286 11.71 -11.33 -25.53
C GLN D 286 11.67 -11.62 -24.04
N ARG D 287 12.81 -12.01 -23.46
CA ARG D 287 12.89 -12.34 -22.04
C ARG D 287 12.65 -11.17 -21.08
N LEU D 288 13.04 -9.95 -21.45
CA LEU D 288 12.80 -8.82 -20.56
C LEU D 288 11.54 -8.06 -20.94
N GLY D 289 11.32 -7.86 -22.23
CA GLY D 289 10.17 -7.11 -22.70
C GLY D 289 8.90 -7.90 -22.80
N ASN D 290 8.99 -9.21 -22.55
CA ASN D 290 7.83 -10.09 -22.62
C ASN D 290 7.16 -10.04 -23.98
N PHE D 291 7.98 -9.95 -25.02
CA PHE D 291 7.49 -9.95 -26.38
C PHE D 291 7.53 -11.38 -26.89
N GLU D 292 6.59 -11.74 -27.73
CA GLU D 292 6.54 -13.08 -28.31
C GLU D 292 7.53 -12.99 -29.48
N ALA D 293 8.51 -13.88 -29.48
CA ALA D 293 9.52 -13.87 -30.53
C ALA D 293 9.41 -15.09 -31.43
N VAL D 294 9.15 -14.83 -32.70
CA VAL D 294 9.02 -15.89 -33.70
C VAL D 294 10.39 -16.12 -34.30
N GLY D 295 10.84 -17.38 -34.18
CA GLY D 295 12.14 -17.93 -34.64
C GLY D 295 12.79 -17.39 -35.91
N PRO D 296 14.05 -17.70 -36.25
CA PRO D 296 14.62 -17.16 -37.49
C PRO D 296 13.85 -17.42 -38.77
N ILE D 297 13.62 -16.35 -39.53
CA ILE D 297 12.90 -16.46 -40.79
C ILE D 297 13.89 -15.99 -41.85
N LEU D 298 14.34 -16.90 -42.70
CA LEU D 298 15.27 -16.56 -43.77
C LEU D 298 14.61 -15.67 -44.84
N GLN D 299 15.42 -14.96 -45.61
CA GLN D 299 14.86 -14.10 -46.63
C GLN D 299 15.81 -13.86 -47.79
N GLY D 300 15.24 -13.49 -48.94
CA GLY D 300 16.06 -13.20 -50.11
C GLY D 300 16.41 -14.34 -51.04
N LEU D 301 15.98 -15.55 -50.70
CA LEU D 301 16.27 -16.72 -51.52
C LEU D 301 15.27 -16.86 -52.67
N ASN D 302 15.63 -17.66 -53.69
CA ASN D 302 14.76 -17.86 -54.84
C ASN D 302 13.53 -18.65 -54.42
N MET D 303 13.71 -19.65 -53.57
CA MET D 303 12.61 -20.46 -53.05
C MET D 303 12.67 -20.56 -51.53
N PRO D 304 11.51 -20.40 -50.86
CA PRO D 304 11.36 -20.45 -49.41
C PRO D 304 12.03 -21.61 -48.71
N VAL D 305 12.82 -21.27 -47.71
CA VAL D 305 13.53 -22.25 -46.92
C VAL D 305 13.59 -21.68 -45.51
N ASN D 306 13.34 -22.49 -44.50
CA ASN D 306 13.40 -21.99 -43.14
C ASN D 306 13.88 -22.98 -42.11
N ASP D 307 14.57 -22.44 -41.10
CA ASP D 307 15.15 -23.26 -40.06
C ASP D 307 14.43 -23.22 -38.75
N LEU D 308 13.93 -24.38 -38.33
CA LEU D 308 13.24 -24.54 -37.04
C LEU D 308 14.30 -24.68 -35.99
N SER D 309 13.95 -24.41 -34.75
CA SER D 309 14.89 -24.57 -33.68
C SER D 309 14.89 -26.03 -33.28
N ARG D 310 16.07 -26.57 -32.96
CA ARG D 310 16.18 -27.93 -32.47
C ARG D 310 15.37 -27.78 -31.21
N GLY D 311 14.88 -28.88 -30.64
CA GLY D 311 14.07 -28.73 -29.45
C GLY D 311 13.01 -27.64 -29.63
N CYS D 312 12.26 -27.72 -30.73
CA CYS D 312 11.22 -26.75 -31.01
C CYS D 312 9.87 -27.31 -30.58
N ASN D 313 8.81 -26.64 -31.02
CA ASN D 313 7.44 -26.99 -30.65
C ASN D 313 6.67 -27.50 -31.87
N ALA D 314 5.75 -28.43 -31.65
CA ALA D 314 4.97 -28.96 -32.75
C ALA D 314 4.19 -27.84 -33.44
N GLU D 315 3.74 -26.86 -32.67
CA GLU D 315 2.99 -25.74 -33.24
C GLU D 315 3.96 -24.79 -33.94
N ASP D 316 5.23 -24.85 -33.53
CA ASP D 316 6.24 -23.99 -34.13
C ASP D 316 6.44 -24.46 -35.56
N VAL D 317 6.47 -25.78 -35.73
CA VAL D 317 6.65 -26.38 -37.03
C VAL D 317 5.49 -25.92 -37.91
N TYR D 318 4.28 -26.03 -37.38
CA TYR D 318 3.07 -25.64 -38.08
C TYR D 318 3.13 -24.19 -38.58
N ASN D 319 3.48 -23.27 -37.70
CA ASN D 319 3.54 -21.86 -38.05
C ASN D 319 4.67 -21.51 -39.00
N LEU D 320 5.81 -22.16 -38.85
CA LEU D 320 6.91 -21.87 -39.76
C LEU D 320 6.42 -22.25 -41.16
N ALA D 321 5.68 -23.35 -41.24
CA ALA D 321 5.16 -23.82 -42.50
C ALA D 321 4.20 -22.80 -43.11
N LEU D 322 3.41 -22.15 -42.27
CA LEU D 322 2.47 -21.12 -42.72
C LEU D 322 3.25 -19.94 -43.30
N ILE D 323 4.33 -19.57 -42.61
CA ILE D 323 5.19 -18.47 -43.04
C ILE D 323 5.90 -18.85 -44.33
N THR D 324 6.47 -20.04 -44.35
CA THR D 324 7.19 -20.56 -45.51
C THR D 324 6.28 -20.64 -46.75
N ALA D 325 5.03 -21.05 -46.57
CA ALA D 325 4.08 -21.16 -47.67
C ALA D 325 3.77 -19.76 -48.18
N ALA D 326 3.62 -18.83 -47.25
CA ALA D 326 3.36 -17.43 -47.58
C ALA D 326 4.49 -16.86 -48.46
N GLN D 327 5.74 -17.12 -48.07
CA GLN D 327 6.90 -16.65 -48.82
C GLN D 327 6.86 -17.15 -50.26
N ALA D 328 6.28 -18.34 -50.45
CA ALA D 328 6.17 -18.93 -51.77
C ALA D 328 5.11 -18.25 -52.62
N LEU D 329 3.95 -18.03 -52.04
CA LEU D 329 2.86 -17.37 -52.74
C LEU D 329 3.35 -16.09 -53.41
N MET E 7 -14.83 2.53 36.13
CA MET E 7 -16.07 3.31 36.45
C MET E 7 -16.29 4.43 35.46
N ALA E 8 -15.28 5.29 35.35
CA ALA E 8 -15.34 6.42 34.44
C ALA E 8 -15.74 5.98 33.04
N ASP E 9 -15.32 4.78 32.67
CA ASP E 9 -15.65 4.22 31.35
C ASP E 9 -17.06 3.65 31.40
N LEU E 10 -17.57 3.53 32.62
CA LEU E 10 -18.92 3.02 32.84
C LEU E 10 -19.87 4.15 32.48
N PHE E 11 -19.40 5.37 32.66
CA PHE E 11 -20.19 6.56 32.36
C PHE E 11 -20.21 6.83 30.87
N SER E 12 -19.07 6.56 30.24
CA SER E 12 -18.95 6.77 28.82
C SER E 12 -19.93 5.85 28.11
N THR E 13 -20.32 4.79 28.79
CA THR E 13 -21.27 3.84 28.22
C THR E 13 -22.66 4.44 28.28
N VAL E 14 -22.87 5.24 29.30
CA VAL E 14 -24.15 5.89 29.51
C VAL E 14 -24.24 7.08 28.56
N GLN E 15 -23.18 7.87 28.55
CA GLN E 15 -23.14 9.06 27.71
C GLN E 15 -23.34 8.67 26.27
N GLU E 16 -22.95 7.45 25.96
CA GLU E 16 -23.07 6.90 24.62
C GLU E 16 -24.55 6.88 24.25
N LYS E 17 -25.35 6.27 25.12
CA LYS E 17 -26.78 6.13 24.92
C LYS E 17 -27.51 7.48 24.84
N VAL E 18 -27.10 8.40 25.70
CA VAL E 18 -27.71 9.72 25.80
C VAL E 18 -27.44 10.74 24.70
N ALA E 19 -26.19 11.18 24.62
CA ALA E 19 -25.75 12.19 23.65
C ALA E 19 -26.47 12.21 22.30
N GLY E 20 -26.90 13.40 21.90
CA GLY E 20 -27.56 13.55 20.60
C GLY E 20 -29.05 13.29 20.54
N LYS E 21 -29.65 12.92 21.67
CA LYS E 21 -31.08 12.65 21.66
C LYS E 21 -31.92 13.83 22.15
N ASP E 22 -31.29 14.98 22.35
CA ASP E 22 -31.99 16.18 22.80
C ASP E 22 -32.77 15.97 24.09
N VAL E 23 -32.21 15.23 25.03
CA VAL E 23 -32.90 14.97 26.30
C VAL E 23 -32.84 16.20 27.19
N LYS E 24 -34.00 16.61 27.72
CA LYS E 24 -34.12 17.78 28.59
C LYS E 24 -34.14 17.46 30.08
N ILE E 25 -33.11 17.91 30.81
CA ILE E 25 -33.05 17.70 32.25
C ILE E 25 -33.09 19.05 32.99
N VAL E 26 -33.99 19.15 33.98
CA VAL E 26 -34.16 20.36 34.79
C VAL E 26 -33.22 20.37 36.01
N PHE E 27 -32.65 21.53 36.30
CA PHE E 27 -31.77 21.67 37.45
C PHE E 27 -32.34 22.86 38.25
N PRO E 28 -33.19 22.58 39.24
CA PRO E 28 -33.82 23.62 40.07
C PRO E 28 -32.89 24.62 40.77
N GLU E 29 -31.71 24.16 41.16
CA GLU E 29 -30.75 25.02 41.86
C GLU E 29 -29.90 25.87 40.91
N GLY E 30 -30.57 26.74 40.19
CA GLY E 30 -29.90 27.59 39.21
C GLY E 30 -28.72 28.44 39.63
N LEU E 31 -28.68 28.84 40.90
CA LEU E 31 -27.58 29.67 41.37
C LEU E 31 -26.40 28.91 41.96
N ASP E 32 -26.46 27.57 41.92
CA ASP E 32 -25.40 26.74 42.47
C ASP E 32 -24.31 26.54 41.42
N GLU E 33 -23.07 26.89 41.75
CA GLU E 33 -22.00 26.74 40.76
C GLU E 33 -21.72 25.33 40.29
N ARG E 34 -22.01 24.34 41.14
CA ARG E 34 -21.79 22.96 40.73
C ARG E 34 -22.71 22.69 39.56
N ILE E 35 -23.95 23.14 39.71
CA ILE E 35 -24.94 22.98 38.65
C ILE E 35 -24.59 23.82 37.41
N LEU E 36 -24.18 25.07 37.63
CA LEU E 36 -23.85 25.93 36.50
C LEU E 36 -22.66 25.41 35.70
N GLU E 37 -21.61 24.95 36.39
CA GLU E 37 -20.44 24.42 35.70
C GLU E 37 -20.80 23.18 34.89
N ALA E 38 -21.61 22.32 35.49
CA ALA E 38 -22.05 21.08 34.86
C ALA E 38 -22.98 21.36 33.68
N VAL E 39 -23.94 22.26 33.93
CA VAL E 39 -24.91 22.67 32.92
C VAL E 39 -24.17 23.36 31.78
N SER E 40 -23.20 24.20 32.13
CA SER E 40 -22.42 24.90 31.14
C SER E 40 -21.73 23.91 30.25
N LYS E 41 -21.06 22.94 30.86
CA LYS E 41 -20.35 21.93 30.10
C LYS E 41 -21.27 21.01 29.31
N LEU E 42 -22.32 20.54 29.95
CA LEU E 42 -23.25 19.66 29.26
C LEU E 42 -23.74 20.27 27.96
N ALA E 43 -24.12 21.54 27.98
CA ALA E 43 -24.60 22.21 26.77
C ALA E 43 -23.42 22.43 25.83
N GLY E 44 -22.26 22.71 26.42
CA GLY E 44 -21.07 22.95 25.63
C GLY E 44 -20.75 21.79 24.71
N ASN E 45 -20.97 20.57 25.18
CA ASN E 45 -20.68 19.39 24.37
C ASN E 45 -21.90 18.90 23.61
N LYS E 46 -23.03 19.57 23.82
CA LYS E 46 -24.28 19.20 23.18
C LYS E 46 -24.66 17.77 23.54
N VAL E 47 -24.39 17.40 24.78
CA VAL E 47 -24.72 16.07 25.29
C VAL E 47 -26.23 15.95 25.54
N LEU E 48 -26.77 16.93 26.26
CA LEU E 48 -28.20 17.01 26.57
C LEU E 48 -28.61 18.49 26.62
N ASN E 49 -29.91 18.77 26.69
CA ASN E 49 -30.39 20.14 26.72
C ASN E 49 -30.79 20.50 28.14
N PRO E 50 -29.88 21.17 28.86
CA PRO E 50 -30.18 21.54 30.24
C PRO E 50 -31.12 22.75 30.44
N ILE E 51 -32.04 22.61 31.39
CA ILE E 51 -33.00 23.66 31.75
C ILE E 51 -32.74 24.01 33.22
N VAL E 52 -32.38 25.26 33.45
CA VAL E 52 -32.06 25.77 34.78
C VAL E 52 -33.22 26.64 35.32
N ILE E 53 -33.51 26.55 36.61
CA ILE E 53 -34.60 27.35 37.18
C ILE E 53 -34.07 28.49 38.05
N GLY E 54 -34.67 29.67 37.91
CA GLY E 54 -34.28 30.83 38.69
C GLY E 54 -34.40 32.16 37.95
N ASN E 55 -33.84 33.22 38.51
CA ASN E 55 -33.89 34.55 37.88
C ASN E 55 -32.82 34.65 36.78
N GLU E 56 -33.23 35.07 35.59
CA GLU E 56 -32.31 35.18 34.47
C GLU E 56 -31.12 36.13 34.64
N ASN E 57 -31.36 37.34 35.13
CA ASN E 57 -30.24 38.26 35.33
C ASN E 57 -29.29 37.76 36.41
N GLU E 58 -29.86 37.20 37.47
CA GLU E 58 -29.07 36.69 38.55
C GLU E 58 -28.20 35.51 38.11
N ILE E 59 -28.78 34.53 37.43
CA ILE E 59 -27.99 33.40 36.95
C ILE E 59 -26.94 33.88 35.97
N GLN E 60 -27.38 34.70 35.02
CA GLN E 60 -26.48 35.23 34.01
C GLN E 60 -25.25 35.90 34.64
N ALA E 61 -25.47 36.67 35.70
CA ALA E 61 -24.39 37.36 36.40
C ALA E 61 -23.51 36.40 37.22
N LYS E 62 -24.11 35.32 37.71
CA LYS E 62 -23.37 34.32 38.48
C LYS E 62 -22.50 33.50 37.54
N ALA E 63 -23.05 33.16 36.37
CA ALA E 63 -22.30 32.38 35.40
C ALA E 63 -21.08 33.17 35.01
N LYS E 64 -21.25 34.49 34.93
CA LYS E 64 -20.14 35.35 34.55
C LYS E 64 -19.01 35.32 35.56
N GLU E 65 -19.32 35.31 36.85
CA GLU E 65 -18.22 35.31 37.82
C GLU E 65 -17.57 33.93 37.95
N LEU E 66 -18.08 32.95 37.21
CA LEU E 66 -17.53 31.60 37.22
C LEU E 66 -16.86 31.32 35.87
N ASN E 67 -16.74 32.36 35.06
CA ASN E 67 -16.14 32.24 33.74
C ASN E 67 -16.87 31.22 32.90
N LEU E 68 -18.20 31.26 33.00
CA LEU E 68 -19.05 30.34 32.25
C LEU E 68 -19.98 31.12 31.30
N THR E 69 -20.48 30.41 30.29
CA THR E 69 -21.40 30.92 29.29
C THR E 69 -22.60 29.99 29.34
N LEU E 70 -23.79 30.48 29.09
CA LEU E 70 -24.94 29.61 29.17
C LEU E 70 -25.45 29.28 27.80
N GLY E 71 -24.51 28.86 26.97
CA GLY E 71 -24.79 28.47 25.59
C GLY E 71 -26.16 27.90 25.29
N GLY E 72 -26.27 26.58 25.30
CA GLY E 72 -27.54 25.95 25.01
C GLY E 72 -28.32 25.69 26.27
N VAL E 73 -28.34 26.67 27.17
CA VAL E 73 -29.05 26.52 28.43
C VAL E 73 -30.25 27.41 28.54
N LYS E 74 -31.43 26.81 28.67
CA LYS E 74 -32.69 27.53 28.80
C LYS E 74 -32.92 27.86 30.28
N ILE E 75 -33.38 29.08 30.55
CA ILE E 75 -33.65 29.51 31.91
C ILE E 75 -35.10 29.83 32.18
N TYR E 76 -35.65 29.20 33.22
CA TYR E 76 -37.05 29.43 33.57
C TYR E 76 -37.14 30.07 34.96
N ASP E 77 -37.94 31.13 35.05
CA ASP E 77 -38.14 31.82 36.31
C ASP E 77 -39.60 31.59 36.70
N PRO E 78 -39.85 30.97 37.87
CA PRO E 78 -41.23 30.71 38.29
C PRO E 78 -42.11 31.96 38.30
N HIS E 79 -41.50 33.12 38.57
CA HIS E 79 -42.21 34.41 38.67
C HIS E 79 -42.42 35.03 37.29
N THR E 80 -42.09 34.29 36.24
CA THR E 80 -42.16 34.84 34.89
C THR E 80 -42.73 33.88 33.85
N TYR E 81 -42.48 32.60 34.05
CA TYR E 81 -42.94 31.56 33.15
C TYR E 81 -44.38 31.82 32.70
N GLU E 82 -44.67 31.73 31.40
CA GLU E 82 -46.06 31.97 30.95
C GLU E 82 -47.04 30.81 31.06
N GLY E 83 -46.58 29.64 31.49
CA GLY E 83 -47.48 28.51 31.66
C GLY E 83 -47.78 28.20 33.12
N MET E 84 -47.41 29.11 34.01
CA MET E 84 -47.61 28.94 35.43
C MET E 84 -49.07 28.64 35.77
N GLU E 85 -49.95 29.48 35.23
CA GLU E 85 -51.39 29.33 35.43
C GLU E 85 -51.82 27.91 35.10
N ASP E 86 -51.36 27.43 33.96
CA ASP E 86 -51.68 26.07 33.54
C ASP E 86 -51.07 25.03 34.47
N LEU E 87 -49.83 25.29 34.90
CA LEU E 87 -49.15 24.37 35.80
C LEU E 87 -49.87 24.37 37.14
N VAL E 88 -50.23 25.57 37.59
CA VAL E 88 -50.95 25.70 38.84
C VAL E 88 -52.17 24.80 38.81
N GLN E 89 -52.96 24.91 37.74
CA GLN E 89 -54.19 24.11 37.63
C GLN E 89 -53.95 22.61 37.53
N ALA E 90 -52.83 22.24 36.91
CA ALA E 90 -52.49 20.84 36.75
C ALA E 90 -52.12 20.25 38.10
N PHE E 91 -51.47 21.08 38.92
CA PHE E 91 -51.03 20.67 40.24
C PHE E 91 -52.26 20.36 41.10
N VAL E 92 -53.20 21.31 41.17
CA VAL E 92 -54.39 21.10 41.98
C VAL E 92 -55.11 19.84 41.55
N GLU E 93 -55.19 19.59 40.25
CA GLU E 93 -55.87 18.40 39.76
C GLU E 93 -55.14 17.13 40.21
N ARG E 94 -53.81 17.21 40.22
CA ARG E 94 -52.97 16.09 40.59
C ARG E 94 -53.04 15.82 42.10
N ARG E 95 -53.18 16.89 42.86
CA ARG E 95 -53.26 16.80 44.31
C ARG E 95 -54.68 16.50 44.72
N LYS E 96 -55.50 16.06 43.76
CA LYS E 96 -56.90 15.70 44.00
C LYS E 96 -57.63 16.42 45.13
N GLY E 97 -57.50 17.74 45.18
CA GLY E 97 -58.18 18.49 46.22
C GLY E 97 -57.41 18.74 47.50
N LYS E 98 -56.20 18.20 47.63
CA LYS E 98 -55.42 18.42 48.84
C LYS E 98 -54.79 19.83 48.82
N ALA E 99 -54.84 20.46 47.65
CA ALA E 99 -54.29 21.81 47.47
C ALA E 99 -55.31 22.78 46.89
N THR E 100 -55.50 23.91 47.55
CA THR E 100 -56.41 24.92 47.04
C THR E 100 -55.64 25.54 45.90
N GLU E 101 -56.12 26.67 45.41
CA GLU E 101 -55.45 27.33 44.31
C GLU E 101 -54.33 28.22 44.82
N GLU E 102 -54.57 28.86 45.96
CA GLU E 102 -53.54 29.72 46.56
C GLU E 102 -52.38 28.84 47.01
N GLN E 103 -52.71 27.63 47.49
CA GLN E 103 -51.69 26.70 47.93
C GLN E 103 -50.84 26.30 46.73
N ALA E 104 -51.52 25.88 45.65
CA ALA E 104 -50.84 25.45 44.43
C ALA E 104 -49.90 26.52 43.87
N ARG E 105 -50.41 27.75 43.80
CA ARG E 105 -49.62 28.87 43.30
C ARG E 105 -48.39 29.14 44.14
N LYS E 106 -48.51 29.04 45.46
CA LYS E 106 -47.37 29.25 46.35
C LYS E 106 -46.38 28.09 46.16
N ALA E 107 -46.90 26.87 46.16
CA ALA E 107 -46.10 25.67 46.02
C ALA E 107 -45.24 25.72 44.78
N LEU E 108 -45.82 26.13 43.67
CA LEU E 108 -45.05 26.17 42.45
C LEU E 108 -44.03 27.32 42.30
N LEU E 109 -43.92 28.18 43.30
CA LEU E 109 -42.90 29.23 43.19
C LEU E 109 -41.56 28.62 43.63
N ASP E 110 -41.64 27.40 44.15
CA ASP E 110 -40.48 26.67 44.64
C ASP E 110 -39.74 25.95 43.51
N GLU E 111 -38.44 26.20 43.43
CA GLU E 111 -37.58 25.59 42.42
C GLU E 111 -37.97 24.14 42.16
N ASN E 112 -37.77 23.29 43.16
CA ASN E 112 -38.07 21.87 43.02
C ASN E 112 -39.49 21.55 42.53
N TYR E 113 -40.50 22.20 43.10
CA TYR E 113 -41.88 21.93 42.69
C TYR E 113 -42.11 22.41 41.26
N PHE E 114 -41.58 23.58 40.96
CA PHE E 114 -41.75 24.14 39.63
C PHE E 114 -41.10 23.20 38.62
N GLY E 115 -39.89 22.76 38.92
CA GLY E 115 -39.20 21.87 38.00
C GLY E 115 -39.89 20.53 37.89
N THR E 116 -40.42 20.06 39.00
CA THR E 116 -41.08 18.76 39.00
C THR E 116 -42.27 18.82 38.06
N MET E 117 -43.01 19.92 38.13
CA MET E 117 -44.20 20.08 37.29
C MET E 117 -43.83 20.09 35.81
N LEU E 118 -42.66 20.65 35.49
CA LEU E 118 -42.22 20.73 34.11
C LEU E 118 -42.01 19.32 33.61
N VAL E 119 -41.34 18.50 34.41
CA VAL E 119 -41.07 17.12 34.03
C VAL E 119 -42.38 16.37 33.87
N TYR E 120 -43.32 16.65 34.77
CA TYR E 120 -44.63 16.02 34.77
C TYR E 120 -45.47 16.34 33.53
N LYS E 121 -45.36 17.56 33.01
CA LYS E 121 -46.13 17.94 31.83
C LYS E 121 -45.36 17.85 30.51
N GLY E 122 -44.24 17.14 30.50
CA GLY E 122 -43.49 16.98 29.26
C GLY E 122 -42.57 18.12 28.84
N LEU E 123 -42.56 19.22 29.58
CA LEU E 123 -41.70 20.34 29.23
C LEU E 123 -40.25 20.02 29.56
N ALA E 124 -40.04 18.87 30.22
CA ALA E 124 -38.71 18.41 30.58
C ALA E 124 -38.82 16.90 30.73
N ASP E 125 -37.69 16.21 30.69
CA ASP E 125 -37.66 14.76 30.75
C ASP E 125 -37.23 14.14 32.09
N GLY E 126 -36.53 14.91 32.89
CA GLY E 126 -36.11 14.39 34.17
C GLY E 126 -35.52 15.53 34.94
N LEU E 127 -35.59 15.43 36.25
CA LEU E 127 -35.06 16.49 37.10
C LEU E 127 -33.86 15.99 37.87
N VAL E 128 -33.02 16.92 38.28
CA VAL E 128 -31.81 16.63 39.02
C VAL E 128 -31.57 17.78 39.98
N SER E 129 -31.80 17.52 41.25
CA SER E 129 -31.61 18.52 42.30
C SER E 129 -30.91 17.83 43.48
N GLY E 130 -30.75 18.55 44.60
CA GLY E 130 -30.10 17.94 45.74
C GLY E 130 -28.83 18.64 46.20
N ALA E 131 -28.17 19.36 45.29
CA ALA E 131 -26.93 20.05 45.65
C ALA E 131 -27.08 21.14 46.71
N ALA E 132 -28.32 21.51 47.01
CA ALA E 132 -28.57 22.55 48.02
C ALA E 132 -29.94 22.39 48.70
N HIS E 133 -30.38 21.15 48.87
CA HIS E 133 -31.66 20.82 49.53
C HIS E 133 -31.49 19.44 50.18
N SER E 134 -32.36 19.13 51.14
CA SER E 134 -32.33 17.83 51.79
C SER E 134 -32.83 16.81 50.80
N THR E 135 -32.47 15.54 50.97
CA THR E 135 -32.94 14.51 50.04
C THR E 135 -34.47 14.40 50.08
N ALA E 136 -35.05 14.82 51.20
CA ALA E 136 -36.50 14.80 51.38
C ALA E 136 -37.14 15.81 50.43
N ASP E 137 -36.58 17.03 50.43
CA ASP E 137 -37.09 18.10 49.58
C ASP E 137 -37.08 17.82 48.09
N THR E 138 -36.32 16.82 47.67
CA THR E 138 -36.28 16.47 46.27
C THR E 138 -37.31 15.39 46.02
N VAL E 139 -37.26 14.32 46.83
CA VAL E 139 -38.18 13.20 46.68
C VAL E 139 -39.64 13.53 46.99
N ARG E 140 -39.88 14.55 47.81
CA ARG E 140 -41.26 14.92 48.15
C ARG E 140 -42.10 15.21 46.90
N PRO E 141 -41.88 16.37 46.26
CA PRO E 141 -42.70 16.62 45.06
C PRO E 141 -42.63 15.47 44.06
N ALA E 142 -41.47 14.82 43.97
CA ALA E 142 -41.34 13.71 43.03
C ALA E 142 -42.44 12.69 43.30
N LEU E 143 -42.80 12.53 44.56
CA LEU E 143 -43.83 11.56 44.91
C LEU E 143 -45.23 12.12 44.88
N GLN E 144 -45.37 13.42 45.13
CA GLN E 144 -46.69 14.04 45.11
C GLN E 144 -47.16 14.30 43.69
N ILE E 145 -46.24 14.78 42.83
CA ILE E 145 -46.57 15.10 41.43
C ILE E 145 -46.40 13.88 40.54
N ILE E 146 -45.15 13.57 40.24
CA ILE E 146 -44.79 12.42 39.42
C ILE E 146 -45.01 11.31 40.40
N LYS E 147 -45.25 10.10 39.92
CA LYS E 147 -45.45 9.06 40.90
C LYS E 147 -44.65 7.80 40.57
N THR E 148 -45.04 6.67 41.16
CA THR E 148 -44.34 5.42 40.88
C THR E 148 -44.96 4.71 39.66
N LYS E 149 -44.17 3.91 38.95
CA LYS E 149 -44.67 3.23 37.76
C LYS E 149 -45.76 2.21 38.01
N GLU E 150 -46.23 1.62 36.91
CA GLU E 150 -47.27 0.60 36.89
C GLU E 150 -47.51 -0.15 38.20
N GLY E 151 -46.69 -1.16 38.46
CA GLY E 151 -46.86 -1.93 39.67
C GLY E 151 -45.80 -1.69 40.74
N VAL E 152 -45.39 -0.43 40.89
CA VAL E 152 -44.39 -0.08 41.91
C VAL E 152 -45.09 0.75 42.98
N LYS E 153 -44.74 0.53 44.24
CA LYS E 153 -45.36 1.26 45.34
C LYS E 153 -44.38 2.24 45.97
N LYS E 154 -43.10 1.94 45.85
CA LYS E 154 -42.11 2.80 46.47
C LYS E 154 -40.83 2.98 45.67
N THR E 155 -40.09 4.04 45.98
CA THR E 155 -38.83 4.28 45.30
C THR E 155 -37.77 3.65 46.16
N SER E 156 -36.61 3.41 45.55
CA SER E 156 -35.50 2.83 46.26
C SER E 156 -34.29 3.54 45.69
N GLY E 157 -33.20 3.57 46.46
CA GLY E 157 -31.99 4.21 46.01
C GLY E 157 -30.88 3.23 45.79
N VAL E 158 -30.49 3.02 44.53
CA VAL E 158 -29.41 2.09 44.25
C VAL E 158 -28.11 2.85 44.13
N PHE E 159 -27.01 2.10 44.15
CA PHE E 159 -25.68 2.65 44.01
C PHE E 159 -24.93 1.77 43.02
N ILE E 160 -24.17 2.38 42.14
CA ILE E 160 -23.41 1.54 41.23
C ILE E 160 -22.04 1.45 41.90
N MET E 161 -21.54 0.22 42.04
CA MET E 161 -20.23 0.00 42.67
C MET E 161 -19.25 -0.46 41.59
N ALA E 162 -18.08 0.16 41.54
CA ALA E 162 -17.12 -0.25 40.53
C ALA E 162 -15.70 -0.15 41.03
N ARG E 163 -14.93 -1.14 40.62
CA ARG E 163 -13.53 -1.23 40.96
C ARG E 163 -12.92 -2.00 39.79
N GLY E 164 -12.13 -1.31 38.97
CA GLY E 164 -11.54 -1.96 37.82
C GLY E 164 -12.58 -2.53 36.89
N GLU E 165 -12.60 -3.85 36.78
CA GLU E 165 -13.54 -4.55 35.90
C GLU E 165 -14.83 -4.88 36.62
N GLU E 166 -14.76 -4.89 37.96
CA GLU E 166 -15.89 -5.21 38.81
C GLU E 166 -17.02 -4.18 38.83
N GLN E 167 -18.24 -4.63 38.59
CA GLN E 167 -19.41 -3.76 38.56
C GLN E 167 -20.62 -4.38 39.23
N TYR E 168 -21.08 -3.77 40.33
CA TYR E 168 -22.23 -4.27 41.07
C TYR E 168 -23.25 -3.18 41.37
N VAL E 169 -24.47 -3.61 41.70
CA VAL E 169 -25.58 -2.71 42.05
C VAL E 169 -25.99 -3.05 43.49
N PHE E 170 -26.12 -2.03 44.35
CA PHE E 170 -26.51 -2.27 45.75
C PHE E 170 -27.93 -1.75 46.05
N ALA E 171 -28.82 -2.65 46.46
CA ALA E 171 -30.23 -2.34 46.72
C ALA E 171 -30.58 -1.49 47.93
N ASP E 172 -31.26 -0.40 47.63
CA ASP E 172 -31.67 0.62 48.59
C ASP E 172 -30.82 0.79 49.83
N CYS E 173 -29.82 1.66 49.66
CA CYS E 173 -28.87 2.01 50.70
C CYS E 173 -29.09 3.48 51.05
N ALA E 174 -30.28 4.01 50.72
CA ALA E 174 -30.57 5.42 50.99
C ALA E 174 -31.99 5.81 51.40
N ILE E 175 -32.99 5.37 50.65
CA ILE E 175 -34.38 5.72 50.93
C ILE E 175 -35.13 5.01 52.03
N ASN E 176 -35.70 3.86 51.68
CA ASN E 176 -36.50 3.00 52.57
C ASN E 176 -35.77 2.50 53.84
N ILE E 177 -36.22 2.92 55.02
CA ILE E 177 -35.57 2.50 56.26
C ILE E 177 -35.71 1.02 56.66
N ALA E 178 -36.95 0.56 56.90
CA ALA E 178 -37.16 -0.84 57.31
C ALA E 178 -38.08 -1.59 56.36
N PRO E 179 -37.59 -1.89 55.15
CA PRO E 179 -38.42 -2.60 54.18
C PRO E 179 -38.93 -3.94 54.67
N ASP E 180 -40.08 -4.33 54.14
CA ASP E 180 -40.65 -5.61 54.50
C ASP E 180 -40.57 -6.51 53.28
N SER E 181 -41.08 -7.73 53.41
CA SER E 181 -41.06 -8.70 52.34
C SER E 181 -41.51 -8.12 50.98
N GLN E 182 -42.65 -7.44 50.94
CA GLN E 182 -43.15 -6.87 49.69
C GLN E 182 -42.21 -5.82 49.12
N ASP E 183 -41.67 -4.96 49.98
CA ASP E 183 -40.74 -3.92 49.58
C ASP E 183 -39.46 -4.52 49.01
N LEU E 184 -38.81 -5.41 49.76
CA LEU E 184 -37.59 -6.06 49.30
C LEU E 184 -37.72 -6.71 47.92
N ALA E 185 -38.80 -7.44 47.70
CA ALA E 185 -39.03 -8.12 46.41
C ALA E 185 -39.09 -7.13 45.27
N GLU E 186 -39.60 -5.95 45.56
CA GLU E 186 -39.71 -4.88 44.59
C GLU E 186 -38.35 -4.22 44.39
N ILE E 187 -37.67 -3.92 45.51
CA ILE E 187 -36.35 -3.31 45.46
C ILE E 187 -35.47 -4.21 44.57
N ALA E 188 -35.75 -5.51 44.60
CA ALA E 188 -34.99 -6.46 43.81
C ALA E 188 -35.37 -6.39 42.34
N ILE E 189 -36.66 -6.41 42.03
CA ILE E 189 -37.05 -6.34 40.63
C ILE E 189 -36.63 -5.05 39.99
N GLU E 190 -36.83 -3.95 40.71
CA GLU E 190 -36.46 -2.65 40.21
C GLU E 190 -34.94 -2.47 40.03
N SER E 191 -34.15 -2.89 41.03
CA SER E 191 -32.69 -2.79 40.96
C SER E 191 -32.16 -3.57 39.77
N ALA E 192 -32.80 -4.69 39.49
CA ALA E 192 -32.42 -5.56 38.38
C ALA E 192 -32.63 -4.87 37.04
N ASN E 193 -33.68 -4.05 36.96
CA ASN E 193 -33.97 -3.33 35.73
C ASN E 193 -33.03 -2.14 35.58
N THR E 194 -32.74 -1.47 36.70
CA THR E 194 -31.83 -0.32 36.73
C THR E 194 -30.44 -0.76 36.28
N ALA E 195 -30.05 -1.99 36.63
CA ALA E 195 -28.74 -2.54 36.25
C ALA E 195 -28.62 -2.70 34.73
N LYS E 196 -29.76 -2.94 34.06
CA LYS E 196 -29.79 -3.09 32.61
C LYS E 196 -29.27 -1.83 31.92
N MET E 197 -29.56 -0.69 32.54
CA MET E 197 -29.15 0.61 32.02
C MET E 197 -27.64 0.72 31.93
N PHE E 198 -26.93 -0.02 32.80
CA PHE E 198 -25.48 0.02 32.80
C PHE E 198 -24.93 -1.20 32.07
N ASP E 199 -25.81 -1.84 31.29
CA ASP E 199 -25.48 -3.03 30.51
C ASP E 199 -24.99 -4.22 31.35
N ILE E 200 -25.50 -4.31 32.57
CA ILE E 200 -25.14 -5.39 33.50
C ILE E 200 -26.20 -6.48 33.37
N GLU E 201 -25.78 -7.74 33.36
CA GLU E 201 -26.71 -8.86 33.26
C GLU E 201 -27.13 -9.27 34.69
N PRO E 202 -28.37 -8.91 35.07
CA PRO E 202 -28.97 -9.19 36.38
C PRO E 202 -28.82 -10.60 36.93
N ARG E 203 -28.33 -10.65 38.16
CA ARG E 203 -28.14 -11.87 38.93
C ARG E 203 -28.29 -11.39 40.36
N VAL E 204 -29.54 -11.34 40.82
CA VAL E 204 -29.88 -10.83 42.16
C VAL E 204 -29.75 -11.80 43.32
N ALA E 205 -29.26 -11.26 44.44
CA ALA E 205 -29.06 -12.02 45.67
C ALA E 205 -29.64 -11.24 46.85
N MET E 206 -30.69 -11.79 47.48
CA MET E 206 -31.30 -11.11 48.61
C MET E 206 -30.46 -11.44 49.84
N LEU E 207 -29.74 -10.46 50.38
CA LEU E 207 -28.88 -10.70 51.55
C LEU E 207 -29.57 -10.80 52.90
N SER E 208 -28.85 -11.39 53.85
CA SER E 208 -29.29 -11.61 55.22
C SER E 208 -28.13 -12.17 56.02
N PHE E 209 -28.36 -12.56 57.28
CA PHE E 209 -27.26 -13.08 58.07
C PHE E 209 -27.23 -14.61 58.14
N SER E 210 -27.88 -15.26 57.19
CA SER E 210 -27.95 -16.72 57.15
C SER E 210 -28.22 -17.14 55.71
N THR E 211 -27.81 -18.35 55.36
CA THR E 211 -28.01 -18.82 54.00
C THR E 211 -29.01 -19.96 53.94
N LYS E 212 -30.05 -19.73 53.12
CA LYS E 212 -31.13 -20.66 52.90
C LYS E 212 -31.43 -21.60 54.04
N GLY E 213 -31.59 -21.06 55.25
CA GLY E 213 -31.92 -21.88 56.39
C GLY E 213 -31.05 -21.80 57.63
N SER E 214 -29.78 -21.42 57.45
CA SER E 214 -28.85 -21.31 58.58
C SER E 214 -29.56 -20.93 59.88
N ALA E 215 -30.10 -19.72 59.93
CA ALA E 215 -30.83 -19.26 61.09
C ALA E 215 -32.27 -19.06 60.63
N LYS E 216 -33.21 -19.19 61.54
CA LYS E 216 -34.61 -18.99 61.19
C LYS E 216 -35.24 -18.06 62.23
N SER E 217 -35.37 -16.81 61.85
CA SER E 217 -35.98 -15.79 62.72
C SER E 217 -36.88 -15.00 61.79
N ASP E 218 -37.51 -13.95 62.30
CA ASP E 218 -38.39 -13.13 61.47
C ASP E 218 -37.57 -12.50 60.35
N GLU E 219 -36.41 -11.99 60.72
CA GLU E 219 -35.50 -11.33 59.79
C GLU E 219 -35.12 -12.18 58.58
N THR E 220 -34.89 -13.47 58.80
CA THR E 220 -34.52 -14.35 57.70
C THR E 220 -35.74 -14.73 56.86
N GLU E 221 -36.88 -14.82 57.52
CA GLU E 221 -38.11 -15.16 56.84
C GLU E 221 -38.57 -13.99 55.98
N LYS E 222 -38.41 -12.77 56.50
CA LYS E 222 -38.79 -11.56 55.80
C LYS E 222 -38.18 -11.60 54.40
N VAL E 223 -36.90 -11.93 54.36
CA VAL E 223 -36.12 -12.02 53.12
C VAL E 223 -36.49 -13.25 52.28
N ALA E 224 -36.65 -14.38 52.95
CA ALA E 224 -37.02 -15.61 52.28
C ALA E 224 -38.34 -15.40 51.58
N ASP E 225 -39.29 -14.78 52.28
CA ASP E 225 -40.62 -14.48 51.74
C ASP E 225 -40.43 -13.53 50.58
N ALA E 226 -39.52 -12.59 50.75
CA ALA E 226 -39.25 -11.62 49.72
C ALA E 226 -38.90 -12.33 48.43
N VAL E 227 -38.11 -13.39 48.55
CA VAL E 227 -37.68 -14.16 47.38
C VAL E 227 -38.85 -14.84 46.66
N LYS E 228 -39.80 -15.35 47.44
CA LYS E 228 -40.97 -16.03 46.88
C LYS E 228 -41.72 -15.02 46.01
N ILE E 229 -42.02 -13.88 46.61
CA ILE E 229 -42.74 -12.81 45.93
C ILE E 229 -42.03 -12.41 44.64
N ALA E 230 -40.76 -12.05 44.78
CA ALA E 230 -39.95 -11.64 43.64
C ALA E 230 -39.98 -12.68 42.53
N LYS E 231 -39.67 -13.92 42.90
CA LYS E 231 -39.66 -15.02 41.94
C LYS E 231 -41.01 -15.27 41.29
N GLU E 232 -42.06 -15.14 42.08
CA GLU E 232 -43.41 -15.37 41.55
C GLU E 232 -43.73 -14.23 40.57
N LYS E 233 -43.55 -13.00 41.04
CA LYS E 233 -43.84 -11.81 40.24
C LYS E 233 -42.98 -11.70 38.99
N ALA E 234 -41.71 -12.11 39.08
CA ALA E 234 -40.80 -12.03 37.94
C ALA E 234 -39.97 -13.29 37.70
N PRO E 235 -40.60 -14.36 37.18
CA PRO E 235 -40.02 -15.67 36.86
C PRO E 235 -38.65 -15.73 36.18
N GLU E 236 -38.49 -14.99 35.10
CA GLU E 236 -37.24 -14.96 34.32
C GLU E 236 -36.02 -14.30 34.99
N LEU E 237 -36.24 -13.51 36.03
CA LEU E 237 -35.16 -12.81 36.70
C LEU E 237 -34.32 -13.75 37.56
N THR E 238 -33.06 -13.92 37.19
CA THR E 238 -32.17 -14.79 37.94
C THR E 238 -31.90 -14.23 39.34
N LEU E 239 -32.55 -14.80 40.35
CA LEU E 239 -32.34 -14.37 41.72
C LEU E 239 -32.80 -15.45 42.68
N ASP E 240 -31.99 -15.72 43.69
CA ASP E 240 -32.33 -16.71 44.69
C ASP E 240 -32.16 -15.97 46.00
N GLY E 241 -32.79 -16.44 47.06
CA GLY E 241 -32.67 -15.65 48.27
C GLY E 241 -32.43 -16.19 49.65
N GLU E 242 -31.89 -15.25 50.43
CA GLU E 242 -31.52 -15.40 51.82
C GLU E 242 -30.12 -15.95 51.85
N PHE E 243 -29.20 -15.13 51.36
CA PHE E 243 -27.79 -15.48 51.32
C PHE E 243 -27.03 -14.59 52.30
N GLN E 244 -25.79 -14.98 52.57
CA GLN E 244 -24.91 -14.18 53.42
C GLN E 244 -23.98 -13.65 52.34
N PHE E 245 -23.28 -12.56 52.59
CA PHE E 245 -22.44 -12.07 51.52
C PHE E 245 -21.57 -13.18 50.91
N ASP E 246 -21.04 -14.07 51.75
CA ASP E 246 -20.19 -15.20 51.31
C ASP E 246 -20.75 -15.89 50.08
N ALA E 247 -21.87 -16.58 50.32
CA ALA E 247 -22.59 -17.35 49.32
C ALA E 247 -22.97 -16.58 48.07
N ALA E 248 -23.21 -15.29 48.23
CA ALA E 248 -23.59 -14.47 47.09
C ALA E 248 -22.39 -14.02 46.27
N PHE E 249 -21.25 -13.82 46.94
CA PHE E 249 -20.03 -13.33 46.29
C PHE E 249 -18.96 -14.34 45.88
N VAL E 250 -18.67 -15.33 46.73
CA VAL E 250 -17.64 -16.32 46.40
C VAL E 250 -18.23 -17.72 46.14
N PRO E 251 -18.05 -18.23 44.90
CA PRO E 251 -18.53 -19.54 44.42
C PRO E 251 -18.22 -20.77 45.29
N SER E 252 -17.05 -20.78 45.94
CA SER E 252 -16.64 -21.90 46.79
C SER E 252 -17.73 -22.06 47.84
N VAL E 253 -18.05 -20.93 48.46
CA VAL E 253 -19.05 -20.88 49.50
C VAL E 253 -20.47 -21.17 48.99
N ALA E 254 -20.73 -20.87 47.71
CA ALA E 254 -22.06 -21.10 47.14
C ALA E 254 -22.43 -22.58 47.16
N GLU E 255 -21.59 -23.41 46.55
CA GLU E 255 -21.87 -24.84 46.50
C GLU E 255 -21.87 -25.50 47.88
N LYS E 256 -21.17 -24.90 48.85
CA LYS E 256 -21.13 -25.44 50.19
C LYS E 256 -22.39 -25.02 50.93
N LYS E 257 -22.49 -23.73 51.22
CA LYS E 257 -23.65 -23.18 51.92
C LYS E 257 -25.02 -23.47 51.25
N ALA E 258 -25.09 -23.52 49.92
CA ALA E 258 -26.37 -23.79 49.25
C ALA E 258 -26.33 -24.01 47.74
N PRO E 259 -26.11 -25.26 47.31
CA PRO E 259 -26.06 -25.59 45.89
C PRO E 259 -27.48 -25.67 45.34
N ASP E 260 -27.62 -26.07 44.08
CA ASP E 260 -28.92 -26.17 43.43
C ASP E 260 -29.56 -24.81 43.22
N SER E 261 -28.93 -23.78 43.77
CA SER E 261 -29.43 -22.41 43.65
C SER E 261 -28.94 -21.75 42.37
N GLU E 262 -29.77 -20.87 41.79
CA GLU E 262 -29.44 -20.14 40.56
C GLU E 262 -28.13 -19.39 40.73
N ILE E 263 -28.05 -18.62 41.80
CA ILE E 263 -26.83 -17.90 42.08
C ILE E 263 -25.72 -18.84 42.45
N LYS E 264 -24.60 -18.72 41.74
CA LYS E 264 -23.45 -19.57 42.03
C LYS E 264 -22.29 -18.70 42.47
N GLY E 265 -22.52 -17.94 43.53
CA GLY E 265 -21.50 -17.06 44.08
C GLY E 265 -21.09 -16.02 43.05
N ASP E 266 -21.97 -15.76 42.09
CA ASP E 266 -21.73 -14.79 41.01
C ASP E 266 -22.86 -13.73 40.99
N ALA E 267 -23.16 -13.14 42.14
CA ALA E 267 -24.21 -12.13 42.22
C ALA E 267 -23.65 -10.76 41.81
N ASN E 268 -24.44 -9.97 41.07
CA ASN E 268 -23.99 -8.66 40.63
C ASN E 268 -25.03 -7.59 40.94
N VAL E 269 -25.99 -7.96 41.78
CA VAL E 269 -27.07 -7.09 42.23
C VAL E 269 -27.36 -7.58 43.64
N PHE E 270 -26.96 -6.80 44.64
CA PHE E 270 -27.13 -7.18 46.04
C PHE E 270 -28.20 -6.43 46.83
N VAL E 271 -29.36 -7.05 46.97
CA VAL E 271 -30.47 -6.44 47.71
C VAL E 271 -30.29 -6.59 49.22
N PHE E 272 -30.09 -5.48 49.94
CA PHE E 272 -29.92 -5.54 51.38
C PHE E 272 -31.25 -5.63 52.12
N PRO E 273 -31.26 -6.27 53.30
CA PRO E 273 -32.46 -6.45 54.10
C PRO E 273 -32.99 -5.21 54.83
N SER E 274 -32.12 -4.23 55.05
CA SER E 274 -32.54 -3.00 55.74
C SER E 274 -31.67 -1.80 55.37
N LEU E 275 -32.13 -0.59 55.68
CA LEU E 275 -31.35 0.60 55.39
C LEU E 275 -30.07 0.62 56.24
N GLU E 276 -30.11 0.01 57.42
CA GLU E 276 -28.94 -0.04 58.29
C GLU E 276 -27.88 -0.89 57.60
N ALA E 277 -28.29 -2.03 57.04
CA ALA E 277 -27.36 -2.90 56.33
C ALA E 277 -26.84 -2.30 55.01
N GLY E 278 -27.77 -1.84 54.19
CA GLY E 278 -27.43 -1.24 52.91
C GLY E 278 -26.59 0.02 52.97
N ASN E 279 -26.80 0.88 53.97
CA ASN E 279 -26.03 2.11 54.05
C ASN E 279 -24.61 1.80 54.52
N ILE E 280 -24.52 1.09 55.65
CA ILE E 280 -23.24 0.69 56.19
C ILE E 280 -22.52 -0.18 55.15
N GLY E 281 -23.31 -0.93 54.39
CA GLY E 281 -22.77 -1.82 53.39
C GLY E 281 -21.98 -1.13 52.29
N TYR E 282 -22.63 -0.34 51.46
CA TYR E 282 -21.95 0.32 50.35
C TYR E 282 -20.77 1.17 50.83
N LYS E 283 -20.92 1.78 51.99
CA LYS E 283 -19.86 2.60 52.54
C LYS E 283 -18.63 1.80 52.95
N ILE E 284 -18.83 0.60 53.52
CA ILE E 284 -17.69 -0.23 53.88
C ILE E 284 -17.02 -0.69 52.59
N ALA E 285 -17.84 -1.08 51.61
CA ALA E 285 -17.34 -1.52 50.32
C ALA E 285 -16.54 -0.40 49.65
N GLN E 286 -16.94 0.84 49.87
CA GLN E 286 -16.24 1.98 49.30
C GLN E 286 -14.94 2.32 50.04
N ARG E 287 -15.05 2.77 51.29
CA ARG E 287 -13.88 3.14 52.06
C ARG E 287 -12.89 2.03 52.40
N LEU E 288 -13.38 0.79 52.53
CA LEU E 288 -12.47 -0.32 52.82
C LEU E 288 -12.10 -1.07 51.56
N GLY E 289 -13.11 -1.47 50.79
CA GLY E 289 -12.86 -2.22 49.58
C GLY E 289 -12.37 -1.38 48.42
N ASN E 290 -12.16 -0.09 48.68
CA ASN E 290 -11.69 0.81 47.65
C ASN E 290 -12.45 0.66 46.34
N PHE E 291 -13.76 0.78 46.42
CA PHE E 291 -14.64 0.70 45.25
C PHE E 291 -15.17 2.10 44.98
N GLU E 292 -15.41 2.42 43.71
CA GLU E 292 -15.95 3.73 43.35
C GLU E 292 -17.45 3.61 43.52
N ALA E 293 -18.03 4.47 44.35
CA ALA E 293 -19.46 4.39 44.60
C ALA E 293 -20.21 5.61 44.06
N VAL E 294 -21.10 5.37 43.12
CA VAL E 294 -21.90 6.46 42.55
C VAL E 294 -23.14 6.59 43.41
N GLY E 295 -23.31 7.81 43.94
CA GLY E 295 -24.39 8.27 44.81
C GLY E 295 -25.80 7.73 44.59
N PRO E 296 -26.74 7.89 45.53
CA PRO E 296 -28.10 7.36 45.34
C PRO E 296 -28.76 7.65 44.01
N ILE E 297 -29.29 6.61 43.37
CA ILE E 297 -29.99 6.74 42.10
C ILE E 297 -31.38 6.19 42.32
N LEU E 298 -32.38 7.05 42.29
CA LEU E 298 -33.76 6.62 42.51
C LEU E 298 -34.23 5.72 41.39
N GLN E 299 -35.33 5.01 41.63
CA GLN E 299 -35.85 4.11 40.60
C GLN E 299 -37.32 3.79 40.82
N GLY E 300 -38.02 3.43 39.76
CA GLY E 300 -39.44 3.10 39.86
C GLY E 300 -40.44 4.21 39.60
N LEU E 301 -39.96 5.45 39.46
CA LEU E 301 -40.83 6.59 39.19
C LEU E 301 -41.24 6.70 37.72
N ASN E 302 -42.35 7.40 37.45
CA ASN E 302 -42.81 7.57 36.08
C ASN E 302 -41.83 8.41 35.27
N MET E 303 -41.20 9.38 35.93
CA MET E 303 -40.23 10.22 35.26
C MET E 303 -39.00 10.35 36.11
N PRO E 304 -37.82 10.31 35.47
CA PRO E 304 -36.52 10.44 36.15
C PRO E 304 -36.38 11.64 37.09
N VAL E 305 -35.97 11.33 38.30
CA VAL E 305 -35.72 12.32 39.34
C VAL E 305 -34.57 11.79 40.19
N ASN E 306 -33.55 12.61 40.40
CA ASN E 306 -32.45 12.16 41.21
C ASN E 306 -31.96 13.17 42.21
N ASP E 307 -31.39 12.67 43.28
CA ASP E 307 -30.89 13.51 44.36
C ASP E 307 -29.37 13.56 44.45
N LEU E 308 -28.83 14.75 44.25
CA LEU E 308 -27.39 14.93 44.36
C LEU E 308 -27.13 15.11 45.83
N SER E 309 -25.89 14.87 46.24
CA SER E 309 -25.52 15.04 47.63
C SER E 309 -25.17 16.52 47.79
N ARG E 310 -25.48 17.07 48.94
CA ARG E 310 -25.18 18.46 49.20
C ARG E 310 -23.68 18.36 49.24
N GLY E 311 -22.98 19.50 49.08
CA GLY E 311 -21.53 19.42 49.08
C GLY E 311 -21.00 18.37 48.11
N CYS E 312 -21.58 18.32 46.92
CA CYS E 312 -21.17 17.36 45.90
C CYS E 312 -20.08 17.93 45.03
N ASN E 313 -19.89 17.29 43.88
CA ASN E 313 -18.85 17.67 42.94
C ASN E 313 -19.48 18.14 41.63
N ALA E 314 -18.81 19.04 40.92
CA ALA E 314 -19.35 19.55 39.65
C ALA E 314 -19.51 18.38 38.69
N GLU E 315 -18.54 17.47 38.69
CA GLU E 315 -18.59 16.32 37.81
C GLU E 315 -19.68 15.38 38.28
N ASP E 316 -19.95 15.38 39.58
CA ASP E 316 -20.99 14.54 40.11
C ASP E 316 -22.31 14.93 39.49
N VAL E 317 -22.54 16.23 39.43
CA VAL E 317 -23.75 16.77 38.83
C VAL E 317 -23.79 16.32 37.36
N TYR E 318 -22.65 16.45 36.69
CA TYR E 318 -22.55 16.08 35.29
C TYR E 318 -23.01 14.64 35.06
N ASN E 319 -22.47 13.72 35.87
CA ASN E 319 -22.79 12.30 35.73
C ASN E 319 -24.20 11.93 36.15
N LEU E 320 -24.70 12.57 37.20
CA LEU E 320 -26.07 12.25 37.63
C LEU E 320 -27.01 12.62 36.50
N ALA E 321 -26.68 13.71 35.80
CA ALA E 321 -27.50 14.14 34.69
C ALA E 321 -27.45 13.07 33.59
N LEU E 322 -26.26 12.52 33.36
CA LEU E 322 -26.09 11.48 32.34
C LEU E 322 -27.00 10.31 32.67
N ILE E 323 -26.92 9.85 33.92
CA ILE E 323 -27.76 8.75 34.40
C ILE E 323 -29.24 9.08 34.30
N THR E 324 -29.62 10.27 34.78
CA THR E 324 -31.01 10.70 34.73
C THR E 324 -31.54 10.77 33.30
N ALA E 325 -30.70 11.19 32.34
CA ALA E 325 -31.14 11.27 30.96
C ALA E 325 -31.37 9.85 30.47
N ALA E 326 -30.44 8.96 30.80
CA ALA E 326 -30.55 7.57 30.43
C ALA E 326 -31.89 6.95 30.90
N GLN E 327 -32.25 7.19 32.17
CA GLN E 327 -33.50 6.67 32.73
C GLN E 327 -34.70 7.17 31.93
N ALA E 328 -34.58 8.36 31.35
CA ALA E 328 -35.64 8.94 30.54
C ALA E 328 -35.78 8.23 29.21
N LEU E 329 -34.64 7.96 28.56
CA LEU E 329 -34.61 7.29 27.26
C LEU E 329 -35.31 5.94 27.33
N MET F 7 -7.10 10.23 48.15
CA MET F 7 -6.20 11.20 47.42
C MET F 7 -6.68 12.63 47.60
N ALA F 8 -7.77 12.96 46.92
CA ALA F 8 -8.40 14.29 46.90
C ALA F 8 -8.05 15.31 47.99
N ASP F 9 -7.94 14.85 49.23
CA ASP F 9 -7.62 15.76 50.34
C ASP F 9 -6.13 16.04 50.37
N LEU F 10 -5.41 15.25 49.58
CA LEU F 10 -3.97 15.39 49.46
C LEU F 10 -3.71 16.61 48.58
N PHE F 11 -4.65 16.86 47.66
CA PHE F 11 -4.55 17.99 46.73
C PHE F 11 -4.96 19.28 47.39
N SER F 12 -5.89 19.18 48.33
CA SER F 12 -6.40 20.35 49.04
C SER F 12 -5.29 20.88 49.93
N THR F 13 -4.33 20.01 50.22
CA THR F 13 -3.20 20.38 51.05
C THR F 13 -2.23 21.21 50.21
N VAL F 14 -2.12 20.82 48.94
CA VAL F 14 -1.25 21.49 47.99
C VAL F 14 -1.91 22.81 47.63
N GLN F 15 -3.20 22.74 47.30
CA GLN F 15 -3.94 23.94 46.91
C GLN F 15 -3.92 24.94 48.02
N GLU F 16 -3.71 24.44 49.24
CA GLU F 16 -3.65 25.27 50.43
C GLU F 16 -2.44 26.16 50.26
N LYS F 17 -1.30 25.53 50.01
CA LYS F 17 -0.03 26.23 49.83
C LYS F 17 -0.06 27.25 48.68
N VAL F 18 -0.55 26.81 47.52
CA VAL F 18 -0.60 27.63 46.31
C VAL F 18 -1.52 28.86 46.31
N ALA F 19 -2.83 28.61 46.31
CA ALA F 19 -3.85 29.65 46.26
C ALA F 19 -3.53 31.02 46.88
N GLY F 20 -3.72 32.08 46.08
CA GLY F 20 -3.48 33.42 46.56
C GLY F 20 -2.08 34.00 46.41
N LYS F 21 -1.14 33.20 45.93
CA LYS F 21 0.23 33.70 45.79
C LYS F 21 0.56 34.26 44.40
N ASP F 22 -0.43 34.32 43.53
CA ASP F 22 -0.24 34.85 42.17
C ASP F 22 0.80 34.11 41.34
N VAL F 23 0.86 32.79 41.52
CA VAL F 23 1.81 31.96 40.79
C VAL F 23 1.34 31.83 39.35
N LYS F 24 2.26 32.01 38.39
CA LYS F 24 1.93 31.92 36.96
C LYS F 24 2.39 30.59 36.38
N ILE F 25 1.48 29.90 35.68
CA ILE F 25 1.81 28.64 35.05
C ILE F 25 1.40 28.68 33.60
N VAL F 26 2.29 28.25 32.71
CA VAL F 26 2.04 28.29 31.28
C VAL F 26 1.46 26.97 30.79
N PHE F 27 0.49 27.07 29.88
CA PHE F 27 -0.13 25.90 29.30
C PHE F 27 0.01 26.05 27.78
N PRO F 28 1.08 25.49 27.21
CA PRO F 28 1.33 25.57 25.77
C PRO F 28 0.20 25.08 24.83
N GLU F 29 -0.62 24.16 25.30
CA GLU F 29 -1.69 23.61 24.46
C GLU F 29 -2.98 24.42 24.56
N GLY F 30 -2.89 25.70 24.23
CA GLY F 30 -4.03 26.59 24.33
C GLY F 30 -5.35 26.23 23.65
N LEU F 31 -5.31 25.38 22.64
CA LEU F 31 -6.53 25.01 21.95
C LEU F 31 -7.18 23.72 22.48
N ASP F 32 -6.54 23.11 23.47
CA ASP F 32 -7.04 21.88 24.08
C ASP F 32 -8.08 22.14 25.15
N GLU F 33 -9.26 21.54 25.01
CA GLU F 33 -10.31 21.79 25.98
C GLU F 33 -10.02 21.32 27.39
N ARG F 34 -9.14 20.33 27.54
CA ARG F 34 -8.81 19.88 28.88
C ARG F 34 -8.12 21.05 29.56
N ILE F 35 -7.19 21.69 28.86
CA ILE F 35 -6.47 22.84 29.40
C ILE F 35 -7.38 24.06 29.56
N LEU F 36 -8.19 24.36 28.55
CA LEU F 36 -9.07 25.51 28.65
C LEU F 36 -10.00 25.38 29.86
N GLU F 37 -10.64 24.22 30.01
CA GLU F 37 -11.53 24.02 31.14
C GLU F 37 -10.81 24.21 32.45
N ALA F 38 -9.61 23.65 32.57
CA ALA F 38 -8.83 23.74 33.80
C ALA F 38 -8.35 25.16 34.02
N VAL F 39 -7.93 25.79 32.94
CA VAL F 39 -7.45 27.16 32.99
C VAL F 39 -8.61 28.09 33.35
N SER F 40 -9.71 27.92 32.67
CA SER F 40 -10.90 28.73 32.92
C SER F 40 -11.26 28.67 34.40
N LYS F 41 -11.31 27.46 34.94
CA LYS F 41 -11.68 27.28 36.34
C LYS F 41 -10.58 27.75 37.29
N LEU F 42 -9.32 27.48 36.97
CA LEU F 42 -8.24 27.92 37.84
C LEU F 42 -8.31 29.42 38.01
N ALA F 43 -8.55 30.13 36.91
CA ALA F 43 -8.67 31.59 36.91
C ALA F 43 -9.91 31.98 37.69
N GLY F 44 -11.00 31.27 37.44
CA GLY F 44 -12.24 31.57 38.13
C GLY F 44 -12.17 31.61 39.65
N ASN F 45 -11.53 30.61 40.25
CA ASN F 45 -11.41 30.55 41.71
C ASN F 45 -10.19 31.35 42.18
N LYS F 46 -9.50 31.98 41.25
CA LYS F 46 -8.31 32.78 41.56
C LYS F 46 -7.28 31.98 42.36
N VAL F 47 -7.02 30.74 41.94
CA VAL F 47 -6.05 29.88 42.59
C VAL F 47 -4.64 30.24 42.16
N LEU F 48 -4.45 30.40 40.84
CA LEU F 48 -3.16 30.77 40.27
C LEU F 48 -3.44 31.60 39.02
N ASN F 49 -2.41 32.17 38.40
CA ASN F 49 -2.60 33.00 37.20
C ASN F 49 -2.18 32.23 35.94
N PRO F 50 -3.13 31.62 35.24
CA PRO F 50 -2.77 30.86 34.04
C PRO F 50 -2.44 31.66 32.78
N ILE F 51 -1.40 31.20 32.07
CA ILE F 51 -0.96 31.82 30.83
C ILE F 51 -1.16 30.72 29.79
N VAL F 52 -1.87 31.01 28.70
CA VAL F 52 -2.15 30.02 27.66
C VAL F 52 -1.50 30.45 26.34
N ILE F 53 -0.89 29.51 25.59
CA ILE F 53 -0.27 29.85 24.31
C ILE F 53 -1.03 29.47 23.06
N GLY F 54 -1.06 30.40 22.12
CA GLY F 54 -1.77 30.17 20.86
C GLY F 54 -2.42 31.42 20.29
N ASN F 55 -3.17 31.26 19.21
CA ASN F 55 -3.82 32.41 18.61
C ASN F 55 -5.02 32.89 19.46
N GLU F 56 -4.98 34.17 19.85
CA GLU F 56 -6.02 34.76 20.67
C GLU F 56 -7.46 34.60 20.16
N ASN F 57 -7.71 34.93 18.90
CA ASN F 57 -9.06 34.80 18.37
C ASN F 57 -9.51 33.35 18.41
N GLU F 58 -8.62 32.46 17.97
CA GLU F 58 -8.91 31.04 17.93
C GLU F 58 -9.25 30.47 19.30
N ILE F 59 -8.43 30.79 20.31
CA ILE F 59 -8.66 30.30 21.67
C ILE F 59 -9.95 30.91 22.20
N GLN F 60 -10.12 32.20 21.96
CA GLN F 60 -11.31 32.91 22.40
C GLN F 60 -12.56 32.20 21.86
N ALA F 61 -12.56 31.87 20.59
CA ALA F 61 -13.72 31.20 19.99
C ALA F 61 -13.90 29.79 20.53
N LYS F 62 -12.80 29.07 20.74
CA LYS F 62 -12.85 27.71 21.24
C LYS F 62 -13.45 27.68 22.64
N ALA F 63 -12.98 28.58 23.49
CA ALA F 63 -13.50 28.66 24.86
C ALA F 63 -15.01 28.92 24.82
N LYS F 64 -15.47 29.68 23.84
CA LYS F 64 -16.89 29.98 23.72
C LYS F 64 -17.71 28.75 23.34
N GLU F 65 -17.16 27.89 22.48
CA GLU F 65 -17.94 26.72 22.11
C GLU F 65 -17.94 25.70 23.26
N LEU F 66 -17.10 25.93 24.27
CA LEU F 66 -17.03 25.03 25.43
C LEU F 66 -17.77 25.70 26.60
N ASN F 67 -18.46 26.81 26.28
CA ASN F 67 -19.19 27.56 27.28
C ASN F 67 -18.28 28.06 28.39
N LEU F 68 -17.06 28.48 28.03
CA LEU F 68 -16.09 28.94 29.01
C LEU F 68 -15.81 30.42 28.77
N THR F 69 -15.13 31.03 29.73
CA THR F 69 -14.74 32.43 29.65
C THR F 69 -13.29 32.43 30.09
N LEU F 70 -12.47 33.34 29.56
CA LEU F 70 -11.07 33.31 29.96
C LEU F 70 -10.68 34.40 30.95
N GLY F 71 -11.51 34.56 31.98
CA GLY F 71 -11.32 35.55 33.02
C GLY F 71 -9.92 36.06 33.25
N GLY F 72 -9.27 35.58 34.31
CA GLY F 72 -7.92 36.02 34.59
C GLY F 72 -6.89 35.23 33.80
N VAL F 73 -7.19 34.94 32.53
CA VAL F 73 -6.29 34.16 31.66
C VAL F 73 -5.56 35.01 30.60
N LYS F 74 -4.24 35.01 30.65
CA LYS F 74 -3.46 35.78 29.68
C LYS F 74 -3.10 34.87 28.53
N ILE F 75 -3.17 35.40 27.32
CA ILE F 75 -2.90 34.62 26.13
C ILE F 75 -1.70 35.18 25.38
N TYR F 76 -0.74 34.32 25.07
CA TYR F 76 0.44 34.73 24.31
C TYR F 76 0.47 33.94 22.98
N ASP F 77 0.73 34.64 21.88
CA ASP F 77 0.80 34.02 20.58
C ASP F 77 2.25 34.22 20.12
N PRO F 78 2.97 33.12 19.88
CA PRO F 78 4.37 33.23 19.46
C PRO F 78 4.58 34.12 18.22
N HIS F 79 3.54 34.26 17.41
CA HIS F 79 3.58 35.08 16.20
C HIS F 79 3.13 36.50 16.47
N THR F 80 3.23 36.92 17.71
CA THR F 80 2.78 38.25 18.05
C THR F 80 3.54 38.77 19.24
N TYR F 81 3.98 37.88 20.11
CA TYR F 81 4.70 38.29 21.30
C TYR F 81 5.79 39.29 20.94
N GLU F 82 5.86 40.35 21.73
CA GLU F 82 6.83 41.40 21.51
C GLU F 82 8.24 40.95 21.83
N GLY F 83 8.41 40.46 23.05
CA GLY F 83 9.74 40.05 23.47
C GLY F 83 10.36 38.88 22.73
N MET F 84 9.75 38.45 21.63
CA MET F 84 10.28 37.31 20.86
C MET F 84 11.76 37.45 20.53
N GLU F 85 12.12 38.58 19.93
CA GLU F 85 13.50 38.86 19.55
C GLU F 85 14.45 38.71 20.74
N ASP F 86 14.05 39.25 21.90
CA ASP F 86 14.87 39.11 23.10
C ASP F 86 14.92 37.66 23.53
N LEU F 87 13.81 36.95 23.34
CA LEU F 87 13.74 35.55 23.71
C LEU F 87 14.62 34.77 22.75
N VAL F 88 14.48 35.06 21.46
CA VAL F 88 15.27 34.41 20.45
C VAL F 88 16.73 34.52 20.82
N GLN F 89 17.16 35.73 21.18
CA GLN F 89 18.54 35.96 21.53
C GLN F 89 18.96 35.27 22.80
N ALA F 90 18.04 35.16 23.75
CA ALA F 90 18.34 34.52 25.02
C ALA F 90 18.53 33.03 24.79
N PHE F 91 17.76 32.51 23.84
CA PHE F 91 17.82 31.08 23.50
C PHE F 91 19.18 30.74 22.89
N VAL F 92 19.58 31.48 21.86
CA VAL F 92 20.85 31.18 21.23
C VAL F 92 21.97 31.28 22.25
N GLU F 93 21.84 32.20 23.21
CA GLU F 93 22.86 32.36 24.23
C GLU F 93 22.91 31.15 25.15
N ARG F 94 21.74 30.61 25.44
CA ARG F 94 21.64 29.45 26.30
C ARG F 94 22.12 28.20 25.58
N ARG F 95 21.80 28.12 24.28
CA ARG F 95 22.20 26.98 23.46
C ARG F 95 23.68 26.99 23.09
N LYS F 96 24.45 27.86 23.74
CA LYS F 96 25.89 27.99 23.48
C LYS F 96 26.40 27.71 22.06
N GLY F 97 25.85 28.40 21.07
CA GLY F 97 26.32 28.21 19.72
C GLY F 97 25.75 27.00 18.98
N LYS F 98 24.90 26.22 19.64
CA LYS F 98 24.29 25.05 19.00
C LYS F 98 23.11 25.48 18.13
N ALA F 99 22.71 26.75 18.26
CA ALA F 99 21.59 27.26 17.50
C ALA F 99 21.92 28.58 16.81
N THR F 100 21.59 28.67 15.53
CA THR F 100 21.83 29.89 14.79
C THR F 100 20.67 30.80 15.18
N GLU F 101 20.59 31.95 14.55
CA GLU F 101 19.54 32.88 14.86
C GLU F 101 18.28 32.34 14.18
N GLU F 102 18.42 31.88 12.96
CA GLU F 102 17.26 31.35 12.25
C GLU F 102 16.74 30.08 12.92
N GLN F 103 17.64 29.32 13.52
CA GLN F 103 17.20 28.11 14.18
C GLN F 103 16.39 28.48 15.40
N ALA F 104 16.95 29.37 16.22
CA ALA F 104 16.28 29.81 17.42
C ALA F 104 14.91 30.38 17.09
N ARG F 105 14.87 31.31 16.14
CA ARG F 105 13.61 31.93 15.77
C ARG F 105 12.55 30.85 15.51
N LYS F 106 12.92 29.85 14.71
CA LYS F 106 12.03 28.74 14.34
C LYS F 106 11.65 27.86 15.54
N ALA F 107 12.63 27.60 16.40
CA ALA F 107 12.39 26.76 17.56
C ALA F 107 11.34 27.36 18.47
N LEU F 108 11.45 28.66 18.70
CA LEU F 108 10.53 29.34 19.59
C LEU F 108 9.14 29.57 19.02
N LEU F 109 8.87 29.15 17.78
CA LEU F 109 7.54 29.33 17.23
C LEU F 109 6.70 28.15 17.73
N ASP F 110 7.38 27.27 18.45
CA ASP F 110 6.78 26.06 19.01
C ASP F 110 6.23 26.28 20.42
N GLU F 111 4.94 25.97 20.59
CA GLU F 111 4.26 26.10 21.88
C GLU F 111 5.12 25.75 23.10
N ASN F 112 5.62 24.52 23.15
CA ASN F 112 6.44 24.06 24.26
C ASN F 112 7.71 24.88 24.45
N TYR F 113 8.40 25.17 23.36
CA TYR F 113 9.61 25.97 23.46
C TYR F 113 9.29 27.40 23.92
N PHE F 114 8.34 28.05 23.26
CA PHE F 114 7.92 29.39 23.61
C PHE F 114 7.63 29.49 25.11
N GLY F 115 6.78 28.60 25.60
CA GLY F 115 6.38 28.60 26.99
C GLY F 115 7.54 28.30 27.93
N THR F 116 8.45 27.46 27.46
CA THR F 116 9.58 27.12 28.30
C THR F 116 10.47 28.33 28.45
N MET F 117 10.60 29.11 27.39
CA MET F 117 11.42 30.33 27.43
C MET F 117 10.83 31.33 28.41
N LEU F 118 9.51 31.48 28.38
CA LEU F 118 8.83 32.40 29.28
C LEU F 118 9.15 32.00 30.73
N VAL F 119 9.03 30.71 31.04
CA VAL F 119 9.35 30.23 32.38
C VAL F 119 10.81 30.57 32.69
N TYR F 120 11.68 30.36 31.71
CA TYR F 120 13.11 30.63 31.86
C TYR F 120 13.44 32.10 32.15
N LYS F 121 12.77 33.02 31.46
CA LYS F 121 13.04 34.43 31.67
C LYS F 121 12.18 35.11 32.72
N GLY F 122 11.58 34.31 33.61
CA GLY F 122 10.77 34.87 34.68
C GLY F 122 9.38 35.34 34.34
N LEU F 123 8.99 35.29 33.07
CA LEU F 123 7.66 35.71 32.64
C LEU F 123 6.55 34.72 33.04
N ALA F 124 6.97 33.59 33.61
CA ALA F 124 6.05 32.55 34.08
C ALA F 124 6.86 31.71 35.07
N ASP F 125 6.20 31.11 36.05
CA ASP F 125 6.89 30.34 37.07
C ASP F 125 7.01 28.83 36.85
N GLY F 126 6.17 28.29 35.97
CA GLY F 126 6.24 26.87 35.71
C GLY F 126 5.43 26.51 34.49
N LEU F 127 5.79 25.42 33.83
CA LEU F 127 5.08 25.02 32.64
C LEU F 127 4.34 23.72 32.87
N VAL F 128 3.26 23.52 32.13
CA VAL F 128 2.44 22.31 32.22
C VAL F 128 1.88 21.96 30.83
N SER F 129 2.52 21.00 30.17
CA SER F 129 2.09 20.57 28.84
C SER F 129 1.98 19.05 28.90
N GLY F 130 1.63 18.41 27.78
CA GLY F 130 1.53 16.96 27.78
C GLY F 130 0.22 16.43 27.24
N ALA F 131 -0.85 17.18 27.42
CA ALA F 131 -2.15 16.75 26.96
C ALA F 131 -2.24 16.46 25.46
N ALA F 132 -1.30 16.96 24.67
CA ALA F 132 -1.30 16.72 23.23
C ALA F 132 0.06 16.63 22.58
N HIS F 133 1.06 16.19 23.34
CA HIS F 133 2.44 16.01 22.88
C HIS F 133 3.04 14.79 23.58
N SER F 134 4.08 14.22 22.99
CA SER F 134 4.73 13.07 23.61
C SER F 134 5.40 13.60 24.87
N THR F 135 5.84 12.70 25.76
CA THR F 135 6.48 13.17 26.98
C THR F 135 7.86 13.72 26.68
N ALA F 136 8.40 13.32 25.53
CA ALA F 136 9.72 13.77 25.10
C ALA F 136 9.64 15.23 24.72
N ASP F 137 8.63 15.55 23.92
CA ASP F 137 8.40 16.91 23.45
C ASP F 137 8.23 17.92 24.57
N THR F 138 8.03 17.46 25.80
CA THR F 138 7.87 18.36 26.92
C THR F 138 9.20 18.47 27.65
N VAL F 139 9.76 17.33 28.02
CA VAL F 139 11.03 17.28 28.74
C VAL F 139 12.24 17.76 27.91
N ARG F 140 12.18 17.66 26.58
CA ARG F 140 13.29 18.12 25.76
C ARG F 140 13.67 19.59 26.06
N PRO F 141 12.83 20.57 25.62
CA PRO F 141 13.17 21.96 25.89
C PRO F 141 13.41 22.24 27.35
N ALA F 142 12.69 21.54 28.21
CA ALA F 142 12.86 21.74 29.63
C ALA F 142 14.32 21.49 29.98
N LEU F 143 14.95 20.57 29.27
CA LEU F 143 16.35 20.26 29.54
C LEU F 143 17.34 21.11 28.76
N GLN F 144 16.92 21.62 27.60
CA GLN F 144 17.80 22.45 26.79
C GLN F 144 17.81 23.88 27.34
N ILE F 145 16.63 24.41 27.66
CA ILE F 145 16.48 25.78 28.18
C ILE F 145 16.69 25.83 29.69
N ILE F 146 15.67 25.47 30.45
CA ILE F 146 15.76 25.43 31.90
C ILE F 146 16.67 24.23 32.09
N LYS F 147 17.30 24.10 33.24
CA LYS F 147 18.17 22.94 33.41
C LYS F 147 17.99 22.29 34.77
N THR F 148 18.90 21.40 35.16
CA THR F 148 18.78 20.75 36.46
C THR F 148 19.45 21.59 37.53
N LYS F 149 18.88 21.60 38.73
CA LYS F 149 19.41 22.36 39.85
C LYS F 149 20.87 22.07 40.21
N GLU F 150 21.32 22.77 41.25
CA GLU F 150 22.68 22.68 41.77
C GLU F 150 23.45 21.39 41.48
N GLY F 151 23.23 20.38 42.33
CA GLY F 151 23.93 19.14 42.15
C GLY F 151 23.13 18.01 41.54
N VAL F 152 22.26 18.34 40.59
CA VAL F 152 21.44 17.33 39.92
C VAL F 152 21.87 17.20 38.46
N LYS F 153 21.94 15.98 37.97
CA LYS F 153 22.35 15.76 36.61
C LYS F 153 21.18 15.30 35.76
N LYS F 154 20.15 14.76 36.39
CA LYS F 154 18.99 14.27 35.64
C LYS F 154 17.65 14.45 36.35
N THR F 155 16.57 14.35 35.58
CA THR F 155 15.24 14.50 36.13
C THR F 155 14.74 13.09 36.33
N SER F 156 13.74 12.93 37.19
CA SER F 156 13.16 11.63 37.44
C SER F 156 11.66 11.90 37.52
N GLY F 157 10.85 10.87 37.30
CA GLY F 157 9.42 11.05 37.35
C GLY F 157 8.82 10.30 38.52
N VAL F 158 8.38 11.01 39.55
CA VAL F 158 7.80 10.36 40.72
C VAL F 158 6.29 10.27 40.57
N PHE F 159 5.67 9.42 41.38
CA PHE F 159 4.23 9.24 41.38
C PHE F 159 3.76 9.26 42.83
N ILE F 160 2.63 9.92 43.10
CA ILE F 160 2.12 9.91 44.48
C ILE F 160 1.09 8.81 44.50
N MET F 161 1.27 7.88 45.42
CA MET F 161 0.37 6.75 45.53
C MET F 161 -0.46 6.93 46.79
N ALA F 162 -1.78 6.89 46.64
CA ALA F 162 -2.64 7.07 47.77
C ALA F 162 -3.81 6.12 47.76
N ARG F 163 -4.20 5.70 48.96
CA ARG F 163 -5.32 4.81 49.16
C ARG F 163 -5.75 5.04 50.60
N GLY F 164 -6.77 5.87 50.76
CA GLY F 164 -7.25 6.19 52.08
C GLY F 164 -6.26 7.02 52.86
N GLU F 165 -5.72 6.44 53.91
CA GLU F 165 -4.77 7.15 54.75
C GLU F 165 -3.35 6.94 54.22
N GLU F 166 -3.16 5.87 53.47
CA GLU F 166 -1.85 5.51 52.91
C GLU F 166 -1.33 6.45 51.82
N GLN F 167 -0.11 6.95 52.00
CA GLN F 167 0.50 7.87 51.03
C GLN F 167 1.96 7.50 50.78
N TYR F 168 2.29 7.20 49.52
CA TYR F 168 3.66 6.82 49.17
C TYR F 168 4.17 7.50 47.91
N VAL F 169 5.50 7.57 47.78
CA VAL F 169 6.16 8.17 46.64
C VAL F 169 6.90 7.05 45.91
N PHE F 170 6.81 7.00 44.59
CA PHE F 170 7.50 5.95 43.82
C PHE F 170 8.59 6.59 42.91
N ALA F 171 9.85 6.18 43.10
CA ALA F 171 11.00 6.73 42.36
C ALA F 171 11.17 6.39 40.88
N ASP F 172 11.16 7.45 40.07
CA ASP F 172 11.26 7.40 38.62
C ASP F 172 10.68 6.17 37.97
N CYS F 173 9.41 6.31 37.61
CA CYS F 173 8.65 5.25 36.99
C CYS F 173 8.29 5.72 35.59
N ALA F 174 8.95 6.78 35.12
CA ALA F 174 8.62 7.31 33.80
C ALA F 174 9.73 7.87 32.92
N ILE F 175 10.76 8.46 33.52
CA ILE F 175 11.86 9.07 32.74
C ILE F 175 13.08 8.18 32.40
N ASN F 176 14.02 8.14 33.33
CA ASN F 176 15.28 7.39 33.19
C ASN F 176 15.09 5.87 32.97
N ILE F 177 15.57 5.34 31.84
CA ILE F 177 15.44 3.91 31.58
C ILE F 177 16.32 2.99 32.42
N ALA F 178 17.63 3.06 32.24
CA ALA F 178 18.55 2.18 32.98
C ALA F 178 19.42 2.97 33.94
N PRO F 179 18.83 3.54 34.99
CA PRO F 179 19.63 4.31 35.95
C PRO F 179 20.78 3.50 36.55
N ASP F 180 21.87 4.17 36.92
CA ASP F 180 22.99 3.48 37.51
C ASP F 180 23.14 3.97 38.94
N SER F 181 24.11 3.43 39.66
CA SER F 181 24.34 3.80 41.04
C SER F 181 24.19 5.30 41.32
N GLN F 182 24.90 6.11 40.57
CA GLN F 182 24.84 7.55 40.77
C GLN F 182 23.45 8.10 40.53
N ASP F 183 22.79 7.55 39.52
CA ASP F 183 21.45 8.01 39.19
C ASP F 183 20.48 7.70 40.32
N LEU F 184 20.42 6.42 40.71
CA LEU F 184 19.53 5.99 41.78
C LEU F 184 19.70 6.81 43.07
N ALA F 185 20.93 6.99 43.50
CA ALA F 185 21.20 7.75 44.71
C ALA F 185 20.59 9.15 44.63
N GLU F 186 20.54 9.69 43.41
CA GLU F 186 20.00 11.00 43.18
C GLU F 186 18.47 10.89 43.15
N ILE F 187 17.96 9.89 42.45
CA ILE F 187 16.52 9.67 42.38
C ILE F 187 15.95 9.61 43.76
N ALA F 188 16.72 9.02 44.66
CA ALA F 188 16.29 8.90 46.02
C ALA F 188 16.32 10.23 46.74
N ILE F 189 17.45 10.95 46.67
CA ILE F 189 17.56 12.24 47.33
C ILE F 189 16.47 13.20 46.85
N GLU F 190 16.28 13.26 45.54
CA GLU F 190 15.29 14.16 44.96
C GLU F 190 13.86 13.74 45.30
N SER F 191 13.57 12.45 45.21
CA SER F 191 12.24 11.97 45.51
C SER F 191 11.89 12.31 46.96
N ALA F 192 12.88 12.18 47.85
CA ALA F 192 12.66 12.46 49.26
C ALA F 192 12.29 13.91 49.48
N ASN F 193 12.91 14.79 48.70
CA ASN F 193 12.62 16.21 48.84
C ASN F 193 11.25 16.47 48.27
N THR F 194 10.94 15.81 47.16
CA THR F 194 9.65 15.96 46.51
C THR F 194 8.52 15.59 47.46
N ALA F 195 8.76 14.58 48.27
CA ALA F 195 7.76 14.11 49.22
C ALA F 195 7.46 15.13 50.31
N LYS F 196 8.39 16.06 50.52
CA LYS F 196 8.24 17.08 51.54
C LYS F 196 7.12 18.05 51.16
N MET F 197 6.89 18.17 49.86
CA MET F 197 5.88 19.06 49.32
C MET F 197 4.48 18.55 49.66
N PHE F 198 4.35 17.24 49.79
CA PHE F 198 3.06 16.64 50.12
C PHE F 198 3.01 16.39 51.63
N ASP F 199 3.90 17.06 52.36
CA ASP F 199 3.99 16.95 53.82
C ASP F 199 4.22 15.53 54.33
N ILE F 200 5.01 14.76 53.61
CA ILE F 200 5.32 13.38 53.99
C ILE F 200 6.71 13.38 54.62
N GLU F 201 6.91 12.59 55.66
CA GLU F 201 8.21 12.55 56.29
C GLU F 201 9.04 11.47 55.62
N PRO F 202 10.05 11.87 54.84
CA PRO F 202 10.95 10.96 54.11
C PRO F 202 11.51 9.76 54.85
N ARG F 203 11.32 8.60 54.26
CA ARG F 203 11.82 7.33 54.77
C ARG F 203 11.99 6.52 53.50
N VAL F 204 13.15 6.67 52.86
CA VAL F 204 13.45 6.01 51.59
C VAL F 204 13.94 4.57 51.68
N ALA F 205 13.58 3.77 50.69
CA ALA F 205 13.99 2.37 50.63
C ALA F 205 14.38 2.08 49.19
N MET F 206 15.64 1.71 48.98
CA MET F 206 16.14 1.40 47.64
C MET F 206 15.78 -0.04 47.29
N LEU F 207 14.81 -0.24 46.39
CA LEU F 207 14.37 -1.57 46.04
C LEU F 207 15.26 -2.38 45.11
N SER F 208 15.17 -3.70 45.27
CA SER F 208 15.92 -4.67 44.50
C SER F 208 15.24 -6.04 44.70
N PHE F 209 15.88 -7.11 44.21
CA PHE F 209 15.30 -8.43 44.36
C PHE F 209 15.99 -9.25 45.45
N SER F 210 16.65 -8.56 46.38
CA SER F 210 17.34 -9.22 47.47
C SER F 210 17.49 -8.19 48.57
N THR F 211 17.56 -8.65 49.81
CA THR F 211 17.69 -7.72 50.92
C THR F 211 19.09 -7.80 51.55
N LYS F 212 19.72 -6.63 51.67
CA LYS F 212 21.06 -6.48 52.23
C LYS F 212 21.99 -7.71 52.18
N GLY F 213 22.09 -8.33 51.01
CA GLY F 213 22.98 -9.46 50.88
C GLY F 213 22.41 -10.74 50.33
N SER F 214 21.10 -10.93 50.46
CA SER F 214 20.43 -12.15 49.97
C SER F 214 21.12 -12.74 48.77
N ALA F 215 21.12 -12.01 47.67
CA ALA F 215 21.77 -12.43 46.43
C ALA F 215 22.84 -11.39 46.17
N LYS F 216 23.91 -11.78 45.47
CA LYS F 216 24.96 -10.83 45.16
C LYS F 216 25.30 -10.90 43.69
N SER F 217 24.85 -9.90 42.96
CA SER F 217 25.08 -9.80 41.52
C SER F 217 25.34 -8.32 41.24
N ASP F 218 25.51 -7.97 39.98
CA ASP F 218 25.77 -6.58 39.66
C ASP F 218 24.58 -5.72 40.06
N GLU F 219 23.40 -6.19 39.67
CA GLU F 219 22.17 -5.49 39.95
C GLU F 219 21.96 -5.14 41.41
N THR F 220 22.32 -6.06 42.30
CA THR F 220 22.16 -5.83 43.73
C THR F 220 23.21 -4.86 44.22
N GLU F 221 24.41 -4.95 43.66
CA GLU F 221 25.50 -4.08 44.06
C GLU F 221 25.24 -2.65 43.56
N LYS F 222 24.66 -2.54 42.37
CA LYS F 222 24.32 -1.26 41.77
C LYS F 222 23.56 -0.48 42.81
N VAL F 223 22.51 -1.12 43.33
CA VAL F 223 21.66 -0.53 44.34
C VAL F 223 22.40 -0.36 45.67
N ALA F 224 23.18 -1.37 46.04
CA ALA F 224 23.92 -1.31 47.28
C ALA F 224 24.83 -0.11 47.27
N ASP F 225 25.48 0.10 46.12
CA ASP F 225 26.38 1.23 45.94
C ASP F 225 25.57 2.52 45.98
N ALA F 226 24.40 2.46 45.36
CA ALA F 226 23.52 3.62 45.31
C ALA F 226 23.26 4.13 46.72
N VAL F 227 23.08 3.21 47.64
CA VAL F 227 22.82 3.54 49.04
C VAL F 227 23.99 4.28 49.69
N LYS F 228 25.20 3.80 49.41
CA LYS F 228 26.41 4.39 49.97
C LYS F 228 26.47 5.85 49.52
N ILE F 229 26.41 6.05 48.21
CA ILE F 229 26.47 7.38 47.61
C ILE F 229 25.48 8.30 48.28
N ALA F 230 24.23 7.86 48.31
CA ALA F 230 23.14 8.64 48.90
C ALA F 230 23.39 8.96 50.37
N LYS F 231 23.70 7.94 51.14
CA LYS F 231 23.96 8.11 52.57
C LYS F 231 25.14 9.06 52.83
N GLU F 232 26.13 8.99 51.96
CA GLU F 232 27.31 9.84 52.10
C GLU F 232 26.92 11.26 51.73
N LYS F 233 26.33 11.42 50.55
CA LYS F 233 25.90 12.72 50.04
C LYS F 233 24.84 13.36 50.94
N ALA F 234 23.91 12.56 51.44
CA ALA F 234 22.86 13.07 52.30
C ALA F 234 22.66 12.30 53.61
N PRO F 235 23.54 12.51 54.60
CA PRO F 235 23.54 11.86 55.92
C PRO F 235 22.23 11.81 56.72
N GLU F 236 21.61 12.97 56.95
CA GLU F 236 20.36 13.06 57.71
C GLU F 236 19.13 12.33 57.17
N LEU F 237 19.07 12.13 55.87
CA LEU F 237 17.92 11.48 55.23
C LEU F 237 17.83 10.00 55.57
N THR F 238 16.74 9.62 56.21
CA THR F 238 16.51 8.24 56.62
C THR F 238 16.27 7.30 55.44
N LEU F 239 17.32 6.59 55.02
CA LEU F 239 17.19 5.64 53.93
C LEU F 239 18.25 4.56 54.00
N ASP F 240 17.82 3.30 54.00
CA ASP F 240 18.78 2.22 54.03
C ASP F 240 18.50 1.53 52.72
N GLY F 241 19.37 0.63 52.27
CA GLY F 241 19.07 0.06 50.98
C GLY F 241 19.38 -1.36 50.58
N GLU F 242 18.73 -1.71 49.46
CA GLU F 242 18.80 -3.00 48.83
C GLU F 242 17.83 -3.90 49.58
N PHE F 243 16.56 -3.51 49.53
CA PHE F 243 15.49 -4.23 50.19
C PHE F 243 14.64 -4.87 49.10
N GLN F 244 13.77 -5.81 49.51
CA GLN F 244 12.82 -6.42 48.58
C GLN F 244 11.57 -5.68 49.05
N PHE F 245 10.50 -5.68 48.27
CA PHE F 245 9.34 -4.93 48.74
C PHE F 245 8.96 -5.31 50.18
N ASP F 246 9.04 -6.61 50.50
CA ASP F 246 8.71 -7.10 51.84
C ASP F 246 9.31 -6.22 52.92
N ALA F 247 10.61 -6.41 53.10
CA ALA F 247 11.41 -5.70 54.10
C ALA F 247 11.11 -4.20 54.17
N ALA F 248 10.78 -3.61 53.03
CA ALA F 248 10.50 -2.17 52.96
C ALA F 248 9.09 -1.82 53.41
N PHE F 249 8.16 -2.73 53.15
CA PHE F 249 6.76 -2.48 53.48
C PHE F 249 6.22 -3.10 54.79
N VAL F 250 6.59 -4.35 55.09
CA VAL F 250 6.10 -5.01 56.31
C VAL F 250 7.17 -5.24 57.39
N PRO F 251 7.01 -4.59 58.56
CA PRO F 251 7.91 -4.67 59.73
C PRO F 251 8.29 -6.06 60.19
N SER F 252 7.38 -7.02 60.01
CA SER F 252 7.64 -8.40 60.40
C SER F 252 8.87 -8.86 59.65
N VAL F 253 8.86 -8.59 58.35
CA VAL F 253 9.95 -8.99 57.48
C VAL F 253 11.19 -8.14 57.69
N ALA F 254 11.01 -6.93 58.19
CA ALA F 254 12.14 -6.03 58.41
C ALA F 254 13.11 -6.57 59.45
N GLU F 255 12.62 -6.84 60.65
CA GLU F 255 13.49 -7.36 61.71
C GLU F 255 14.04 -8.75 61.38
N LYS F 256 13.39 -9.47 60.46
CA LYS F 256 13.87 -10.80 60.09
C LYS F 256 14.96 -10.67 59.04
N LYS F 257 14.56 -10.28 57.83
CA LYS F 257 15.49 -10.12 56.73
C LYS F 257 16.66 -9.17 57.01
N ALA F 258 16.44 -8.14 57.83
CA ALA F 258 17.51 -7.20 58.12
C ALA F 258 17.26 -6.16 59.22
N PRO F 259 17.51 -6.53 60.48
CA PRO F 259 17.30 -5.60 61.60
C PRO F 259 18.49 -4.63 61.66
N ASP F 260 18.50 -3.76 62.67
CA ASP F 260 19.58 -2.78 62.82
C ASP F 260 19.49 -1.70 61.76
N SER F 261 18.65 -1.92 60.75
CA SER F 261 18.48 -0.95 59.69
C SER F 261 17.56 0.20 60.04
N GLU F 262 17.86 1.39 59.53
CA GLU F 262 17.01 2.55 59.78
C GLU F 262 15.56 2.20 59.44
N ILE F 263 15.36 1.69 58.24
CA ILE F 263 14.02 1.31 57.76
C ILE F 263 13.50 0.10 58.54
N LYS F 264 12.34 0.24 59.19
CA LYS F 264 11.77 -0.87 59.93
C LYS F 264 10.45 -1.26 59.27
N GLY F 265 10.54 -1.68 58.01
CA GLY F 265 9.35 -2.07 57.28
C GLY F 265 8.36 -0.94 57.15
N ASP F 266 8.85 0.25 57.39
CA ASP F 266 8.03 1.45 57.33
C ASP F 266 8.51 2.46 56.26
N ALA F 267 8.62 2.03 55.01
CA ALA F 267 9.09 2.93 53.96
C ALA F 267 7.93 3.71 53.35
N ASN F 268 8.14 4.98 53.01
CA ASN F 268 7.10 5.81 52.41
C ASN F 268 7.62 6.53 51.16
N VAL F 269 8.73 6.00 50.64
CA VAL F 269 9.38 6.51 49.45
C VAL F 269 10.14 5.30 48.91
N PHE F 270 9.66 4.74 47.81
CA PHE F 270 10.27 3.54 47.24
C PHE F 270 10.99 3.74 45.91
N VAL F 271 12.32 3.81 45.98
CA VAL F 271 13.14 4.01 44.78
C VAL F 271 13.34 2.72 43.99
N PHE F 272 12.81 2.67 42.78
CA PHE F 272 12.95 1.48 41.95
C PHE F 272 14.33 1.42 41.28
N PRO F 273 14.88 0.22 41.09
CA PRO F 273 16.20 0.02 40.49
C PRO F 273 16.27 0.25 38.97
N SER F 274 15.13 0.25 38.28
CA SER F 274 15.12 0.48 36.84
C SER F 274 13.74 0.94 36.39
N LEU F 275 13.65 1.44 35.16
CA LEU F 275 12.36 1.91 34.65
C LEU F 275 11.38 0.77 34.44
N GLU F 276 11.90 -0.43 34.13
CA GLU F 276 11.04 -1.57 33.94
C GLU F 276 10.36 -1.89 35.27
N ALA F 277 11.12 -1.80 36.36
CA ALA F 277 10.57 -2.08 37.68
C ALA F 277 9.64 -0.94 38.11
N GLY F 278 10.14 0.28 38.02
CA GLY F 278 9.34 1.43 38.39
C GLY F 278 8.02 1.61 37.68
N ASN F 279 7.98 1.39 36.36
CA ASN F 279 6.75 1.56 35.62
C ASN F 279 5.75 0.47 35.96
N ILE F 280 6.12 -0.80 35.75
CA ILE F 280 5.24 -1.91 36.08
C ILE F 280 4.84 -1.84 37.54
N GLY F 281 5.73 -1.31 38.37
CA GLY F 281 5.46 -1.20 39.78
C GLY F 281 4.22 -0.37 40.14
N TYR F 282 4.29 0.93 39.89
CA TYR F 282 3.17 1.81 40.20
C TYR F 282 1.88 1.33 39.56
N LYS F 283 1.99 0.79 38.35
CA LYS F 283 0.82 0.30 37.64
C LYS F 283 0.16 -0.90 38.30
N ILE F 284 0.97 -1.83 38.80
CA ILE F 284 0.43 -2.98 39.49
C ILE F 284 -0.23 -2.42 40.75
N ALA F 285 0.52 -1.52 41.40
CA ALA F 285 0.05 -0.88 42.63
C ALA F 285 -1.30 -0.19 42.43
N GLN F 286 -1.52 0.33 41.24
CA GLN F 286 -2.74 1.04 40.92
C GLN F 286 -3.88 0.09 40.57
N ARG F 287 -3.73 -0.61 39.46
CA ARG F 287 -4.75 -1.55 39.01
C ARG F 287 -5.02 -2.73 39.93
N LEU F 288 -4.01 -3.24 40.61
CA LEU F 288 -4.26 -4.36 41.50
C LEU F 288 -4.48 -3.86 42.93
N GLY F 289 -3.61 -2.96 43.38
CA GLY F 289 -3.72 -2.45 44.74
C GLY F 289 -4.78 -1.38 44.91
N ASN F 290 -5.50 -1.07 43.84
CA ASN F 290 -6.56 -0.07 43.91
C ASN F 290 -6.07 1.18 44.64
N PHE F 291 -4.90 1.64 44.25
CA PHE F 291 -4.33 2.84 44.83
C PHE F 291 -4.57 3.93 43.79
N GLU F 292 -4.74 5.17 44.25
CA GLU F 292 -4.94 6.29 43.35
C GLU F 292 -3.54 6.72 42.92
N ALA F 293 -3.31 6.82 41.61
CA ALA F 293 -2.00 7.18 41.11
C ALA F 293 -1.94 8.53 40.37
N VAL F 294 -1.18 9.47 40.94
CA VAL F 294 -0.91 10.82 40.44
C VAL F 294 0.19 10.65 39.38
N GLY F 295 -0.11 11.11 38.14
CA GLY F 295 0.75 11.06 36.96
C GLY F 295 2.24 11.46 37.09
N PRO F 296 3.08 11.23 36.09
CA PRO F 296 4.47 11.63 36.31
C PRO F 296 4.70 13.06 36.76
N ILE F 297 5.51 13.19 37.81
CA ILE F 297 5.86 14.50 38.33
C ILE F 297 7.37 14.62 38.24
N LEU F 298 7.82 15.55 37.40
CA LEU F 298 9.26 15.73 37.21
C LEU F 298 9.85 16.36 38.46
N GLN F 299 11.18 16.34 38.57
CA GLN F 299 11.81 16.89 39.75
C GLN F 299 13.28 17.20 39.50
N GLY F 300 13.84 18.12 40.29
CA GLY F 300 15.23 18.45 40.13
C GLY F 300 15.58 19.57 39.16
N LEU F 301 14.58 20.13 38.50
CA LEU F 301 14.79 21.20 37.55
C LEU F 301 14.86 22.58 38.23
N ASN F 302 15.41 23.58 37.53
CA ASN F 302 15.52 24.92 38.08
C ASN F 302 14.13 25.55 38.21
N MET F 303 13.24 25.22 37.28
CA MET F 303 11.87 25.73 37.30
C MET F 303 10.91 24.60 36.94
N PRO F 304 9.80 24.51 37.68
CA PRO F 304 8.76 23.50 37.51
C PRO F 304 8.27 23.29 36.09
N VAL F 305 8.27 22.03 35.69
CA VAL F 305 7.81 21.62 34.38
C VAL F 305 7.18 20.26 34.60
N ASN F 306 6.02 20.02 34.01
CA ASN F 306 5.36 18.73 34.20
C ASN F 306 4.59 18.23 33.01
N ASP F 307 4.62 16.92 32.83
CA ASP F 307 3.98 16.29 31.68
C ASP F 307 2.65 15.62 31.99
N LEU F 308 1.58 16.10 31.38
CA LEU F 308 0.25 15.52 31.56
C LEU F 308 0.22 14.33 30.61
N SER F 309 -0.67 13.39 30.86
CA SER F 309 -0.75 12.26 29.96
C SER F 309 -1.63 12.68 28.79
N ARG F 310 -1.34 12.17 27.60
CA ARG F 310 -2.17 12.48 26.45
C ARG F 310 -3.49 11.88 26.92
N GLY F 311 -4.60 12.15 26.24
CA GLY F 311 -5.87 11.59 26.69
C GLY F 311 -5.99 11.65 28.22
N CYS F 312 -5.72 12.81 28.81
CA CYS F 312 -5.81 12.95 30.26
C CYS F 312 -7.20 13.44 30.65
N ASN F 313 -7.28 14.02 31.85
CA ASN F 313 -8.55 14.49 32.38
C ASN F 313 -8.49 15.99 32.66
N ALA F 314 -9.61 16.67 32.52
CA ALA F 314 -9.65 18.11 32.77
C ALA F 314 -9.22 18.44 34.20
N GLU F 315 -9.62 17.61 35.16
CA GLU F 315 -9.25 17.82 36.55
C GLU F 315 -7.79 17.46 36.73
N ASP F 316 -7.30 16.54 35.90
CA ASP F 316 -5.91 16.13 35.96
C ASP F 316 -5.04 17.36 35.68
N VAL F 317 -5.43 18.09 34.65
CA VAL F 317 -4.71 19.29 34.27
C VAL F 317 -4.74 20.25 35.46
N TYR F 318 -5.90 20.37 36.08
CA TYR F 318 -6.09 21.25 37.24
C TYR F 318 -5.09 20.91 38.34
N ASN F 319 -5.09 19.64 38.73
CA ASN F 319 -4.21 19.18 39.78
C ASN F 319 -2.74 19.30 39.45
N LEU F 320 -2.35 18.95 38.23
CA LEU F 320 -0.94 19.03 37.88
C LEU F 320 -0.48 20.48 38.07
N ALA F 321 -1.36 21.40 37.69
CA ALA F 321 -1.07 22.82 37.84
C ALA F 321 -0.86 23.15 39.32
N LEU F 322 -1.68 22.55 40.18
CA LEU F 322 -1.57 22.78 41.61
C LEU F 322 -0.21 22.31 42.10
N ILE F 323 0.19 21.13 41.65
CA ILE F 323 1.48 20.55 42.00
C ILE F 323 2.62 21.41 41.44
N THR F 324 2.53 21.70 40.15
CA THR F 324 3.53 22.50 39.47
C THR F 324 3.73 23.86 40.14
N ALA F 325 2.63 24.47 40.56
CA ALA F 325 2.69 25.77 41.24
C ALA F 325 3.41 25.62 42.57
N ALA F 326 3.13 24.52 43.26
CA ALA F 326 3.74 24.22 44.54
C ALA F 326 5.25 24.12 44.39
N GLN F 327 5.70 23.36 43.38
CA GLN F 327 7.12 23.18 43.11
C GLN F 327 7.82 24.54 42.94
N ALA F 328 7.09 25.51 42.38
CA ALA F 328 7.59 26.86 42.15
C ALA F 328 7.76 27.62 43.46
N LEU F 329 6.71 27.63 44.26
CA LEU F 329 6.74 28.32 45.54
C LEU F 329 8.00 27.96 46.32
S SO4 G . -20.70 -37.16 0.00
O1 SO4 G . -21.44 -35.71 0.52
O2 SO4 G . -19.58 -37.48 0.94
O3 SO4 G . -21.64 -38.20 0.03
O4 SO4 G . -20.15 -36.79 -1.31
S SO4 H . -31.31 -29.46 -6.98
O1 SO4 H . -30.31 -28.29 -7.54
O2 SO4 H . -32.21 -28.86 -5.90
O3 SO4 H . -32.12 -29.92 -8.03
O4 SO4 H . -30.29 -30.38 -6.42
S SO4 I . -37.98 -34.26 -17.11
O1 SO4 I . -39.37 -34.42 -16.12
O2 SO4 I . -36.91 -33.61 -16.22
O3 SO4 I . -37.58 -35.54 -17.58
O4 SO4 I . -38.39 -33.29 -18.16
S SO4 J . -17.35 -20.27 -22.24
O1 SO4 J . -18.63 -21.10 -22.92
O2 SO4 J . -16.04 -20.84 -22.77
O3 SO4 J . -17.46 -18.95 -22.65
O4 SO4 J . -17.53 -20.51 -20.79
S SO4 K . -13.34 -16.21 -19.22
O1 SO4 K . -13.00 -15.50 -17.71
O2 SO4 K . -12.40 -15.67 -20.35
O3 SO4 K . -13.14 -17.59 -19.07
O4 SO4 K . -14.69 -15.72 -19.44
S SO4 L . -4.26 4.50 -3.41
O1 SO4 L . -5.60 4.40 -4.45
O2 SO4 L . -3.04 4.03 -4.17
O3 SO4 L . -4.10 5.80 -3.04
O4 SO4 L . -4.60 3.54 -2.32
S SO4 M . -23.80 25.55 -7.98
O1 SO4 M . -24.72 24.23 -7.48
O2 SO4 M . -24.15 25.76 -9.47
O3 SO4 M . -24.19 26.63 -7.18
O4 SO4 M . -22.36 25.18 -7.85
S SO4 N . -23.17 18.17 4.88
O1 SO4 N . -22.18 16.94 4.35
O2 SO4 N . -24.57 17.61 5.01
O3 SO4 N . -22.69 18.62 6.13
O4 SO4 N . -23.12 19.15 3.70
S SO4 O . -3.06 8.60 0.97
O1 SO4 O . -3.14 9.39 2.49
O2 SO4 O . -1.96 9.17 0.15
O3 SO4 O . -2.80 7.28 1.21
O4 SO4 O . -4.43 8.89 0.38
S SO4 P . 49.17 7.03 -11.05
O1 SO4 P . 49.41 6.20 -12.52
O2 SO4 P . 49.14 6.01 -9.96
O3 SO4 P . 50.21 7.93 -10.91
O4 SO4 P . 47.79 7.59 -11.12
S SO4 Q . 47.95 12.72 -24.82
O1 SO4 Q . 46.49 12.05 -25.18
O2 SO4 Q . 49.00 11.98 -25.63
O3 SO4 Q . 47.92 14.07 -25.17
O4 SO4 Q . 48.04 12.37 -23.37
S SO4 R . 46.94 24.74 -27.65
O1 SO4 R . 48.38 24.42 -28.50
O2 SO4 R . 46.41 23.36 -27.17
O3 SO4 R . 47.25 25.61 -26.54
O4 SO4 R . 45.97 25.28 -28.63
S SO4 S . 25.42 12.66 -24.65
O1 SO4 S . 25.85 14.24 -25.18
O2 SO4 S . 24.56 12.78 -23.41
O3 SO4 S . 24.67 12.06 -25.66
O4 SO4 S . 26.73 12.03 -24.38
S SO4 T . 23.19 7.72 -24.42
O1 SO4 T . 24.08 6.28 -24.57
O2 SO4 T . 21.79 7.35 -23.96
O3 SO4 T . 23.79 8.55 -23.46
O4 SO4 T . 23.17 8.24 -25.81
S SO4 U . 19.56 -18.70 -31.74
O1 SO4 U . 19.90 -17.31 -32.58
O2 SO4 U . 18.47 -18.30 -30.78
O3 SO4 U . 19.09 -19.66 -32.66
O4 SO4 U . 20.82 -19.08 -31.04
S SO4 V . 19.89 -18.50 -60.47
O1 SO4 V . 21.36 -17.76 -59.95
O2 SO4 V . 19.01 -17.35 -61.04
O3 SO4 V . 20.27 -19.43 -61.46
O4 SO4 V . 19.25 -19.08 -59.30
S SO4 W . 31.17 -24.19 -52.24
O1 SO4 W . 30.66 -23.59 -50.75
O2 SO4 W . 32.41 -23.42 -52.71
O3 SO4 W . 31.50 -25.57 -52.12
O4 SO4 W . 29.96 -23.79 -53.05
S SO4 X . 19.02 -24.22 -32.88
O1 SO4 X . 19.67 -25.77 -33.28
O2 SO4 X . 17.56 -24.37 -32.70
O3 SO4 X . 19.55 -23.82 -31.69
O4 SO4 X . 19.31 -23.32 -34.06
S SO4 Y . -50.42 7.92 37.35
O1 SO4 Y . -50.63 7.23 38.90
O2 SO4 Y . -50.47 6.87 36.24
O3 SO4 Y . -51.48 8.84 37.15
O4 SO4 Y . -49.03 8.45 37.42
S SO4 Z . -50.02 14.28 51.22
O1 SO4 Z . -48.48 13.73 51.60
O2 SO4 Z . -51.08 13.55 52.03
O3 SO4 Z . -50.10 15.68 51.50
O4 SO4 Z . -50.09 13.81 49.83
S SO4 AA . -49.97 26.72 52.69
O1 SO4 AA . -51.53 26.78 53.39
O2 SO4 AA . -49.80 25.21 52.46
O3 SO4 AA . -49.96 27.45 51.46
O4 SO4 AA . -49.00 27.18 53.74
S SO4 BA . -27.28 15.20 51.75
O1 SO4 BA . -28.05 16.66 52.09
O2 SO4 BA . -26.46 15.31 50.54
O3 SO4 BA . -26.45 14.87 52.84
O4 SO4 BA . -28.42 14.29 51.43
S SO4 CA . 22.13 27.33 35.33
O1 SO4 CA . 23.07 25.98 34.89
O2 SO4 CA . 22.49 27.57 36.80
O3 SO4 CA . 22.53 28.38 34.48
O4 SO4 CA . 20.71 26.95 35.18
S SO4 DA . 21.81 18.73 23.10
O1 SO4 DA . 20.80 17.56 23.70
O2 SO4 DA . 23.20 18.15 22.94
O3 SO4 DA . 21.31 19.18 21.86
O4 SO4 DA . 21.80 19.70 24.24
#